data_1D00
#
_entry.id   1D00
#
_cell.length_a   111.4
_cell.length_b   111.4
_cell.length_c   111.4
_cell.angle_alpha   103.7
_cell.angle_beta   103.7
_cell.angle_gamma   103.7
#
_symmetry.space_group_name_H-M   'R 3'
#
loop_
_entity.id
_entity.type
_entity.pdbx_description
1 polymer 'TUMOR NECROSIS FACTOR RECEPTOR ASSOCIATED PROTEIN 2'
2 polymer 'B-CELL SURFACE ANTIGEN CD40'
3 water water
#
loop_
_entity_poly.entity_id
_entity_poly.type
_entity_poly.pdbx_seq_one_letter_code
_entity_poly.pdbx_strand_id
1 'polypeptide(L)'
;AMADLEQKVLEMEASTYDGVFIWKISDFARKRQEAVAGRIPAIFSPAFYTSRYGYKMCLRIYLNGDGTGRGTHLSLFFVV
MKGPNDALLRWPFNQKVTLMLLDQNNREHVIDAFRPDVTSSSFQRPVNDMNIASGCPLFCPVSKMEAKNSYVRDDAIFIK
AIVDLTGL
;
A,B,C,D,E,F,G,H
2 'polypeptide(L)' (ACE)PVQET(NH2) I,J,K,L,M,N,O,P
#
loop_
_chem_comp.id
_chem_comp.type
_chem_comp.name
_chem_comp.formula
ACE non-polymer 'ACETYL GROUP' 'C2 H4 O'
NH2 non-polymer 'AMINO GROUP' 'H2 N'
#
# COMPACT_ATOMS: atom_id res chain seq x y z
N ALA A 1 16.44 -27.92 30.04
CA ALA A 1 16.93 -27.12 31.19
C ALA A 1 17.63 -25.84 30.73
N MET A 2 16.96 -25.08 29.87
CA MET A 2 17.56 -23.84 29.37
C MET A 2 16.60 -22.67 29.54
N ALA A 3 15.52 -22.67 28.75
CA ALA A 3 14.54 -21.60 28.84
C ALA A 3 13.69 -21.85 30.07
N ASP A 4 13.50 -23.12 30.39
CA ASP A 4 12.71 -23.53 31.54
C ASP A 4 13.21 -22.87 32.82
N LEU A 5 14.53 -22.80 32.97
CA LEU A 5 15.10 -22.21 34.17
C LEU A 5 14.89 -20.71 34.24
N GLU A 6 14.91 -20.05 33.09
CA GLU A 6 14.70 -18.61 33.05
C GLU A 6 13.29 -18.30 33.52
N GLN A 7 12.32 -18.95 32.90
CA GLN A 7 10.92 -18.77 33.25
C GLN A 7 10.73 -18.87 34.75
N LYS A 8 11.42 -19.82 35.38
CA LYS A 8 11.33 -20.02 36.82
C LYS A 8 11.91 -18.84 37.60
N VAL A 9 13.02 -18.30 37.12
CA VAL A 9 13.68 -17.17 37.75
C VAL A 9 12.88 -15.87 37.58
N LEU A 10 12.24 -15.72 36.43
CA LEU A 10 11.45 -14.53 36.22
C LEU A 10 10.24 -14.56 37.15
N GLU A 11 9.58 -15.71 37.27
CA GLU A 11 8.44 -15.86 38.16
C GLU A 11 8.87 -15.65 39.63
N MET A 12 10.07 -16.12 39.97
CA MET A 12 10.60 -15.97 41.33
C MET A 12 10.83 -14.50 41.62
N GLU A 13 11.41 -13.83 40.63
CA GLU A 13 11.73 -12.41 40.69
C GLU A 13 10.47 -11.58 40.93
N ALA A 14 9.35 -12.09 40.44
CA ALA A 14 8.09 -11.39 40.57
C ALA A 14 7.25 -11.81 41.78
N SER A 15 7.72 -12.77 42.58
CA SER A 15 6.93 -13.24 43.71
C SER A 15 6.91 -12.33 44.95
N THR A 16 5.75 -12.26 45.61
CA THR A 16 5.60 -11.45 46.81
C THR A 16 4.93 -12.35 47.85
N TYR A 17 5.19 -12.10 49.13
CA TYR A 17 4.59 -12.94 50.15
C TYR A 17 3.78 -12.23 51.24
N ASP A 18 3.07 -11.17 50.87
CA ASP A 18 2.26 -10.45 51.84
C ASP A 18 0.87 -10.10 51.31
N GLY A 19 0.47 -10.78 50.24
CA GLY A 19 -0.84 -10.55 49.67
C GLY A 19 -0.98 -9.32 48.82
N VAL A 20 0.10 -8.57 48.64
CA VAL A 20 0.06 -7.37 47.80
C VAL A 20 0.89 -7.65 46.56
N PHE A 21 0.30 -7.37 45.40
CA PHE A 21 0.95 -7.64 44.14
C PHE A 21 0.70 -6.53 43.10
N ILE A 22 1.76 -6.08 42.44
CA ILE A 22 1.66 -5.06 41.40
C ILE A 22 2.20 -5.67 40.11
N TRP A 23 1.31 -5.81 39.13
CA TRP A 23 1.62 -6.43 37.85
C TRP A 23 1.79 -5.41 36.72
N LYS A 24 3.01 -5.28 36.21
CA LYS A 24 3.29 -4.34 35.13
C LYS A 24 3.22 -5.01 33.76
N ILE A 25 2.24 -4.63 32.97
CA ILE A 25 2.06 -5.20 31.65
C ILE A 25 2.65 -4.25 30.61
N SER A 26 3.75 -4.68 29.99
CA SER A 26 4.42 -3.91 28.96
C SER A 26 4.01 -4.40 27.58
N ASP A 27 4.42 -3.67 26.55
CA ASP A 27 4.08 -4.03 25.17
C ASP A 27 2.56 -4.06 25.06
N PHE A 28 1.93 -3.19 25.85
CA PHE A 28 0.47 -3.08 25.92
C PHE A 28 -0.27 -3.01 24.58
N ALA A 29 0.14 -2.09 23.70
CA ALA A 29 -0.52 -1.93 22.41
C ALA A 29 -0.64 -3.24 21.66
N ARG A 30 0.46 -3.98 21.63
CA ARG A 30 0.51 -5.26 20.94
C ARG A 30 -0.37 -6.34 21.58
N LYS A 31 -0.27 -6.49 22.90
CA LYS A 31 -1.05 -7.50 23.58
C LYS A 31 -2.52 -7.14 23.45
N ARG A 32 -2.81 -5.85 23.51
CA ARG A 32 -4.18 -5.36 23.41
C ARG A 32 -4.70 -5.80 22.03
N GLN A 33 -3.86 -5.61 21.03
CA GLN A 33 -4.21 -5.97 19.66
C GLN A 33 -4.40 -7.47 19.47
N GLU A 34 -3.53 -8.27 20.08
CA GLU A 34 -3.66 -9.72 19.94
C GLU A 34 -4.93 -10.23 20.60
N ALA A 35 -5.44 -9.49 21.58
CA ALA A 35 -6.68 -9.87 22.28
C ALA A 35 -7.84 -9.53 21.36
N VAL A 36 -7.85 -8.30 20.87
CA VAL A 36 -8.85 -7.81 19.94
C VAL A 36 -8.94 -8.74 18.73
N ALA A 37 -7.79 -9.27 18.32
CA ALA A 37 -7.74 -10.16 17.16
C ALA A 37 -8.03 -11.61 17.53
N GLY A 38 -8.22 -11.87 18.81
CA GLY A 38 -8.53 -13.22 19.25
C GLY A 38 -7.42 -14.25 19.27
N ARG A 39 -6.19 -13.84 18.97
CA ARG A 39 -5.07 -14.78 18.97
C ARG A 39 -4.63 -15.07 20.41
N ILE A 40 -4.75 -14.07 21.29
CA ILE A 40 -4.38 -14.23 22.69
C ILE A 40 -5.35 -13.41 23.53
N PRO A 41 -6.56 -13.93 23.80
CA PRO A 41 -7.58 -13.24 24.58
C PRO A 41 -7.25 -12.94 26.04
N ALA A 42 -6.52 -13.84 26.71
CA ALA A 42 -6.18 -13.65 28.11
C ALA A 42 -4.72 -13.89 28.40
N ILE A 43 -4.25 -13.36 29.53
CA ILE A 43 -2.86 -13.49 29.95
C ILE A 43 -2.81 -13.68 31.47
N PHE A 44 -1.98 -14.61 31.92
CA PHE A 44 -1.82 -14.84 33.36
C PHE A 44 -0.65 -14.01 33.85
N SER A 45 -0.71 -13.60 35.12
CA SER A 45 0.38 -12.84 35.72
C SER A 45 1.18 -13.87 36.50
N PRO A 46 2.36 -13.48 37.01
CA PRO A 46 3.21 -14.39 37.79
C PRO A 46 2.46 -14.63 39.12
N ALA A 47 2.91 -15.58 39.90
CA ALA A 47 2.28 -15.91 41.18
C ALA A 47 2.75 -15.08 42.37
N PHE A 48 1.89 -14.97 43.39
CA PHE A 48 2.20 -14.26 44.64
C PHE A 48 1.45 -14.99 45.76
N TYR A 49 1.83 -14.71 47.02
CA TYR A 49 1.24 -15.44 48.15
C TYR A 49 0.76 -14.53 49.29
N THR A 50 -0.11 -15.07 50.16
CA THR A 50 -0.64 -14.33 51.31
C THR A 50 0.37 -14.26 52.45
N SER A 51 1.30 -15.21 52.48
CA SER A 51 2.36 -15.27 53.49
C SER A 51 3.45 -16.18 52.93
N ARG A 52 4.56 -16.33 53.65
CA ARG A 52 5.66 -17.14 53.16
C ARG A 52 5.23 -18.56 52.79
N TYR A 53 4.31 -19.12 53.56
CA TYR A 53 3.83 -20.46 53.28
C TYR A 53 2.29 -20.41 53.17
N GLY A 54 1.79 -19.31 52.62
CA GLY A 54 0.36 -19.12 52.47
C GLY A 54 -0.24 -19.60 51.16
N TYR A 55 -1.37 -19.00 50.79
CA TYR A 55 -2.07 -19.35 49.56
C TYR A 55 -1.29 -18.84 48.34
N LYS A 56 -1.26 -19.66 47.28
CA LYS A 56 -0.59 -19.27 46.03
C LYS A 56 -1.67 -18.75 45.07
N MET A 57 -1.45 -17.55 44.53
CA MET A 57 -2.45 -16.91 43.66
C MET A 57 -1.83 -16.16 42.47
N CYS A 58 -2.65 -15.89 41.46
CA CYS A 58 -2.19 -15.11 40.32
C CYS A 58 -3.42 -14.42 39.75
N LEU A 59 -3.21 -13.60 38.72
CA LEU A 59 -4.35 -12.90 38.12
C LEU A 59 -4.44 -13.28 36.65
N ARG A 60 -5.60 -13.02 36.05
CA ARG A 60 -5.77 -13.28 34.62
C ARG A 60 -6.53 -12.07 34.08
N ILE A 61 -6.04 -11.50 32.99
CA ILE A 61 -6.69 -10.35 32.39
C ILE A 61 -7.02 -10.59 30.92
N TYR A 62 -8.16 -10.08 30.48
CA TYR A 62 -8.56 -10.19 29.08
C TYR A 62 -8.55 -8.72 28.62
N LEU A 63 -7.56 -8.37 27.80
CA LEU A 63 -7.46 -6.99 27.35
C LEU A 63 -8.60 -6.51 26.47
N ASN A 64 -9.38 -7.43 25.92
CA ASN A 64 -10.51 -7.01 25.11
C ASN A 64 -11.83 -7.59 25.64
N GLY A 65 -11.84 -7.98 26.92
CA GLY A 65 -13.06 -8.48 27.54
C GLY A 65 -13.44 -9.94 27.54
N ASP A 66 -14.18 -10.33 28.56
CA ASP A 66 -14.68 -11.70 28.72
C ASP A 66 -16.15 -11.62 29.10
N GLY A 67 -16.93 -12.57 28.60
CA GLY A 67 -18.35 -12.61 28.91
C GLY A 67 -19.10 -11.31 28.66
N THR A 68 -19.74 -10.79 29.71
CA THR A 68 -20.51 -9.55 29.59
C THR A 68 -19.65 -8.35 29.20
N GLY A 69 -18.34 -8.44 29.41
CA GLY A 69 -17.46 -7.34 29.05
C GLY A 69 -16.73 -7.48 27.71
N ARG A 70 -16.97 -8.56 26.97
CA ARG A 70 -16.32 -8.78 25.68
C ARG A 70 -16.44 -7.63 24.70
N GLY A 71 -15.31 -7.13 24.25
CA GLY A 71 -15.30 -6.04 23.30
C GLY A 71 -15.59 -4.65 23.84
N THR A 72 -15.99 -4.53 25.11
CA THR A 72 -16.30 -3.22 25.67
C THR A 72 -15.45 -2.88 26.90
N HIS A 73 -15.05 -3.92 27.63
CA HIS A 73 -14.25 -3.73 28.82
C HIS A 73 -13.02 -4.61 28.88
N LEU A 74 -12.17 -4.26 29.83
CA LEU A 74 -10.96 -4.99 30.15
C LEU A 74 -11.52 -5.81 31.31
N SER A 75 -11.35 -7.14 31.26
CA SER A 75 -11.85 -8.00 32.32
C SER A 75 -10.69 -8.49 33.17
N LEU A 76 -10.84 -8.42 34.49
CA LEU A 76 -9.77 -8.82 35.42
C LEU A 76 -10.30 -9.89 36.38
N PHE A 77 -9.57 -11.00 36.50
CA PHE A 77 -9.99 -12.07 37.40
C PHE A 77 -8.89 -12.50 38.37
N PHE A 78 -9.32 -13.13 39.45
CA PHE A 78 -8.45 -13.63 40.51
C PHE A 78 -8.35 -15.14 40.28
N VAL A 79 -7.18 -15.70 40.55
CA VAL A 79 -6.96 -17.13 40.37
C VAL A 79 -6.32 -17.80 41.59
N VAL A 80 -6.96 -18.84 42.10
CA VAL A 80 -6.40 -19.58 43.22
C VAL A 80 -5.64 -20.76 42.59
N MET A 81 -4.35 -20.83 42.87
CA MET A 81 -3.52 -21.89 42.31
C MET A 81 -3.19 -22.97 43.33
N LYS A 82 -2.76 -24.13 42.85
CA LYS A 82 -2.37 -25.23 43.74
C LYS A 82 -1.04 -24.81 44.39
N GLY A 83 -1.09 -24.57 45.70
CA GLY A 83 0.10 -24.17 46.42
C GLY A 83 0.78 -25.35 47.11
N PRO A 84 2.07 -25.22 47.44
CA PRO A 84 2.89 -26.26 48.10
C PRO A 84 2.41 -26.58 49.51
N ASN A 85 1.60 -25.69 50.08
CA ASN A 85 1.15 -25.86 51.45
C ASN A 85 -0.36 -25.93 51.61
N ASP A 86 -1.08 -26.22 50.53
CA ASP A 86 -2.53 -26.28 50.61
C ASP A 86 -3.07 -27.23 51.68
N ALA A 87 -2.37 -28.34 51.96
CA ALA A 87 -2.86 -29.27 52.97
C ALA A 87 -2.95 -28.66 54.38
N LEU A 88 -2.16 -27.61 54.62
CA LEU A 88 -2.11 -26.94 55.92
C LEU A 88 -3.00 -25.71 55.99
N LEU A 89 -3.61 -25.34 54.87
CA LEU A 89 -4.46 -24.16 54.82
C LEU A 89 -5.95 -24.48 54.97
N ARG A 90 -6.72 -23.49 55.39
CA ARG A 90 -8.15 -23.65 55.57
C ARG A 90 -8.86 -23.44 54.23
N TRP A 91 -9.85 -24.27 53.94
CA TRP A 91 -10.61 -24.15 52.70
C TRP A 91 -12.11 -24.22 52.98
N PRO A 92 -12.92 -23.60 52.11
CA PRO A 92 -12.55 -22.85 50.90
C PRO A 92 -11.87 -21.52 51.21
N PHE A 93 -11.30 -20.90 50.18
CA PHE A 93 -10.61 -19.61 50.29
C PHE A 93 -11.68 -18.57 50.62
N ASN A 94 -11.45 -17.76 51.65
CA ASN A 94 -12.45 -16.77 52.01
C ASN A 94 -11.89 -15.41 52.41
N GLN A 95 -10.88 -14.93 51.71
CA GLN A 95 -10.28 -13.64 52.02
C GLN A 95 -10.80 -12.61 51.04
N LYS A 96 -10.99 -11.39 51.51
CA LYS A 96 -11.46 -10.31 50.64
C LYS A 96 -10.39 -10.06 49.58
N VAL A 97 -10.82 -9.79 48.36
CA VAL A 97 -9.90 -9.52 47.28
C VAL A 97 -10.18 -8.16 46.66
N THR A 98 -9.15 -7.32 46.57
CA THR A 98 -9.28 -6.01 45.95
C THR A 98 -8.43 -5.97 44.67
N LEU A 99 -9.00 -5.43 43.60
CA LEU A 99 -8.30 -5.33 42.31
C LEU A 99 -8.26 -3.87 41.85
N MET A 100 -7.15 -3.44 41.24
CA MET A 100 -7.03 -2.05 40.82
C MET A 100 -6.26 -1.83 39.51
N LEU A 101 -6.66 -0.79 38.79
CA LEU A 101 -5.95 -0.38 37.58
C LEU A 101 -5.41 0.96 38.03
N LEU A 102 -4.09 1.04 38.18
CA LEU A 102 -3.46 2.27 38.68
C LEU A 102 -3.33 3.44 37.71
N ASP A 103 -3.81 4.60 38.15
CA ASP A 103 -3.68 5.82 37.37
C ASP A 103 -2.21 6.21 37.58
N GLN A 104 -1.49 6.49 36.50
CA GLN A 104 -0.09 6.83 36.64
C GLN A 104 0.19 8.26 37.10
N ASN A 105 -0.87 9.07 37.23
CA ASN A 105 -0.71 10.43 37.76
C ASN A 105 -1.10 10.30 39.24
N ASN A 106 -1.58 9.11 39.60
CA ASN A 106 -1.98 8.86 40.97
C ASN A 106 -3.13 9.79 41.45
N ARG A 107 -4.03 10.14 40.55
CA ARG A 107 -5.14 11.00 40.93
C ARG A 107 -6.36 10.13 41.26
N GLU A 108 -6.80 9.34 40.28
CA GLU A 108 -7.97 8.49 40.44
C GLU A 108 -7.76 7.09 39.86
N HIS A 109 -7.56 6.11 40.73
CA HIS A 109 -7.37 4.73 40.28
C HIS A 109 -8.71 4.08 39.98
N VAL A 110 -8.66 2.96 39.27
CA VAL A 110 -9.86 2.19 38.98
C VAL A 110 -9.79 1.08 40.02
N ILE A 111 -10.91 0.81 40.69
CA ILE A 111 -10.88 -0.21 41.72
C ILE A 111 -12.20 -0.98 41.88
N ASP A 112 -12.10 -2.18 42.43
CA ASP A 112 -13.26 -3.02 42.71
C ASP A 112 -12.78 -4.02 43.75
N ALA A 113 -13.70 -4.62 44.50
CA ALA A 113 -13.34 -5.59 45.53
C ALA A 113 -14.52 -6.49 45.83
N PHE A 114 -14.22 -7.71 46.26
CA PHE A 114 -15.28 -8.68 46.54
C PHE A 114 -14.91 -9.70 47.59
N ARG A 115 -15.94 -10.30 48.19
CA ARG A 115 -15.71 -11.36 49.14
C ARG A 115 -15.99 -12.63 48.34
N PRO A 116 -15.13 -13.63 48.48
CA PRO A 116 -15.31 -14.87 47.73
C PRO A 116 -16.66 -15.57 47.85
N ASP A 117 -17.07 -16.19 46.75
CA ASP A 117 -18.29 -16.97 46.75
C ASP A 117 -17.79 -18.37 47.16
N VAL A 118 -18.00 -18.67 48.43
CA VAL A 118 -17.58 -19.92 49.04
C VAL A 118 -18.21 -21.19 48.46
N THR A 119 -19.24 -21.04 47.65
CA THR A 119 -19.88 -22.20 47.03
C THR A 119 -19.23 -22.49 45.68
N SER A 120 -18.53 -21.49 45.14
CA SER A 120 -17.89 -21.63 43.84
C SER A 120 -16.65 -22.51 43.81
N SER A 121 -16.52 -23.27 42.74
CA SER A 121 -15.37 -24.15 42.56
C SER A 121 -14.10 -23.32 42.47
N SER A 122 -14.26 -22.04 42.16
CA SER A 122 -13.11 -21.13 42.03
C SER A 122 -12.36 -20.97 43.35
N PHE A 123 -13.07 -21.14 44.47
CA PHE A 123 -12.43 -20.97 45.78
C PHE A 123 -12.23 -22.24 46.62
N GLN A 124 -12.38 -23.41 46.01
CA GLN A 124 -12.18 -24.66 46.73
C GLN A 124 -10.68 -25.00 46.66
N ARG A 125 -10.21 -25.96 47.44
CA ARG A 125 -8.80 -26.35 47.39
C ARG A 125 -8.55 -26.94 46.01
N PRO A 126 -7.57 -26.38 45.27
CA PRO A 126 -7.20 -26.81 43.91
C PRO A 126 -6.84 -28.27 43.73
N VAL A 127 -7.29 -28.85 42.61
CA VAL A 127 -6.97 -30.22 42.27
C VAL A 127 -6.07 -30.12 41.04
N ASN A 128 -6.30 -29.08 40.26
CA ASN A 128 -5.52 -28.79 39.07
C ASN A 128 -4.55 -27.69 39.45
N ASP A 129 -3.67 -27.29 38.53
CA ASP A 129 -2.67 -26.26 38.82
C ASP A 129 -3.33 -24.92 39.16
N MET A 130 -4.52 -24.70 38.60
CA MET A 130 -5.26 -23.46 38.80
C MET A 130 -6.76 -23.73 38.79
N ASN A 131 -7.52 -23.02 39.61
CA ASN A 131 -8.97 -23.17 39.63
C ASN A 131 -9.51 -22.26 38.52
N ILE A 132 -10.82 -22.28 38.30
CA ILE A 132 -11.45 -21.43 37.31
C ILE A 132 -11.31 -20.02 37.88
N ALA A 133 -10.84 -19.07 37.07
CA ALA A 133 -10.67 -17.71 37.53
C ALA A 133 -12.03 -17.05 37.77
N SER A 134 -12.09 -16.10 38.71
CA SER A 134 -13.32 -15.40 38.97
C SER A 134 -13.01 -14.00 39.45
N GLY A 135 -13.89 -13.06 39.09
CA GLY A 135 -13.68 -11.69 39.49
C GLY A 135 -14.60 -10.67 38.84
N CYS A 136 -14.01 -9.80 38.00
CA CYS A 136 -14.76 -8.71 37.35
C CYS A 136 -14.73 -8.61 35.82
N PRO A 137 -15.72 -9.20 35.13
CA PRO A 137 -15.78 -9.14 33.66
C PRO A 137 -15.93 -7.69 33.13
N LEU A 138 -16.61 -6.83 33.91
CA LEU A 138 -16.79 -5.43 33.50
C LEU A 138 -15.88 -4.52 34.34
N PHE A 139 -14.65 -4.98 34.58
CA PHE A 139 -13.73 -4.22 35.40
C PHE A 139 -13.50 -2.78 34.98
N CYS A 140 -13.10 -2.57 33.74
CA CYS A 140 -12.82 -1.23 33.23
C CYS A 140 -13.22 -1.05 31.77
N PRO A 141 -13.94 0.03 31.44
CA PRO A 141 -14.36 0.29 30.05
C PRO A 141 -13.11 0.49 29.20
N VAL A 142 -13.06 -0.13 28.03
CA VAL A 142 -11.88 0.00 27.17
C VAL A 142 -11.68 1.45 26.79
N SER A 143 -12.77 2.19 26.74
CA SER A 143 -12.71 3.59 26.37
C SER A 143 -11.97 4.40 27.43
N LYS A 144 -12.46 4.38 28.66
CA LYS A 144 -11.84 5.14 29.74
C LYS A 144 -10.33 5.08 29.56
N MET A 145 -9.70 4.05 30.09
CA MET A 145 -8.25 3.92 29.94
C MET A 145 -8.02 3.58 28.48
N GLU A 146 -6.86 3.04 28.16
CA GLU A 146 -6.56 2.69 26.78
C GLU A 146 -6.46 3.94 25.92
N ALA A 147 -7.61 4.47 25.49
CA ALA A 147 -7.65 5.68 24.64
C ALA A 147 -6.80 6.81 25.23
N LYS A 148 -7.43 7.94 25.55
CA LYS A 148 -6.68 9.05 26.15
C LYS A 148 -6.43 8.56 27.58
N ASN A 149 -6.37 9.46 28.55
CA ASN A 149 -6.17 9.09 29.96
C ASN A 149 -4.74 8.80 30.37
N SER A 150 -4.55 8.56 31.67
CA SER A 150 -3.22 8.30 32.21
C SER A 150 -3.04 6.93 32.83
N TYR A 151 -3.79 5.94 32.34
CA TYR A 151 -3.67 4.58 32.82
C TYR A 151 -2.60 3.90 31.98
N VAL A 152 -2.50 4.30 30.72
CA VAL A 152 -1.48 3.74 29.82
C VAL A 152 -0.45 4.81 29.59
N ARG A 153 0.80 4.52 29.91
CA ARG A 153 1.89 5.47 29.72
C ARG A 153 3.12 4.70 29.28
N ASP A 154 3.84 5.26 28.31
CA ASP A 154 5.03 4.61 27.77
C ASP A 154 4.71 3.15 27.49
N ASP A 155 3.61 2.96 26.79
CA ASP A 155 3.13 1.65 26.38
C ASP A 155 3.03 0.57 27.46
N ALA A 156 2.64 0.96 28.68
CA ALA A 156 2.50 -0.01 29.75
C ALA A 156 1.46 0.38 30.80
N ILE A 157 0.90 -0.61 31.49
CA ILE A 157 -0.08 -0.34 32.56
C ILE A 157 0.30 -1.11 33.81
N PHE A 158 -0.27 -0.69 34.92
CA PHE A 158 -0.03 -1.36 36.21
C PHE A 158 -1.34 -1.83 36.80
N ILE A 159 -1.41 -3.12 37.08
CA ILE A 159 -2.58 -3.74 37.70
C ILE A 159 -2.13 -4.07 39.14
N LYS A 160 -2.98 -3.80 40.12
CA LYS A 160 -2.64 -4.08 41.51
C LYS A 160 -3.70 -4.92 42.20
N ALA A 161 -3.24 -5.85 43.03
CA ALA A 161 -4.14 -6.70 43.80
C ALA A 161 -3.74 -6.66 45.27
N ILE A 162 -4.75 -6.69 46.13
CA ILE A 162 -4.55 -6.67 47.57
C ILE A 162 -5.45 -7.73 48.19
N VAL A 163 -4.83 -8.76 48.76
CA VAL A 163 -5.58 -9.83 49.40
C VAL A 163 -5.60 -9.56 50.90
N ASP A 164 -6.78 -9.26 51.43
CA ASP A 164 -6.95 -9.00 52.85
C ASP A 164 -6.50 -10.21 53.68
N LEU A 165 -5.71 -9.96 54.71
CA LEU A 165 -5.16 -11.02 55.54
C LEU A 165 -5.88 -11.25 56.89
N THR A 166 -7.08 -10.68 57.02
CA THR A 166 -7.86 -10.86 58.25
C THR A 166 -8.06 -12.34 58.56
N GLY A 167 -7.56 -12.79 59.71
CA GLY A 167 -7.71 -14.18 60.07
C GLY A 167 -6.52 -15.06 59.71
N LEU A 168 -5.53 -14.47 59.04
CA LEU A 168 -4.35 -15.21 58.62
C LEU A 168 -3.12 -14.81 59.44
N ALA B 1 -64.41 16.55 -1.27
CA ALA B 1 -64.56 15.69 -2.47
C ALA B 1 -63.82 16.28 -3.66
N MET B 2 -63.65 17.60 -3.67
CA MET B 2 -62.91 18.24 -4.76
C MET B 2 -61.54 17.60 -4.67
N ALA B 3 -61.32 16.95 -3.53
CA ALA B 3 -60.07 16.25 -3.29
C ALA B 3 -60.00 15.06 -4.23
N ASP B 4 -61.02 14.21 -4.18
CA ASP B 4 -61.03 13.02 -5.02
C ASP B 4 -61.07 13.36 -6.52
N LEU B 5 -61.85 14.37 -6.90
CA LEU B 5 -61.92 14.75 -8.32
C LEU B 5 -60.53 15.16 -8.78
N GLU B 6 -59.90 16.07 -8.04
CA GLU B 6 -58.56 16.54 -8.39
C GLU B 6 -57.67 15.33 -8.65
N GLN B 7 -57.61 14.42 -7.67
CA GLN B 7 -56.80 13.23 -7.81
C GLN B 7 -57.07 12.53 -9.15
N LYS B 8 -58.35 12.42 -9.51
CA LYS B 8 -58.74 11.78 -10.77
C LYS B 8 -58.13 12.52 -11.96
N VAL B 9 -58.02 13.83 -11.83
CA VAL B 9 -57.44 14.67 -12.88
C VAL B 9 -55.93 14.54 -13.03
N LEU B 10 -55.21 14.34 -11.92
CA LEU B 10 -53.77 14.17 -11.99
C LEU B 10 -53.45 12.79 -12.53
N GLU B 11 -54.26 11.80 -12.16
CA GLU B 11 -54.04 10.44 -12.62
C GLU B 11 -54.25 10.43 -14.14
N MET B 12 -55.27 11.13 -14.61
CA MET B 12 -55.55 11.21 -16.03
C MET B 12 -54.43 11.97 -16.72
N GLU B 13 -53.94 13.02 -16.07
CA GLU B 13 -52.88 13.85 -16.63
C GLU B 13 -51.54 13.11 -16.80
N ALA B 14 -51.31 12.11 -15.96
CA ALA B 14 -50.07 11.35 -16.00
C ALA B 14 -50.08 10.14 -16.93
N SER B 15 -51.25 9.54 -17.12
CA SER B 15 -51.36 8.34 -17.95
C SER B 15 -51.03 8.42 -19.44
N THR B 16 -50.52 7.31 -19.98
CA THR B 16 -50.21 7.19 -21.40
C THR B 16 -50.85 5.86 -21.82
N TYR B 17 -51.08 5.68 -23.12
CA TYR B 17 -51.71 4.44 -23.57
C TYR B 17 -50.99 3.75 -24.73
N ASP B 18 -49.67 3.83 -24.73
CA ASP B 18 -48.85 3.24 -25.80
C ASP B 18 -47.67 2.41 -25.24
N GLY B 19 -47.70 2.15 -23.93
CA GLY B 19 -46.64 1.38 -23.32
C GLY B 19 -45.36 2.14 -23.02
N VAL B 20 -45.34 3.45 -23.26
CA VAL B 20 -44.16 4.26 -23.01
C VAL B 20 -44.41 5.21 -21.84
N PHE B 21 -43.56 5.14 -20.83
CA PHE B 21 -43.74 5.99 -19.68
C PHE B 21 -42.45 6.68 -19.27
N ILE B 22 -42.55 7.95 -18.91
CA ILE B 22 -41.42 8.71 -18.42
C ILE B 22 -41.86 9.23 -17.06
N TRP B 23 -41.08 8.88 -16.05
CA TRP B 23 -41.36 9.24 -14.67
C TRP B 23 -40.30 10.19 -14.13
N LYS B 24 -40.72 11.41 -13.82
CA LYS B 24 -39.82 12.40 -13.26
C LYS B 24 -39.95 12.38 -11.74
N ILE B 25 -38.86 12.10 -11.05
CA ILE B 25 -38.89 12.07 -9.59
C ILE B 25 -38.19 13.30 -9.02
N SER B 26 -38.98 14.23 -8.49
CA SER B 26 -38.43 15.46 -7.91
C SER B 26 -38.17 15.28 -6.42
N ASP B 27 -37.54 16.29 -5.81
CA ASP B 27 -37.23 16.24 -4.38
C ASP B 27 -36.42 14.96 -4.15
N PHE B 28 -35.60 14.63 -5.14
CA PHE B 28 -34.78 13.42 -5.09
C PHE B 28 -33.95 13.28 -3.81
N ALA B 29 -33.28 14.35 -3.40
CA ALA B 29 -32.44 14.31 -2.21
C ALA B 29 -33.19 13.85 -0.96
N ARG B 30 -34.38 14.40 -0.74
CA ARG B 30 -35.19 14.06 0.43
C ARG B 30 -35.66 12.59 0.39
N LYS B 31 -36.35 12.21 -0.68
CA LYS B 31 -36.86 10.83 -0.85
C LYS B 31 -35.74 9.81 -0.78
N ARG B 32 -34.58 10.19 -1.31
CA ARG B 32 -33.43 9.30 -1.29
C ARG B 32 -33.06 9.10 0.17
N GLN B 33 -33.16 10.18 0.95
CA GLN B 33 -32.82 10.17 2.37
C GLN B 33 -33.87 9.38 3.16
N GLU B 34 -35.14 9.62 2.87
CA GLU B 34 -36.19 8.91 3.57
C GLU B 34 -36.04 7.41 3.36
N ALA B 35 -35.38 7.00 2.29
CA ALA B 35 -35.18 5.57 2.03
C ALA B 35 -33.98 5.06 2.85
N VAL B 36 -32.93 5.86 2.90
CA VAL B 36 -31.74 5.50 3.64
C VAL B 36 -32.04 5.29 5.12
N ALA B 37 -32.81 6.22 5.70
CA ALA B 37 -33.16 6.13 7.12
C ALA B 37 -34.25 5.10 7.38
N GLY B 38 -34.76 4.47 6.31
CA GLY B 38 -35.81 3.48 6.48
C GLY B 38 -37.20 4.00 6.84
N ARG B 39 -37.51 5.24 6.48
CA ARG B 39 -38.83 5.78 6.78
C ARG B 39 -39.76 5.50 5.61
N ILE B 40 -39.23 5.64 4.39
CA ILE B 40 -40.00 5.39 3.17
C ILE B 40 -39.10 4.70 2.16
N PRO B 41 -38.95 3.37 2.27
CA PRO B 41 -38.12 2.54 1.38
C PRO B 41 -38.52 2.52 -0.10
N ALA B 42 -39.81 2.44 -0.38
CA ALA B 42 -40.26 2.36 -1.77
C ALA B 42 -41.26 3.45 -2.16
N ILE B 43 -41.32 3.74 -3.47
CA ILE B 43 -42.22 4.74 -4.03
C ILE B 43 -42.83 4.20 -5.33
N PHE B 44 -44.16 4.39 -5.50
CA PHE B 44 -44.87 3.95 -6.70
C PHE B 44 -44.96 5.11 -7.67
N SER B 45 -45.03 4.82 -8.96
CA SER B 45 -45.15 5.86 -9.97
C SER B 45 -46.61 5.90 -10.37
N PRO B 46 -46.99 6.91 -11.17
CA PRO B 46 -48.39 6.96 -11.60
C PRO B 46 -48.60 5.75 -12.54
N ALA B 47 -49.86 5.49 -12.88
CA ALA B 47 -50.19 4.36 -13.75
C ALA B 47 -50.20 4.72 -15.24
N PHE B 48 -49.94 3.72 -16.08
CA PHE B 48 -49.96 3.90 -17.54
C PHE B 48 -50.44 2.60 -18.20
N TYR B 49 -50.71 2.64 -19.50
CA TYR B 49 -51.25 1.45 -20.16
C TYR B 49 -50.59 1.12 -21.50
N THR B 50 -50.85 -0.08 -22.01
CA THR B 50 -50.29 -0.54 -23.28
C THR B 50 -51.16 -0.12 -24.47
N SER B 51 -52.42 0.19 -24.19
CA SER B 51 -53.38 0.64 -25.20
C SER B 51 -54.58 1.23 -24.47
N ARG B 52 -55.41 1.99 -25.18
CA ARG B 52 -56.57 2.63 -24.58
C ARG B 52 -57.29 1.68 -23.63
N TYR B 53 -57.43 0.42 -24.04
CA TYR B 53 -58.08 -0.57 -23.18
C TYR B 53 -57.18 -1.77 -22.87
N GLY B 54 -55.88 -1.53 -22.70
CA GLY B 54 -54.97 -2.64 -22.42
C GLY B 54 -54.65 -2.91 -20.97
N TYR B 55 -53.45 -3.41 -20.72
CA TYR B 55 -53.03 -3.69 -19.36
C TYR B 55 -52.73 -2.39 -18.62
N LYS B 56 -53.04 -2.36 -17.33
CA LYS B 56 -52.74 -1.20 -16.49
C LYS B 56 -51.44 -1.54 -15.75
N MET B 57 -50.52 -0.58 -15.65
CA MET B 57 -49.21 -0.84 -15.03
C MET B 57 -48.59 0.40 -14.37
N CYS B 58 -47.61 0.19 -13.51
CA CYS B 58 -46.90 1.31 -12.88
C CYS B 58 -45.54 0.75 -12.48
N LEU B 59 -44.72 1.57 -11.84
CA LEU B 59 -43.39 1.16 -11.44
C LEU B 59 -43.21 1.43 -9.95
N ARG B 60 -42.30 0.69 -9.32
CA ARG B 60 -42.01 0.89 -7.91
C ARG B 60 -40.47 0.94 -7.76
N ILE B 61 -39.98 1.98 -7.11
CA ILE B 61 -38.55 2.15 -6.93
C ILE B 61 -38.15 2.23 -5.47
N TYR B 62 -37.01 1.62 -5.13
CA TYR B 62 -36.46 1.66 -3.77
C TYR B 62 -35.16 2.43 -3.90
N LEU B 63 -35.18 3.71 -3.54
CA LEU B 63 -34.00 4.56 -3.67
C LEU B 63 -32.75 4.12 -2.94
N ASN B 64 -32.87 3.23 -1.95
CA ASN B 64 -31.71 2.75 -1.24
C ASN B 64 -31.65 1.22 -1.31
N GLY B 65 -32.25 0.68 -2.37
CA GLY B 65 -32.24 -0.76 -2.59
C GLY B 65 -33.18 -1.71 -1.86
N ASP B 66 -33.38 -2.88 -2.47
CA ASP B 66 -34.22 -3.92 -1.90
C ASP B 66 -33.48 -5.23 -2.07
N GLY B 67 -33.73 -6.16 -1.14
CA GLY B 67 -33.11 -7.47 -1.22
C GLY B 67 -31.63 -7.44 -1.53
N THR B 68 -31.22 -8.23 -2.52
CA THR B 68 -29.80 -8.31 -2.88
C THR B 68 -29.16 -6.93 -3.11
N GLY B 69 -29.98 -5.91 -3.36
CA GLY B 69 -29.44 -4.57 -3.60
C GLY B 69 -29.59 -3.59 -2.45
N ARG B 70 -30.17 -4.06 -1.35
CA ARG B 70 -30.38 -3.21 -0.19
C ARG B 70 -29.10 -2.51 0.26
N GLY B 71 -29.14 -1.19 0.30
CA GLY B 71 -27.99 -0.42 0.73
C GLY B 71 -26.90 -0.16 -0.30
N THR B 72 -26.98 -0.80 -1.46
CA THR B 72 -25.93 -0.60 -2.45
C THR B 72 -26.46 -0.21 -3.83
N HIS B 73 -27.73 -0.53 -4.08
CA HIS B 73 -28.33 -0.23 -5.38
C HIS B 73 -29.67 0.47 -5.35
N LEU B 74 -29.97 1.10 -6.48
CA LEU B 74 -31.26 1.73 -6.69
C LEU B 74 -32.00 0.52 -7.29
N SER B 75 -33.07 0.06 -6.62
CA SER B 75 -33.82 -1.09 -7.11
C SER B 75 -35.11 -0.68 -7.80
N LEU B 76 -35.26 -1.09 -9.06
CA LEU B 76 -36.42 -0.70 -9.85
C LEU B 76 -37.27 -1.90 -10.27
N PHE B 77 -38.57 -1.85 -9.99
CA PHE B 77 -39.46 -2.94 -10.34
C PHE B 77 -40.67 -2.53 -11.18
N PHE B 78 -41.21 -3.50 -11.92
CA PHE B 78 -42.38 -3.34 -12.76
C PHE B 78 -43.60 -3.85 -11.98
N VAL B 79 -44.75 -3.19 -12.15
CA VAL B 79 -45.95 -3.59 -11.44
C VAL B 79 -47.20 -3.75 -12.32
N VAL B 80 -47.78 -4.95 -12.32
CA VAL B 80 -49.01 -5.20 -13.08
C VAL B 80 -50.18 -4.88 -12.14
N MET B 81 -51.01 -3.92 -12.52
CA MET B 81 -52.15 -3.52 -11.70
C MET B 81 -53.47 -4.05 -12.24
N LYS B 82 -54.49 -4.10 -11.39
CA LYS B 82 -55.80 -4.58 -11.83
C LYS B 82 -56.39 -3.50 -12.77
N GLY B 83 -56.63 -3.87 -14.01
CA GLY B 83 -57.16 -2.94 -14.97
C GLY B 83 -58.68 -2.97 -15.09
N PRO B 84 -59.27 -2.02 -15.84
CA PRO B 84 -60.72 -1.95 -16.02
C PRO B 84 -61.23 -2.99 -17.01
N ASN B 85 -60.30 -3.57 -17.79
CA ASN B 85 -60.66 -4.53 -18.83
C ASN B 85 -59.91 -5.85 -18.72
N ASP B 86 -59.41 -6.20 -17.54
CA ASP B 86 -58.65 -7.44 -17.44
C ASP B 86 -59.31 -8.72 -17.95
N ALA B 87 -60.64 -8.76 -17.98
CA ALA B 87 -61.37 -9.94 -18.47
C ALA B 87 -61.19 -10.16 -19.98
N LEU B 88 -60.91 -9.05 -20.67
CA LEU B 88 -60.74 -9.04 -22.11
C LEU B 88 -59.30 -9.20 -22.56
N LEU B 89 -58.38 -9.41 -21.62
CA LEU B 89 -56.97 -9.54 -21.97
C LEU B 89 -56.44 -10.96 -21.78
N ARG B 90 -55.34 -11.27 -22.44
CA ARG B 90 -54.74 -12.59 -22.32
C ARG B 90 -53.85 -12.62 -21.08
N TRP B 91 -53.98 -13.67 -20.28
CA TRP B 91 -53.14 -13.81 -19.09
C TRP B 91 -52.45 -15.17 -19.09
N PRO B 92 -51.25 -15.26 -18.49
CA PRO B 92 -50.46 -14.22 -17.83
C PRO B 92 -49.82 -13.16 -18.72
N PHE B 93 -49.48 -12.02 -18.13
CA PHE B 93 -48.82 -10.91 -18.81
C PHE B 93 -47.53 -11.45 -19.41
N ASN B 94 -47.27 -11.19 -20.69
CA ASN B 94 -46.07 -11.74 -21.33
C ASN B 94 -45.32 -10.79 -22.29
N GLN B 95 -45.35 -9.50 -21.99
CA GLN B 95 -44.67 -8.50 -22.83
C GLN B 95 -43.28 -8.13 -22.28
N LYS B 96 -42.31 -7.98 -23.18
CA LYS B 96 -40.97 -7.60 -22.73
C LYS B 96 -41.00 -6.22 -22.05
N VAL B 97 -40.23 -6.06 -20.99
CA VAL B 97 -40.18 -4.78 -20.29
C VAL B 97 -38.76 -4.21 -20.32
N THR B 98 -38.64 -2.94 -20.66
CA THR B 98 -37.35 -2.25 -20.70
C THR B 98 -37.40 -1.07 -19.72
N LEU B 99 -36.42 -1.00 -18.82
CA LEU B 99 -36.35 0.05 -17.80
C LEU B 99 -35.09 0.90 -17.95
N MET B 100 -35.23 2.22 -17.82
CA MET B 100 -34.10 3.14 -17.98
C MET B 100 -33.99 4.27 -16.98
N LEU B 101 -32.75 4.62 -16.66
CA LEU B 101 -32.45 5.76 -15.80
C LEU B 101 -31.77 6.65 -16.85
N LEU B 102 -32.41 7.76 -17.21
CA LEU B 102 -31.90 8.67 -18.23
C LEU B 102 -30.80 9.67 -17.86
N ASP B 103 -29.68 9.59 -18.57
CA ASP B 103 -28.57 10.52 -18.36
C ASP B 103 -28.98 11.83 -19.02
N GLN B 104 -29.18 12.87 -18.22
CA GLN B 104 -29.59 14.15 -18.78
C GLN B 104 -28.55 14.75 -19.72
N ASN B 105 -27.31 14.28 -19.64
CA ASN B 105 -26.29 14.75 -20.59
C ASN B 105 -26.35 13.85 -21.83
N ASN B 106 -27.22 12.85 -21.80
CA ASN B 106 -27.43 11.92 -22.92
C ASN B 106 -26.13 11.27 -23.40
N ARG B 107 -25.26 10.95 -22.45
CA ARG B 107 -23.96 10.32 -22.72
C ARG B 107 -23.93 8.82 -22.40
N GLU B 108 -24.56 8.43 -21.29
CA GLU B 108 -24.61 7.02 -20.90
C GLU B 108 -25.83 6.73 -20.05
N HIS B 109 -26.87 6.16 -20.67
CA HIS B 109 -28.08 5.83 -19.94
C HIS B 109 -27.95 4.47 -19.29
N VAL B 110 -28.64 4.29 -18.15
CA VAL B 110 -28.63 3.03 -17.45
C VAL B 110 -29.84 2.31 -18.01
N ILE B 111 -29.65 1.07 -18.43
CA ILE B 111 -30.76 0.33 -19.00
C ILE B 111 -30.68 -1.15 -18.72
N ASP B 112 -31.85 -1.75 -18.52
CA ASP B 112 -31.93 -3.17 -18.30
C ASP B 112 -33.28 -3.56 -18.90
N ALA B 113 -33.47 -4.86 -19.13
CA ALA B 113 -34.72 -5.32 -19.73
C ALA B 113 -34.91 -6.80 -19.42
N PHE B 114 -36.15 -7.25 -19.48
CA PHE B 114 -36.45 -8.66 -19.19
C PHE B 114 -37.73 -9.12 -19.86
N ARG B 115 -37.87 -10.44 -19.94
CA ARG B 115 -39.07 -11.07 -20.48
C ARG B 115 -39.73 -11.59 -19.21
N PRO B 116 -41.04 -11.38 -19.07
CA PRO B 116 -41.77 -11.84 -17.90
C PRO B 116 -41.64 -13.31 -17.59
N ASP B 117 -41.64 -13.65 -16.30
CA ASP B 117 -41.59 -15.04 -15.86
C ASP B 117 -43.06 -15.41 -15.77
N VAL B 118 -43.52 -16.18 -16.75
CA VAL B 118 -44.89 -16.61 -16.85
C VAL B 118 -45.42 -17.48 -15.69
N THR B 119 -44.51 -18.01 -14.87
CA THR B 119 -44.93 -18.82 -13.74
C THR B 119 -45.03 -17.98 -12.46
N SER B 120 -44.59 -16.72 -12.51
CA SER B 120 -44.64 -15.89 -11.32
C SER B 120 -46.02 -15.25 -11.07
N SER B 121 -46.35 -15.12 -9.79
CA SER B 121 -47.61 -14.51 -9.38
C SER B 121 -47.60 -13.05 -9.82
N SER B 122 -46.41 -12.47 -9.98
CA SER B 122 -46.28 -11.07 -10.41
C SER B 122 -46.93 -10.81 -11.75
N PHE B 123 -47.07 -11.84 -12.59
CA PHE B 123 -47.65 -11.61 -13.91
C PHE B 123 -48.99 -12.27 -14.19
N GLN B 124 -49.65 -12.78 -13.15
CA GLN B 124 -50.95 -13.40 -13.32
C GLN B 124 -52.00 -12.29 -13.26
N ARG B 125 -53.24 -12.59 -13.67
CA ARG B 125 -54.29 -11.58 -13.62
C ARG B 125 -54.46 -11.11 -12.18
N PRO B 126 -54.40 -9.79 -11.95
CA PRO B 126 -54.55 -9.24 -10.60
C PRO B 126 -55.86 -9.53 -9.87
N VAL B 127 -55.75 -9.86 -8.59
CA VAL B 127 -56.92 -10.10 -7.76
C VAL B 127 -56.99 -8.89 -6.82
N ASN B 128 -55.83 -8.29 -6.60
CA ASN B 128 -55.67 -7.10 -5.78
C ASN B 128 -55.39 -5.92 -6.70
N ASP B 129 -55.34 -4.72 -6.13
CA ASP B 129 -55.07 -3.53 -6.93
C ASP B 129 -53.73 -3.69 -7.69
N MET B 130 -52.77 -4.33 -7.03
CA MET B 130 -51.45 -4.55 -7.61
C MET B 130 -50.87 -5.94 -7.32
N ASN B 131 -50.11 -6.50 -8.27
CA ASN B 131 -49.48 -7.79 -8.01
C ASN B 131 -48.15 -7.46 -7.33
N ILE B 132 -47.44 -8.49 -6.89
CA ILE B 132 -46.13 -8.30 -6.27
C ILE B 132 -45.23 -7.71 -7.37
N ALA B 133 -44.49 -6.66 -7.06
CA ALA B 133 -43.63 -6.04 -8.05
C ALA B 133 -42.50 -7.00 -8.43
N SER B 134 -41.98 -6.86 -9.65
CA SER B 134 -40.91 -7.73 -10.13
C SER B 134 -40.00 -6.96 -11.11
N GLY B 135 -38.68 -7.17 -10.97
CA GLY B 135 -37.78 -6.45 -11.86
C GLY B 135 -36.29 -6.56 -11.59
N CYS B 136 -35.65 -5.42 -11.35
CA CYS B 136 -34.20 -5.36 -11.16
C CYS B 136 -33.69 -4.86 -9.81
N PRO B 137 -33.40 -5.78 -8.88
CA PRO B 137 -32.90 -5.40 -7.55
C PRO B 137 -31.55 -4.67 -7.61
N LEU B 138 -30.75 -4.98 -8.62
CA LEU B 138 -29.44 -4.34 -8.78
C LEU B 138 -29.44 -3.47 -10.04
N PHE B 139 -30.51 -2.69 -10.21
CA PHE B 139 -30.66 -1.82 -11.38
C PHE B 139 -29.58 -0.76 -11.54
N CYS B 140 -29.21 -0.07 -10.47
CA CYS B 140 -28.20 0.96 -10.56
C CYS B 140 -27.44 1.11 -9.25
N PRO B 141 -26.10 1.04 -9.30
CA PRO B 141 -25.25 1.17 -8.10
C PRO B 141 -25.44 2.56 -7.51
N VAL B 142 -25.64 2.64 -6.20
CA VAL B 142 -25.82 3.92 -5.53
C VAL B 142 -24.61 4.81 -5.79
N SER B 143 -23.44 4.20 -5.84
CA SER B 143 -22.20 4.95 -6.07
C SER B 143 -22.13 5.58 -7.44
N LYS B 144 -22.72 4.94 -8.44
CA LYS B 144 -22.68 5.49 -9.79
C LYS B 144 -23.36 6.84 -9.83
N MET B 145 -24.58 6.87 -10.37
CA MET B 145 -25.32 8.13 -10.40
C MET B 145 -25.44 8.50 -8.92
N GLU B 146 -26.19 9.55 -8.61
CA GLU B 146 -26.37 9.98 -7.24
C GLU B 146 -25.23 10.86 -6.76
N ALA B 147 -24.04 10.28 -6.60
CA ALA B 147 -22.89 11.06 -6.16
C ALA B 147 -22.67 12.14 -7.20
N LYS B 148 -21.57 12.03 -7.96
CA LYS B 148 -21.31 13.01 -9.00
C LYS B 148 -22.26 12.55 -10.12
N ASN B 149 -21.84 12.69 -11.37
CA ASN B 149 -22.66 12.26 -12.50
C ASN B 149 -23.82 13.19 -12.86
N SER B 150 -24.43 12.90 -14.01
CA SER B 150 -25.52 13.69 -14.54
C SER B 150 -26.90 13.03 -14.64
N TYR B 151 -27.14 11.99 -13.85
CA TYR B 151 -28.45 11.39 -13.89
C TYR B 151 -29.35 12.30 -13.07
N VAL B 152 -28.78 12.92 -12.04
CA VAL B 152 -29.54 13.83 -11.18
C VAL B 152 -29.18 15.28 -11.50
N ARG B 153 -30.20 16.08 -11.77
CA ARG B 153 -29.98 17.48 -12.06
C ARG B 153 -31.14 18.26 -11.46
N ASP B 154 -30.84 19.41 -10.88
CA ASP B 154 -31.85 20.23 -10.24
C ASP B 154 -32.68 19.39 -9.28
N ASP B 155 -31.99 18.50 -8.58
CA ASP B 155 -32.61 17.62 -7.58
C ASP B 155 -33.76 16.77 -8.13
N ALA B 156 -33.55 16.14 -9.28
CA ALA B 156 -34.57 15.29 -9.89
C ALA B 156 -33.99 14.33 -10.94
N ILE B 157 -34.63 13.18 -11.11
CA ILE B 157 -34.20 12.19 -12.10
C ILE B 157 -35.39 11.76 -12.95
N PHE B 158 -35.11 11.22 -14.15
CA PHE B 158 -36.16 10.74 -15.06
C PHE B 158 -36.01 9.23 -15.29
N ILE B 159 -37.05 8.48 -14.95
CA ILE B 159 -37.04 7.04 -15.17
C ILE B 159 -37.93 6.82 -16.38
N LYS B 160 -37.50 5.92 -17.26
CA LYS B 160 -38.31 5.64 -18.44
C LYS B 160 -38.59 4.16 -18.57
N ALA B 161 -39.83 3.83 -18.90
CA ALA B 161 -40.21 2.43 -19.08
C ALA B 161 -40.78 2.24 -20.46
N ILE B 162 -40.45 1.11 -21.08
CA ILE B 162 -40.96 0.78 -22.40
C ILE B 162 -41.46 -0.66 -22.37
N VAL B 163 -42.75 -0.83 -22.60
CA VAL B 163 -43.34 -2.16 -22.62
C VAL B 163 -43.61 -2.49 -24.08
N ASP B 164 -42.95 -3.53 -24.56
CA ASP B 164 -43.07 -3.99 -25.93
C ASP B 164 -44.50 -4.43 -26.24
N LEU B 165 -45.04 -3.93 -27.33
CA LEU B 165 -46.41 -4.27 -27.71
C LEU B 165 -46.48 -5.41 -28.72
N THR B 166 -45.36 -6.07 -28.99
CA THR B 166 -45.38 -7.15 -29.95
C THR B 166 -46.44 -8.20 -29.63
N GLY B 167 -47.38 -8.39 -30.57
CA GLY B 167 -48.44 -9.36 -30.37
C GLY B 167 -49.70 -8.74 -29.79
N LEU B 168 -49.67 -7.43 -29.56
CA LEU B 168 -50.81 -6.70 -29.00
C LEU B 168 -51.48 -5.80 -30.03
N ALA C 1 15.37 27.81 30.34
CA ALA C 1 14.60 27.70 29.06
C ALA C 1 15.41 28.41 27.98
N MET C 2 16.23 29.35 28.45
CA MET C 2 17.14 30.12 27.59
C MET C 2 18.43 29.35 27.77
N ALA C 3 18.47 28.63 28.89
CA ALA C 3 19.59 27.78 29.27
C ALA C 3 19.49 26.50 28.43
N ASP C 4 18.46 25.70 28.74
CA ASP C 4 18.23 24.45 28.03
C ASP C 4 17.97 24.66 26.52
N LEU C 5 18.15 25.90 26.06
CA LEU C 5 17.97 26.22 24.64
C LEU C 5 19.34 26.61 24.12
N GLU C 6 20.13 27.22 24.98
CA GLU C 6 21.45 27.65 24.59
C GLU C 6 22.35 26.48 24.17
N GLN C 7 22.13 25.31 24.77
CA GLN C 7 22.93 24.12 24.47
C GLN C 7 22.41 23.30 23.28
N LYS C 8 21.23 23.63 22.78
CA LYS C 8 20.71 22.90 21.64
C LYS C 8 21.14 23.66 20.39
N VAL C 9 21.39 24.95 20.57
CA VAL C 9 21.85 25.81 19.50
C VAL C 9 23.35 25.63 19.33
N LEU C 10 24.06 25.44 20.45
CA LEU C 10 25.49 25.23 20.37
C LEU C 10 25.77 23.85 19.77
N GLU C 11 24.89 22.88 20.06
CA GLU C 11 25.02 21.52 19.54
C GLU C 11 24.72 21.45 18.03
N MET C 12 23.53 21.91 17.63
CA MET C 12 23.17 21.92 16.22
C MET C 12 24.30 22.60 15.47
N GLU C 13 24.72 23.73 16.02
CA GLU C 13 25.78 24.51 15.43
C GLU C 13 27.05 23.71 15.13
N ALA C 14 27.31 22.66 15.91
CA ALA C 14 28.52 21.84 15.72
C ALA C 14 28.33 20.52 14.95
N SER C 15 27.08 20.14 14.69
CA SER C 15 26.80 18.89 13.98
C SER C 15 27.24 18.84 12.52
N THR C 16 27.72 17.67 12.12
CA THR C 16 28.13 17.43 10.74
C THR C 16 27.37 16.17 10.36
N TYR C 17 27.06 16.00 9.07
CA TYR C 17 26.31 14.83 8.65
C TYR C 17 26.96 14.07 7.51
N ASP C 18 28.29 13.93 7.55
CA ASP C 18 28.99 13.18 6.51
C ASP C 18 30.07 12.29 7.11
N GLY C 19 29.94 11.99 8.40
CA GLY C 19 30.91 11.14 9.06
C GLY C 19 32.24 11.79 9.41
N VAL C 20 32.43 13.05 9.02
CA VAL C 20 33.68 13.74 9.32
C VAL C 20 33.44 14.85 10.35
N PHE C 21 34.27 14.86 11.40
CA PHE C 21 34.13 15.82 12.49
C PHE C 21 35.46 16.44 12.96
N ILE C 22 35.45 17.76 13.15
CA ILE C 22 36.63 18.44 13.67
C ILE C 22 36.20 19.13 14.97
N TRP C 23 36.84 18.72 16.05
CA TRP C 23 36.55 19.20 17.40
C TRP C 23 37.65 20.10 17.94
N LYS C 24 37.34 21.39 18.04
CA LYS C 24 38.30 22.37 18.54
C LYS C 24 38.16 22.55 20.04
N ILE C 25 39.17 22.10 20.77
CA ILE C 25 39.15 22.24 22.22
C ILE C 25 39.95 23.48 22.62
N SER C 26 39.23 24.53 23.01
CA SER C 26 39.85 25.79 23.44
C SER C 26 40.04 25.82 24.95
N ASP C 27 40.75 26.83 25.43
CA ASP C 27 41.00 27.00 26.85
C ASP C 27 41.68 25.70 27.32
N PHE C 28 42.55 25.17 26.45
CA PHE C 28 43.25 23.91 26.68
C PHE C 28 44.01 23.77 28.00
N ALA C 29 44.94 24.68 28.25
CA ALA C 29 45.74 24.62 29.46
C ALA C 29 44.87 24.39 30.70
N ARG C 30 43.75 25.09 30.76
CA ARG C 30 42.85 24.96 31.91
C ARG C 30 42.21 23.58 31.98
N LYS C 31 41.52 23.19 30.92
CA LYS C 31 40.87 21.89 30.88
C LYS C 31 41.87 20.77 31.11
N ARG C 32 43.11 21.01 30.73
CA ARG C 32 44.17 20.03 30.91
C ARG C 32 44.42 19.90 32.42
N GLN C 33 44.56 21.03 33.10
CA GLN C 33 44.81 21.04 34.55
C GLN C 33 43.64 20.42 35.29
N GLU C 34 42.43 20.71 34.85
CA GLU C 34 41.26 20.16 35.53
C GLU C 34 41.22 18.64 35.49
N ALA C 35 41.89 18.06 34.50
CA ALA C 35 41.97 16.61 34.36
C ALA C 35 43.13 16.11 35.24
N VAL C 36 44.22 16.87 35.23
CA VAL C 36 45.40 16.56 36.03
C VAL C 36 45.01 16.53 37.50
N ALA C 37 44.22 17.53 37.91
CA ALA C 37 43.78 17.64 39.29
C ALA C 37 42.64 16.66 39.60
N GLY C 38 42.16 15.97 38.56
CA GLY C 38 41.08 15.03 38.74
C GLY C 38 39.68 15.61 38.92
N ARG C 39 39.52 16.93 38.77
CA ARG C 39 38.19 17.51 38.93
C ARG C 39 37.30 17.16 37.74
N ILE C 40 37.88 17.17 36.55
CA ILE C 40 37.14 16.86 35.32
C ILE C 40 38.01 15.98 34.40
N PRO C 41 38.08 14.67 34.66
CA PRO C 41 38.88 13.74 33.85
C PRO C 41 38.51 13.58 32.39
N ALA C 42 37.22 13.74 32.07
CA ALA C 42 36.78 13.58 30.67
C ALA C 42 35.87 14.69 30.18
N ILE C 43 35.80 14.80 28.86
CA ILE C 43 34.97 15.78 28.19
C ILE C 43 34.33 15.14 26.97
N PHE C 44 33.06 15.41 26.74
CA PHE C 44 32.35 14.91 25.57
C PHE C 44 32.38 16.01 24.53
N SER C 45 32.34 15.61 23.26
CA SER C 45 32.35 16.57 22.18
C SER C 45 30.92 16.62 21.72
N PRO C 46 30.59 17.60 20.87
CA PRO C 46 29.24 17.74 20.33
C PRO C 46 29.03 16.49 19.46
N ALA C 47 27.78 16.24 19.08
CA ALA C 47 27.46 15.07 18.28
C ALA C 47 27.57 15.34 16.78
N PHE C 48 27.73 14.27 16.00
CA PHE C 48 27.78 14.38 14.55
C PHE C 48 27.19 13.08 13.98
N TYR C 49 26.94 13.05 12.67
CA TYR C 49 26.31 11.87 12.09
C TYR C 49 26.97 11.36 10.81
N THR C 50 26.67 10.12 10.43
CA THR C 50 27.22 9.52 9.23
C THR C 50 26.46 10.02 7.99
N SER C 51 25.22 10.47 8.19
CA SER C 51 24.36 10.99 7.12
C SER C 51 23.21 11.74 7.78
N ARG C 52 22.46 12.49 6.99
CA ARG C 52 21.35 13.26 7.54
C ARG C 52 20.48 12.47 8.53
N TYR C 53 20.25 11.20 8.27
CA TYR C 53 19.44 10.39 9.18
C TYR C 53 20.20 9.10 9.46
N GLY C 54 21.49 9.24 9.76
CA GLY C 54 22.31 8.09 10.04
C GLY C 54 22.61 7.91 11.51
N TYR C 55 23.70 7.24 11.81
CA TYR C 55 24.08 7.00 13.19
C TYR C 55 24.49 8.31 13.86
N LYS C 56 24.16 8.44 15.15
CA LYS C 56 24.54 9.62 15.93
C LYS C 56 25.74 9.21 16.78
N MET C 57 26.78 10.03 16.76
CA MET C 57 28.01 9.70 17.48
C MET C 57 28.67 10.94 18.08
N CYS C 58 29.59 10.73 19.02
CA CYS C 58 30.33 11.82 19.60
C CYS C 58 31.66 11.25 20.09
N LEU C 59 32.53 12.10 20.59
CA LEU C 59 33.83 11.66 21.07
C LEU C 59 33.99 11.99 22.54
N ARG C 60 34.83 11.24 23.25
CA ARG C 60 35.09 11.53 24.66
C ARG C 60 36.60 11.49 24.83
N ILE C 61 37.14 12.53 25.44
CA ILE C 61 38.58 12.64 25.66
C ILE C 61 38.93 12.81 27.14
N TYR C 62 40.09 12.28 27.51
CA TYR C 62 40.63 12.38 28.87
C TYR C 62 41.97 13.05 28.65
N LEU C 63 42.05 14.31 29.01
CA LEU C 63 43.27 15.09 28.78
C LEU C 63 44.49 14.64 29.56
N ASN C 64 44.27 13.84 30.60
CA ASN C 64 45.38 13.32 31.40
C ASN C 64 45.33 11.81 31.47
N GLY C 65 44.69 11.20 30.48
CA GLY C 65 44.61 9.75 30.39
C GLY C 65 43.56 8.97 31.15
N ASP C 66 43.33 7.74 30.70
CA ASP C 66 42.37 6.81 31.29
C ASP C 66 43.00 5.41 31.26
N GLY C 67 42.53 4.52 32.13
CA GLY C 67 43.06 3.16 32.19
C GLY C 67 44.57 3.07 32.02
N THR C 68 45.01 2.24 31.08
CA THR C 68 46.43 2.04 30.84
C THR C 68 47.19 3.34 30.54
N GLY C 69 46.47 4.38 30.10
CA GLY C 69 47.13 5.64 29.78
C GLY C 69 47.03 6.72 30.85
N ARG C 70 46.40 6.39 31.97
CA ARG C 70 46.22 7.36 33.06
C ARG C 70 47.51 8.03 33.50
N GLY C 71 47.63 9.33 33.27
CA GLY C 71 48.79 10.07 33.69
C GLY C 71 49.96 10.20 32.70
N THR C 72 49.96 9.40 31.65
CA THR C 72 51.04 9.46 30.68
C THR C 72 50.55 9.80 29.28
N HIS C 73 49.29 9.49 29.02
CA HIS C 73 48.73 9.71 27.70
C HIS C 73 47.44 10.49 27.68
N LEU C 74 47.14 11.02 26.50
CA LEU C 74 45.87 11.70 26.28
C LEU C 74 45.07 10.49 25.77
N SER C 75 43.88 10.25 26.33
CA SER C 75 43.06 9.13 25.88
C SER C 75 41.90 9.65 25.04
N LEU C 76 41.64 9.01 23.92
CA LEU C 76 40.57 9.45 23.02
C LEU C 76 39.68 8.27 22.63
N PHE C 77 38.39 8.38 22.91
CA PHE C 77 37.44 7.33 22.59
C PHE C 77 36.29 7.78 21.68
N PHE C 78 35.73 6.80 20.98
CA PHE C 78 34.60 6.97 20.07
C PHE C 78 33.33 6.59 20.85
N VAL C 79 32.22 7.29 20.61
CA VAL C 79 30.98 6.99 21.31
C VAL C 79 29.75 6.89 20.40
N VAL C 80 29.07 5.74 20.43
CA VAL C 80 27.85 5.54 19.64
C VAL C 80 26.70 6.05 20.51
N MET C 81 25.94 7.02 20.02
CA MET C 81 24.82 7.53 20.80
C MET C 81 23.46 7.05 20.33
N LYS C 82 22.43 7.25 21.15
CA LYS C 82 21.09 6.86 20.75
C LYS C 82 20.60 7.93 19.78
N GLY C 83 20.49 7.54 18.52
CA GLY C 83 20.01 8.45 17.51
C GLY C 83 18.51 8.33 17.29
N PRO C 84 17.91 9.29 16.60
CA PRO C 84 16.47 9.39 16.29
C PRO C 84 15.96 8.36 15.29
N ASN C 85 16.87 7.71 14.57
CA ASN C 85 16.49 6.77 13.54
C ASN C 85 17.12 5.40 13.72
N ASP C 86 17.62 5.11 14.92
CA ASP C 86 18.27 3.83 15.15
C ASP C 86 17.48 2.63 14.63
N ALA C 87 16.16 2.70 14.76
CA ALA C 87 15.25 1.64 14.32
C ALA C 87 15.43 1.29 12.85
N LEU C 88 15.76 2.29 12.05
CA LEU C 88 15.94 2.09 10.62
C LEU C 88 17.38 1.69 10.25
N LEU C 89 18.28 1.65 11.22
CA LEU C 89 19.68 1.31 10.94
C LEU C 89 20.10 -0.13 11.26
N ARG C 90 21.18 -0.57 10.63
CA ARG C 90 21.71 -1.91 10.85
C ARG C 90 22.55 -1.94 12.12
N TRP C 91 22.41 -3.00 12.91
CA TRP C 91 23.17 -3.13 14.14
C TRP C 91 23.74 -4.54 14.27
N PRO C 92 24.90 -4.68 14.94
CA PRO C 92 25.70 -3.61 15.57
C PRO C 92 26.42 -2.67 14.59
N PHE C 93 26.93 -1.55 15.13
CA PHE C 93 27.68 -0.55 14.36
C PHE C 93 28.98 -1.21 13.89
N ASN C 94 29.30 -1.10 12.60
CA ASN C 94 30.52 -1.75 12.14
C ASN C 94 31.32 -0.94 11.11
N GLN C 95 31.41 0.37 11.28
CA GLN C 95 32.15 1.21 10.32
C GLN C 95 33.54 1.53 10.89
N LYS C 96 34.54 1.53 10.02
CA LYS C 96 35.89 1.88 10.44
C LYS C 96 35.89 3.30 11.01
N VAL C 97 36.70 3.53 12.03
CA VAL C 97 36.79 4.85 12.67
C VAL C 97 38.25 5.30 12.75
N THR C 98 38.53 6.49 12.25
CA THR C 98 39.87 7.06 12.32
C THR C 98 39.85 8.25 13.28
N LEU C 99 40.83 8.31 14.18
CA LEU C 99 40.92 9.39 15.15
C LEU C 99 42.26 10.10 14.99
N MET C 100 42.25 11.43 15.02
CA MET C 100 43.46 12.22 14.83
C MET C 100 43.60 13.41 15.78
N LEU C 101 44.86 13.73 16.10
CA LEU C 101 45.19 14.91 16.90
C LEU C 101 45.96 15.70 15.85
N LEU C 102 45.38 16.81 15.40
CA LEU C 102 45.98 17.59 14.34
C LEU C 102 47.18 18.47 14.66
N ASP C 103 48.23 18.34 13.84
CA ASP C 103 49.41 19.16 13.99
C ASP C 103 49.06 20.45 13.25
N GLN C 104 49.06 21.57 13.97
CA GLN C 104 48.69 22.84 13.37
C GLN C 104 49.71 23.37 12.36
N ASN C 105 50.88 22.73 12.29
CA ASN C 105 51.89 23.11 11.30
C ASN C 105 51.68 22.15 10.13
N ASN C 106 50.80 21.18 10.32
CA ASN C 106 50.45 20.21 9.29
C ASN C 106 51.65 19.35 8.87
N ARG C 107 52.61 19.19 9.78
CA ARG C 107 53.80 18.37 9.51
C ARG C 107 53.57 16.89 9.86
N GLU C 108 53.24 16.62 11.12
CA GLU C 108 53.00 15.26 11.55
C GLU C 108 51.79 15.15 12.49
N HIS C 109 50.67 14.66 11.98
CA HIS C 109 49.47 14.51 12.80
C HIS C 109 49.57 13.21 13.59
N VAL C 110 48.89 13.17 14.74
CA VAL C 110 48.85 11.98 15.55
C VAL C 110 47.61 11.26 15.01
N ILE C 111 47.72 9.96 14.77
CA ILE C 111 46.59 9.22 14.23
C ILE C 111 46.56 7.75 14.62
N ASP C 112 45.37 7.19 14.60
CA ASP C 112 45.17 5.77 14.91
C ASP C 112 43.80 5.46 14.26
N ALA C 113 43.52 4.18 14.07
CA ALA C 113 42.26 3.76 13.45
C ALA C 113 41.96 2.31 13.80
N PHE C 114 40.68 1.98 13.82
CA PHE C 114 40.27 0.63 14.16
C PHE C 114 38.92 0.27 13.55
N ARG C 115 38.63 -1.02 13.54
CA ARG C 115 37.35 -1.53 13.08
C ARG C 115 36.66 -1.90 14.39
N PRO C 116 35.35 -1.65 14.48
CA PRO C 116 34.62 -1.95 15.70
C PRO C 116 34.67 -3.42 16.12
N ASP C 117 34.61 -3.63 17.43
CA ASP C 117 34.57 -4.96 17.99
C ASP C 117 33.07 -5.29 18.07
N VAL C 118 32.58 -5.95 17.05
CA VAL C 118 31.18 -6.36 16.89
C VAL C 118 30.54 -7.02 18.11
N THR C 119 31.35 -7.61 18.98
CA THR C 119 30.84 -8.28 20.17
C THR C 119 30.79 -7.36 21.39
N SER C 120 31.45 -6.21 21.29
CA SER C 120 31.46 -5.27 22.41
C SER C 120 30.12 -4.55 22.54
N SER C 121 29.73 -4.26 23.78
CA SER C 121 28.48 -3.57 24.07
C SER C 121 28.59 -2.12 23.55
N SER C 122 29.83 -1.68 23.32
CA SER C 122 30.07 -0.32 22.84
C SER C 122 29.45 -0.06 21.46
N PHE C 123 29.24 -1.12 20.67
CA PHE C 123 28.69 -0.93 19.34
C PHE C 123 27.30 -1.48 19.04
N GLN C 124 26.58 -1.95 20.06
CA GLN C 124 25.24 -2.48 19.86
C GLN C 124 24.25 -1.30 19.80
N ARG C 125 23.02 -1.55 19.37
CA ARG C 125 22.04 -0.46 19.33
C ARG C 125 21.92 0.10 20.76
N PRO C 126 21.99 1.44 20.91
CA PRO C 126 21.91 2.07 22.23
C PRO C 126 20.59 1.92 22.95
N VAL C 127 20.66 1.73 24.27
CA VAL C 127 19.49 1.64 25.12
C VAL C 127 19.52 2.89 25.99
N ASN C 128 20.73 3.39 26.22
CA ASN C 128 20.94 4.61 27.00
C ASN C 128 21.28 5.74 26.03
N ASP C 129 21.40 6.97 26.52
CA ASP C 129 21.70 8.07 25.61
C ASP C 129 23.03 7.86 24.89
N MET C 130 23.95 7.17 25.57
CA MET C 130 25.27 6.88 25.02
C MET C 130 25.72 5.50 25.45
N ASN C 131 26.47 4.81 24.59
CA ASN C 131 27.02 3.50 24.96
C ASN C 131 28.34 3.80 25.66
N ILE C 132 28.97 2.76 26.18
CA ILE C 132 30.27 2.87 26.81
C ILE C 132 31.25 3.26 25.70
N ALA C 133 32.04 4.29 25.92
CA ALA C 133 33.00 4.73 24.90
C ALA C 133 34.06 3.67 24.68
N SER C 134 34.56 3.59 23.46
CA SER C 134 35.58 2.61 23.14
C SER C 134 36.56 3.26 22.19
N GLY C 135 37.85 2.94 22.34
CA GLY C 135 38.82 3.55 21.45
C GLY C 135 40.29 3.41 21.77
N CYS C 136 40.93 4.54 22.07
CA CYS C 136 42.37 4.58 22.31
C CYS C 136 42.87 5.13 23.65
N PRO C 137 43.07 4.25 24.64
CA PRO C 137 43.58 4.68 25.95
C PRO C 137 45.01 5.27 25.88
N LEU C 138 45.80 4.84 24.90
CA LEU C 138 47.17 5.35 24.72
C LEU C 138 47.28 6.13 23.42
N PHE C 139 46.26 6.92 23.11
CA PHE C 139 46.23 7.67 21.86
C PHE C 139 47.46 8.51 21.61
N CYS C 140 47.85 9.31 22.61
CA CYS C 140 49.00 10.19 22.43
C CYS C 140 49.76 10.46 23.75
N PRO C 141 51.10 10.32 23.73
CA PRO C 141 51.88 10.57 24.95
C PRO C 141 51.77 12.04 25.36
N VAL C 142 51.57 12.30 26.65
CA VAL C 142 51.46 13.66 27.16
C VAL C 142 52.68 14.52 26.82
N SER C 143 53.87 13.92 26.91
CA SER C 143 55.10 14.60 26.61
C SER C 143 55.15 15.08 25.17
N LYS C 144 54.95 14.15 24.24
CA LYS C 144 54.97 14.50 22.82
C LYS C 144 54.26 15.83 22.61
N MET C 145 52.98 15.79 22.25
CA MET C 145 52.24 17.03 22.08
C MET C 145 52.14 17.63 23.47
N GLU C 146 51.24 18.59 23.65
CA GLU C 146 51.06 19.25 24.93
C GLU C 146 52.26 20.12 25.28
N ALA C 147 53.42 19.51 25.53
CA ALA C 147 54.63 20.27 25.84
C ALA C 147 54.96 21.13 24.61
N LYS C 148 56.23 21.16 24.21
CA LYS C 148 56.56 21.95 23.04
C LYS C 148 55.70 21.44 21.87
N ASN C 149 56.31 21.26 20.70
CA ASN C 149 55.53 20.75 19.59
C ASN C 149 54.47 21.76 19.16
N SER C 150 53.90 21.53 17.98
CA SER C 150 52.87 22.40 17.43
C SER C 150 51.48 21.81 17.39
N TYR C 151 51.11 21.02 18.39
CA TYR C 151 49.77 20.47 18.43
C TYR C 151 48.89 21.44 19.21
N VAL C 152 49.51 22.12 20.18
CA VAL C 152 48.79 23.11 20.97
C VAL C 152 49.25 24.48 20.50
N ARG C 153 48.32 25.28 19.98
CA ARG C 153 48.69 26.60 19.51
C ARG C 153 47.64 27.59 19.97
N ASP C 154 48.08 28.74 20.48
CA ASP C 154 47.17 29.76 20.97
C ASP C 154 46.16 29.15 21.94
N ASP C 155 46.66 28.27 22.79
CA ASP C 155 45.90 27.58 23.83
C ASP C 155 44.70 26.76 23.38
N ALA C 156 44.85 26.05 22.27
CA ALA C 156 43.78 25.20 21.76
C ALA C 156 44.34 24.06 20.90
N ILE C 157 43.62 22.96 20.84
CA ILE C 157 44.04 21.82 20.02
C ILE C 157 42.84 21.44 19.15
N PHE C 158 43.10 20.71 18.08
CA PHE C 158 42.03 20.25 17.20
C PHE C 158 42.07 18.74 17.09
N ILE C 159 40.92 18.13 17.32
CA ILE C 159 40.77 16.68 17.24
C ILE C 159 39.92 16.42 16.00
N LYS C 160 40.25 15.36 15.26
CA LYS C 160 39.50 15.02 14.07
C LYS C 160 39.17 13.53 14.01
N ALA C 161 37.94 13.24 13.64
CA ALA C 161 37.47 11.86 13.51
C ALA C 161 36.90 11.69 12.11
N ILE C 162 37.10 10.50 11.55
CA ILE C 162 36.59 10.18 10.23
C ILE C 162 35.95 8.81 10.31
N VAL C 163 34.63 8.76 10.12
CA VAL C 163 33.94 7.49 10.14
C VAL C 163 33.76 7.02 8.70
N ASP C 164 34.33 5.87 8.37
CA ASP C 164 34.21 5.33 7.01
C ASP C 164 32.77 4.99 6.64
N LEU C 165 32.34 5.43 5.46
CA LEU C 165 30.96 5.19 5.02
C LEU C 165 30.71 3.97 4.13
N THR C 166 31.74 3.17 3.89
CA THR C 166 31.58 1.95 3.09
C THR C 166 30.35 1.13 3.53
N GLY C 167 29.43 0.92 2.59
CA GLY C 167 28.23 0.16 2.89
C GLY C 167 27.02 1.00 3.29
N LEU C 168 27.22 2.30 3.45
CA LEU C 168 26.13 3.19 3.85
C LEU C 168 25.61 4.05 2.69
N ALA D 1 8.86 35.37 21.43
CA ALA D 1 10.34 35.14 21.32
C ALA D 1 10.79 34.23 22.45
N MET D 2 9.82 33.74 23.23
CA MET D 2 10.11 32.85 24.34
C MET D 2 9.87 31.42 23.88
N ALA D 3 8.62 31.14 23.55
CA ALA D 3 8.23 29.83 23.05
C ALA D 3 8.36 29.96 21.53
N ASP D 4 8.65 31.20 21.11
CA ASP D 4 8.81 31.51 19.70
C ASP D 4 10.19 31.04 19.24
N LEU D 5 11.22 31.45 19.98
CA LEU D 5 12.59 31.10 19.63
C LEU D 5 12.83 29.59 19.54
N GLU D 6 12.22 28.84 20.44
CA GLU D 6 12.36 27.38 20.43
C GLU D 6 11.61 26.84 19.23
N GLN D 7 10.36 27.23 19.12
CA GLN D 7 9.53 26.78 18.01
C GLN D 7 10.36 26.77 16.73
N LYS D 8 11.13 27.84 16.54
CA LYS D 8 11.96 27.99 15.36
C LYS D 8 13.25 27.16 15.42
N VAL D 9 13.77 26.94 16.62
CA VAL D 9 14.99 26.15 16.76
C VAL D 9 14.75 24.70 16.43
N LEU D 10 13.53 24.23 16.68
CA LEU D 10 13.20 22.85 16.37
C LEU D 10 13.00 22.70 14.87
N GLU D 11 12.31 23.65 14.25
CA GLU D 11 12.10 23.58 12.81
C GLU D 11 13.46 23.62 12.09
N MET D 12 14.36 24.45 12.61
CA MET D 12 15.69 24.56 12.00
C MET D 12 16.45 23.25 12.14
N GLU D 13 16.26 22.61 13.28
CA GLU D 13 16.89 21.33 13.59
C GLU D 13 16.39 20.22 12.66
N ALA D 14 15.14 20.34 12.21
CA ALA D 14 14.51 19.36 11.32
C ALA D 14 14.78 19.52 9.83
N SER D 15 14.82 20.76 9.36
CA SER D 15 15.05 21.03 7.95
C SER D 15 16.19 20.28 7.26
N THR D 16 15.99 20.01 5.97
CA THR D 16 16.97 19.35 5.12
C THR D 16 17.03 20.22 3.87
N TYR D 17 18.11 20.11 3.09
CA TYR D 17 18.23 20.92 1.90
C TYR D 17 18.57 20.16 0.61
N ASP D 18 18.15 18.91 0.55
CA ASP D 18 18.42 18.13 -0.65
C ASP D 18 17.18 17.39 -1.17
N GLY D 19 15.99 17.89 -0.83
CA GLY D 19 14.77 17.24 -1.31
C GLY D 19 14.38 15.94 -0.62
N VAL D 20 15.22 15.45 0.28
CA VAL D 20 14.92 14.21 0.98
C VAL D 20 14.56 14.53 2.43
N PHE D 21 13.38 14.06 2.86
CA PHE D 21 12.88 14.33 4.19
C PHE D 21 12.30 13.10 4.89
N ILE D 22 12.68 12.90 6.16
CA ILE D 22 12.17 11.80 6.95
C ILE D 22 11.52 12.42 8.20
N TRP D 23 10.22 12.20 8.31
CA TRP D 23 9.42 12.75 9.39
C TRP D 23 9.01 11.69 10.40
N LYS D 24 9.53 11.84 11.61
CA LYS D 24 9.20 10.90 12.68
C LYS D 24 8.05 11.45 13.49
N ILE D 25 6.93 10.74 13.48
CA ILE D 25 5.75 11.15 14.21
C ILE D 25 5.65 10.35 15.52
N SER D 26 5.96 11.01 16.63
CA SER D 26 5.90 10.38 17.95
C SER D 26 4.55 10.62 18.63
N ASP D 27 4.31 9.95 19.75
CA ASP D 27 3.06 10.07 20.50
C ASP D 27 1.91 9.70 19.57
N PHE D 28 2.22 8.80 18.63
CA PHE D 28 1.30 8.31 17.61
C PHE D 28 -0.11 7.93 18.07
N ALA D 29 -0.22 7.08 19.08
CA ALA D 29 -1.52 6.62 19.58
C ALA D 29 -2.46 7.77 19.95
N ARG D 30 -1.90 8.80 20.56
CA ARG D 30 -2.68 9.97 20.97
C ARG D 30 -3.12 10.83 19.79
N LYS D 31 -2.18 11.10 18.89
CA LYS D 31 -2.49 11.91 17.71
C LYS D 31 -3.47 11.17 16.82
N ARG D 32 -3.39 9.84 16.78
CA ARG D 32 -4.28 9.05 15.96
C ARG D 32 -5.69 9.11 16.54
N GLN D 33 -5.76 9.19 17.87
CA GLN D 33 -7.04 9.23 18.56
C GLN D 33 -7.71 10.59 18.35
N GLU D 34 -6.90 11.65 18.34
CA GLU D 34 -7.44 12.98 18.17
C GLU D 34 -8.00 13.14 16.78
N ALA D 35 -7.48 12.36 15.84
CA ALA D 35 -7.95 12.40 14.46
C ALA D 35 -9.29 11.69 14.42
N VAL D 36 -9.32 10.47 14.96
CA VAL D 36 -10.54 9.68 14.99
C VAL D 36 -11.66 10.48 15.66
N ALA D 37 -11.35 11.10 16.79
CA ALA D 37 -12.31 11.90 17.55
C ALA D 37 -12.69 13.21 16.86
N GLY D 38 -11.95 13.55 15.81
CA GLY D 38 -12.25 14.76 15.08
C GLY D 38 -11.75 16.06 15.69
N ARG D 39 -11.01 15.98 16.80
CA ARG D 39 -10.49 17.19 17.42
C ARG D 39 -9.34 17.73 16.58
N ILE D 40 -8.45 16.84 16.13
CA ILE D 40 -7.32 17.26 15.31
C ILE D 40 -7.18 16.31 14.12
N PRO D 41 -7.87 16.62 13.00
CA PRO D 41 -7.91 15.87 11.74
C PRO D 41 -6.59 15.74 11.00
N ALA D 42 -5.79 16.81 10.98
CA ALA D 42 -4.51 16.79 10.27
C ALA D 42 -3.39 17.47 11.02
N ILE D 43 -2.16 17.15 10.61
CA ILE D 43 -0.97 17.71 11.21
C ILE D 43 0.01 18.10 10.11
N PHE D 44 0.78 19.16 10.33
CA PHE D 44 1.77 19.58 9.36
C PHE D 44 3.13 19.13 9.87
N SER D 45 4.03 18.86 8.92
CA SER D 45 5.38 18.43 9.25
C SER D 45 6.28 19.67 9.19
N PRO D 46 7.52 19.54 9.68
CA PRO D 46 8.43 20.67 9.62
C PRO D 46 8.75 20.86 8.13
N ALA D 47 9.35 21.99 7.79
CA ALA D 47 9.70 22.32 6.40
C ALA D 47 11.07 21.80 5.95
N PHE D 48 11.20 21.54 4.65
CA PHE D 48 12.44 21.07 4.05
C PHE D 48 12.55 21.65 2.63
N TYR D 49 13.77 21.72 2.10
CA TYR D 49 13.97 22.36 0.79
C TYR D 49 14.64 21.48 -0.27
N THR D 50 14.47 21.85 -1.54
CA THR D 50 15.09 21.10 -2.63
C THR D 50 16.59 21.44 -2.73
N SER D 51 16.94 22.65 -2.31
CA SER D 51 18.33 23.11 -2.32
C SER D 51 18.47 24.18 -1.25
N ARG D 52 19.69 24.60 -0.94
CA ARG D 52 19.83 25.60 0.10
C ARG D 52 18.89 26.78 -0.14
N TYR D 53 18.73 27.19 -1.39
CA TYR D 53 17.81 28.29 -1.69
C TYR D 53 16.70 27.91 -2.65
N GLY D 54 16.22 26.67 -2.54
CA GLY D 54 15.17 26.20 -3.43
C GLY D 54 13.76 26.37 -2.91
N TYR D 55 12.88 25.47 -3.37
CA TYR D 55 11.50 25.51 -2.94
C TYR D 55 11.39 25.11 -1.48
N LYS D 56 10.45 25.72 -0.77
CA LYS D 56 10.19 25.38 0.62
C LYS D 56 8.93 24.52 0.58
N MET D 57 8.96 23.38 1.27
CA MET D 57 7.84 22.45 1.26
C MET D 57 7.65 21.74 2.61
N CYS D 58 6.46 21.19 2.83
CA CYS D 58 6.24 20.38 4.02
C CYS D 58 5.19 19.35 3.66
N LEU D 59 4.84 18.51 4.62
CA LEU D 59 3.85 17.48 4.37
C LEU D 59 2.68 17.68 5.33
N ARG D 60 1.54 17.08 5.00
CA ARG D 60 0.36 17.16 5.87
C ARG D 60 -0.25 15.77 5.87
N ILE D 61 -0.56 15.27 7.05
CA ILE D 61 -1.14 13.95 7.17
C ILE D 61 -2.44 13.94 7.99
N TYR D 62 -3.40 13.14 7.55
CA TYR D 62 -4.67 12.98 8.26
C TYR D 62 -4.64 11.55 8.76
N LEU D 63 -4.36 11.39 10.06
CA LEU D 63 -4.26 10.05 10.64
C LEU D 63 -5.49 9.17 10.52
N ASN D 64 -6.66 9.76 10.26
CA ASN D 64 -7.88 8.98 10.08
C ASN D 64 -8.54 9.26 8.74
N GLY D 65 -7.75 9.74 7.78
CA GLY D 65 -8.27 10.00 6.45
C GLY D 65 -8.86 11.36 6.12
N ASP D 66 -8.95 11.62 4.82
CA ASP D 66 -9.50 12.84 4.27
C ASP D 66 -10.21 12.40 3.00
N GLY D 67 -11.28 13.10 2.62
CA GLY D 67 -12.02 12.76 1.41
C GLY D 67 -12.31 11.28 1.19
N THR D 68 -11.96 10.77 0.01
CA THR D 68 -12.20 9.37 -0.32
C THR D 68 -11.59 8.40 0.69
N GLY D 69 -10.66 8.87 1.51
CA GLY D 69 -10.04 8.00 2.50
C GLY D 69 -10.52 8.25 3.92
N ARG D 70 -11.49 9.14 4.08
CA ARG D 70 -12.04 9.48 5.39
C ARG D 70 -12.46 8.26 6.19
N GLY D 71 -11.90 8.13 7.39
CA GLY D 71 -12.22 7.02 8.28
C GLY D 71 -11.73 5.64 7.88
N THR D 72 -11.09 5.51 6.72
CA THR D 72 -10.60 4.19 6.28
C THR D 72 -9.11 4.13 5.93
N HIS D 73 -8.55 5.28 5.58
CA HIS D 73 -7.13 5.33 5.23
C HIS D 73 -6.35 6.47 5.86
N LEU D 74 -5.05 6.29 5.85
CA LEU D 74 -4.12 7.29 6.31
C LEU D 74 -4.01 8.11 5.02
N SER D 75 -4.27 9.42 5.09
CA SER D 75 -4.16 10.22 3.88
C SER D 75 -2.90 11.09 4.02
N LEU D 76 -2.05 11.08 2.99
CA LEU D 76 -0.80 11.85 3.06
C LEU D 76 -0.69 12.80 1.89
N PHE D 77 -0.38 14.06 2.16
CA PHE D 77 -0.28 15.06 1.10
C PHE D 77 1.04 15.86 1.13
N PHE D 78 1.37 16.42 -0.02
CA PHE D 78 2.56 17.25 -0.22
C PHE D 78 2.10 18.71 -0.13
N VAL D 79 2.97 19.57 0.39
CA VAL D 79 2.62 20.98 0.54
C VAL D 79 3.68 21.97 0.03
N VAL D 80 3.30 22.80 -0.94
CA VAL D 80 4.22 23.83 -1.44
C VAL D 80 4.01 25.03 -0.51
N MET D 81 5.09 25.53 0.10
CA MET D 81 5.03 26.67 1.02
C MET D 81 5.67 27.90 0.42
N LYS D 82 5.28 29.08 0.91
CA LYS D 82 5.87 30.31 0.40
C LYS D 82 7.31 30.31 0.88
N GLY D 83 8.24 30.27 -0.08
CA GLY D 83 9.64 30.28 0.28
C GLY D 83 10.26 31.66 0.18
N PRO D 84 11.39 31.89 0.84
CA PRO D 84 12.06 33.21 0.81
C PRO D 84 12.68 33.53 -0.54
N ASN D 85 12.85 32.52 -1.39
CA ASN D 85 13.47 32.72 -2.70
C ASN D 85 12.54 32.43 -3.87
N ASP D 86 11.23 32.41 -3.62
CA ASP D 86 10.27 32.10 -4.68
C ASP D 86 10.42 32.96 -5.94
N ALA D 87 10.79 34.23 -5.79
CA ALA D 87 10.95 35.08 -6.97
C ALA D 87 12.00 34.58 -7.95
N LEU D 88 12.91 33.72 -7.48
CA LEU D 88 13.99 33.21 -8.32
C LEU D 88 13.76 31.81 -8.89
N LEU D 89 12.63 31.20 -8.53
CA LEU D 89 12.33 29.86 -8.98
C LEU D 89 11.33 29.81 -10.13
N ARG D 90 11.30 28.66 -10.82
CA ARG D 90 10.38 28.49 -11.92
C ARG D 90 9.03 28.02 -11.39
N TRP D 91 7.96 28.59 -11.91
CA TRP D 91 6.62 28.20 -11.50
C TRP D 91 5.79 27.93 -12.74
N PRO D 92 4.84 26.98 -12.65
CA PRO D 92 4.51 26.17 -11.48
C PRO D 92 5.54 25.10 -11.06
N PHE D 93 5.37 24.58 -9.84
CA PHE D 93 6.22 23.52 -9.28
C PHE D 93 5.96 22.25 -10.09
N ASN D 94 7.00 21.66 -10.64
CA ASN D 94 6.83 20.48 -11.48
C ASN D 94 7.88 19.38 -11.26
N GLN D 95 8.18 19.08 -10.00
CA GLN D 95 9.15 18.04 -9.68
C GLN D 95 8.39 16.80 -9.24
N LYS D 96 8.88 15.61 -9.58
CA LYS D 96 8.21 14.39 -9.16
C LYS D 96 8.29 14.30 -7.63
N VAL D 97 7.25 13.75 -7.03
CA VAL D 97 7.20 13.59 -5.58
C VAL D 97 6.94 12.14 -5.19
N THR D 98 7.78 11.60 -4.31
CA THR D 98 7.61 10.23 -3.84
C THR D 98 7.31 10.29 -2.33
N LEU D 99 6.27 9.57 -1.90
CA LEU D 99 5.88 9.56 -0.50
C LEU D 99 5.92 8.13 0.03
N MET D 100 6.42 7.95 1.25
CA MET D 100 6.52 6.61 1.83
C MET D 100 6.25 6.54 3.33
N LEU D 101 5.71 5.40 3.75
CA LEU D 101 5.47 5.09 5.15
C LEU D 101 6.50 3.97 5.34
N LEU D 102 7.52 4.23 6.14
CA LEU D 102 8.58 3.24 6.33
C LEU D 102 8.28 2.05 7.24
N ASP D 103 8.57 0.87 6.70
CA ASP D 103 8.41 -0.36 7.43
C ASP D 103 9.64 -0.40 8.31
N GLN D 104 9.46 -0.38 9.62
CA GLN D 104 10.61 -0.38 10.49
C GLN D 104 11.41 -1.68 10.48
N ASN D 105 10.82 -2.76 9.95
CA ASN D 105 11.56 -4.02 9.83
C ASN D 105 12.31 -3.98 8.49
N ASN D 106 12.03 -2.95 7.69
CA ASN D 106 12.68 -2.75 6.40
C ASN D 106 12.37 -3.83 5.36
N ARG D 107 11.26 -4.53 5.51
CA ARG D 107 10.89 -5.58 4.57
C ARG D 107 10.02 -5.08 3.40
N GLU D 108 8.98 -4.32 3.71
CA GLU D 108 8.08 -3.80 2.68
C GLU D 108 7.51 -2.43 3.05
N HIS D 109 8.03 -1.39 2.43
CA HIS D 109 7.54 -0.05 2.71
C HIS D 109 6.29 0.24 1.90
N VAL D 110 5.51 1.20 2.36
CA VAL D 110 4.30 1.63 1.66
C VAL D 110 4.80 2.82 0.82
N ILE D 111 4.41 2.88 -0.45
CA ILE D 111 4.89 3.96 -1.31
C ILE D 111 3.98 4.30 -2.49
N ASP D 112 4.06 5.56 -2.91
CA ASP D 112 3.29 6.05 -4.05
C ASP D 112 4.12 7.24 -4.54
N ALA D 113 3.85 7.71 -5.75
CA ALA D 113 4.60 8.83 -6.32
C ALA D 113 3.81 9.48 -7.45
N PHE D 114 4.09 10.75 -7.73
CA PHE D 114 3.35 11.44 -8.78
C PHE D 114 4.06 12.66 -9.35
N ARG D 115 3.62 13.10 -10.52
CA ARG D 115 4.16 14.31 -11.11
C ARG D 115 3.06 15.31 -10.85
N PRO D 116 3.43 16.51 -10.42
CA PRO D 116 2.47 17.58 -10.13
C PRO D 116 1.45 17.85 -11.23
N ASP D 117 0.28 18.33 -10.81
CA ASP D 117 -0.77 18.72 -11.75
C ASP D 117 -0.47 20.20 -11.97
N VAL D 118 0.25 20.51 -13.03
CA VAL D 118 0.62 21.89 -13.29
C VAL D 118 -0.52 22.89 -13.40
N THR D 119 -1.75 22.41 -13.50
CA THR D 119 -2.90 23.31 -13.61
C THR D 119 -3.56 23.54 -12.26
N SER D 120 -3.17 22.75 -11.27
CA SER D 120 -3.74 22.89 -9.93
C SER D 120 -3.15 24.04 -9.16
N SER D 121 -3.98 24.68 -8.33
CA SER D 121 -3.56 25.81 -7.51
C SER D 121 -2.50 25.34 -6.51
N SER D 122 -2.51 24.05 -6.21
CA SER D 122 -1.56 23.46 -5.28
C SER D 122 -0.10 23.68 -5.73
N PHE D 123 0.14 23.80 -7.03
CA PHE D 123 1.52 23.97 -7.47
C PHE D 123 1.91 25.32 -8.08
N GLN D 124 1.10 26.34 -7.87
CA GLN D 124 1.41 27.66 -8.38
C GLN D 124 2.25 28.37 -7.32
N ARG D 125 2.87 29.51 -7.67
CA ARG D 125 3.67 30.24 -6.69
C ARG D 125 2.75 30.67 -5.54
N PRO D 126 3.10 30.29 -4.30
CA PRO D 126 2.31 30.63 -3.11
C PRO D 126 2.07 32.11 -2.83
N VAL D 127 0.83 32.43 -2.46
CA VAL D 127 0.47 33.79 -2.11
C VAL D 127 0.29 33.81 -0.58
N ASN D 128 -0.16 32.68 -0.05
CA ASN D 128 -0.34 32.52 1.37
C ASN D 128 0.89 31.77 1.89
N ASP D 129 0.88 31.44 3.18
CA ASP D 129 2.00 30.74 3.77
C ASP D 129 2.12 29.34 3.15
N MET D 130 0.98 28.77 2.79
CA MET D 130 0.92 27.43 2.22
C MET D 130 -0.17 27.33 1.18
N ASN D 131 0.06 26.52 0.13
CA ASN D 131 -0.96 26.30 -0.88
C ASN D 131 -1.80 25.16 -0.35
N ILE D 132 -2.85 24.80 -1.10
CA ILE D 132 -3.71 23.69 -0.75
C ILE D 132 -2.88 22.43 -0.96
N ALA D 133 -2.89 21.52 0.01
CA ALA D 133 -2.09 20.31 -0.11
C ALA D 133 -2.68 19.34 -1.12
N SER D 134 -1.82 18.53 -1.75
CA SER D 134 -2.31 17.52 -2.67
C SER D 134 -1.39 16.32 -2.62
N GLY D 135 -2.00 15.15 -2.73
CA GLY D 135 -1.22 13.95 -2.65
C GLY D 135 -2.07 12.71 -2.83
N CYS D 136 -2.09 11.87 -1.80
CA CYS D 136 -2.80 10.60 -1.84
C CYS D 136 -3.80 10.37 -0.73
N PRO D 137 -5.10 10.65 -0.96
CA PRO D 137 -6.11 10.43 0.08
C PRO D 137 -6.23 8.96 0.49
N LEU D 138 -5.86 8.05 -0.43
CA LEU D 138 -5.93 6.60 -0.13
C LEU D 138 -4.53 5.99 0.02
N PHE D 139 -3.62 6.76 0.59
CA PHE D 139 -2.24 6.33 0.76
C PHE D 139 -2.07 4.96 1.44
N CYS D 140 -2.70 4.77 2.59
CA CYS D 140 -2.54 3.52 3.34
C CYS D 140 -3.77 3.12 4.15
N PRO D 141 -4.24 1.87 4.03
CA PRO D 141 -5.42 1.48 4.81
C PRO D 141 -5.12 1.52 6.32
N VAL D 142 -6.06 2.07 7.08
CA VAL D 142 -5.92 2.17 8.54
C VAL D 142 -5.65 0.80 9.17
N SER D 143 -6.23 -0.24 8.59
CA SER D 143 -6.07 -1.60 9.04
C SER D 143 -4.67 -2.15 8.76
N LYS D 144 -4.21 -2.04 7.51
CA LYS D 144 -2.90 -2.56 7.16
C LYS D 144 -1.93 -2.28 8.29
N MET D 145 -1.53 -1.03 8.44
CA MET D 145 -0.65 -0.63 9.53
C MET D 145 -1.55 -0.24 10.68
N GLU D 146 -0.99 0.36 11.72
CA GLU D 146 -1.77 0.76 12.87
C GLU D 146 -2.12 -0.45 13.71
N ALA D 147 -2.61 -1.51 13.08
CA ALA D 147 -2.98 -2.74 13.79
C ALA D 147 -1.67 -3.43 14.15
N LYS D 148 -1.54 -4.71 13.81
CA LYS D 148 -0.30 -5.42 14.10
C LYS D 148 0.73 -4.70 13.21
N ASN D 149 1.41 -5.43 12.32
CA ASN D 149 2.37 -4.79 11.43
C ASN D 149 3.52 -4.08 12.16
N SER D 150 4.58 -3.78 11.42
CA SER D 150 5.77 -3.14 11.97
C SER D 150 6.02 -1.70 11.51
N TYR D 151 4.95 -0.98 11.16
CA TYR D 151 5.08 0.40 10.76
C TYR D 151 5.10 1.26 12.03
N VAL D 152 4.34 0.83 13.02
CA VAL D 152 4.25 1.55 14.30
C VAL D 152 5.21 0.87 15.29
N ARG D 153 6.19 1.60 15.80
CA ARG D 153 7.15 1.03 16.75
C ARG D 153 7.40 1.99 17.90
N ASP D 154 7.44 1.46 19.12
CA ASP D 154 7.63 2.28 20.30
C ASP D 154 6.81 3.55 20.17
N ASP D 155 5.57 3.39 19.74
CA ASP D 155 4.61 4.47 19.58
C ASP D 155 5.08 5.60 18.67
N ALA D 156 5.58 5.23 17.49
CA ALA D 156 6.03 6.21 16.51
C ALA D 156 6.09 5.58 15.12
N ILE D 157 6.05 6.43 14.10
CA ILE D 157 6.12 5.97 12.72
C ILE D 157 7.02 6.94 11.97
N PHE D 158 7.57 6.49 10.84
CA PHE D 158 8.42 7.33 10.03
C PHE D 158 7.81 7.55 8.67
N ILE D 159 7.73 8.82 8.27
CA ILE D 159 7.18 9.19 6.99
C ILE D 159 8.34 9.76 6.18
N LYS D 160 8.46 9.33 4.92
CA LYS D 160 9.54 9.79 4.07
C LYS D 160 9.06 10.42 2.76
N ALA D 161 9.71 11.50 2.36
CA ALA D 161 9.36 12.16 1.11
C ALA D 161 10.64 12.38 0.33
N ILE D 162 10.55 12.20 -0.97
CA ILE D 162 11.68 12.37 -1.87
C ILE D 162 11.21 13.23 -3.04
N VAL D 163 11.74 14.44 -3.12
CA VAL D 163 11.39 15.33 -4.23
C VAL D 163 12.50 15.19 -5.27
N ASP D 164 12.13 14.75 -6.46
CA ASP D 164 13.09 14.58 -7.55
C ASP D 164 13.73 15.92 -7.90
N LEU D 165 15.05 15.93 -8.08
CA LEU D 165 15.76 17.16 -8.37
C LEU D 165 16.09 17.42 -9.84
N THR D 166 15.61 16.55 -10.73
CA THR D 166 15.87 16.71 -12.17
C THR D 166 15.49 18.07 -12.71
N GLY D 167 16.45 18.75 -13.33
CA GLY D 167 16.22 20.08 -13.89
C GLY D 167 16.64 21.18 -12.92
N LEU D 168 16.83 20.78 -11.66
CA LEU D 168 17.23 21.72 -10.62
C LEU D 168 18.73 21.74 -10.36
N ALA E 1 20.26 38.03 26.67
CA ALA E 1 20.50 36.58 26.44
C ALA E 1 19.44 36.03 25.50
N MET E 2 18.22 36.56 25.62
CA MET E 2 17.12 36.14 24.76
C MET E 2 17.34 36.81 23.41
N ALA E 3 17.77 38.08 23.46
CA ALA E 3 18.04 38.85 22.27
C ALA E 3 19.39 38.42 21.69
N ASP E 4 20.20 37.75 22.50
CA ASP E 4 21.50 37.29 22.04
C ASP E 4 21.30 35.94 21.33
N LEU E 5 20.94 34.92 22.10
CA LEU E 5 20.71 33.59 21.54
C LEU E 5 19.85 33.69 20.30
N GLU E 6 18.92 34.64 20.29
CA GLU E 6 18.05 34.80 19.12
C GLU E 6 18.86 35.35 17.97
N GLN E 7 20.10 35.78 18.26
CA GLN E 7 20.97 36.33 17.22
C GLN E 7 21.85 35.22 16.67
N LYS E 8 22.17 34.24 17.50
CA LYS E 8 23.00 33.12 17.08
C LYS E 8 22.16 32.25 16.15
N VAL E 9 20.87 32.15 16.47
CA VAL E 9 19.94 31.35 15.68
C VAL E 9 19.60 32.08 14.37
N LEU E 10 19.75 33.40 14.37
CA LEU E 10 19.44 34.16 13.18
C LEU E 10 20.65 34.01 12.24
N GLU E 11 21.83 34.04 12.84
CA GLU E 11 23.06 33.90 12.09
C GLU E 11 23.17 32.46 11.59
N MET E 12 22.81 31.49 12.45
CA MET E 12 22.87 30.07 12.07
C MET E 12 21.96 29.77 10.89
N GLU E 13 20.72 30.26 10.99
CA GLU E 13 19.70 30.06 9.99
C GLU E 13 20.12 30.41 8.55
N ALA E 14 20.96 31.42 8.38
CA ALA E 14 21.36 31.82 7.03
C ALA E 14 22.74 31.31 6.59
N SER E 15 23.37 30.49 7.42
CA SER E 15 24.68 29.97 7.10
C SER E 15 24.66 28.90 6.01
N THR E 16 25.69 28.88 5.18
CA THR E 16 25.81 27.85 4.14
C THR E 16 27.26 27.42 4.19
N TYR E 17 27.53 26.16 3.85
CA TYR E 17 28.90 25.68 3.91
C TYR E 17 29.46 25.13 2.60
N ASP E 18 29.24 25.84 1.50
CA ASP E 18 29.77 25.41 0.21
C ASP E 18 30.20 26.60 -0.64
N GLY E 19 30.47 27.73 0.01
CA GLY E 19 30.91 28.92 -0.70
C GLY E 19 29.86 29.62 -1.54
N VAL E 20 28.63 29.13 -1.55
CA VAL E 20 27.56 29.75 -2.32
C VAL E 20 26.63 30.47 -1.35
N PHE E 21 26.37 31.75 -1.62
CA PHE E 21 25.55 32.52 -0.72
C PHE E 21 24.59 33.44 -1.46
N ILE E 22 23.34 33.47 -1.00
CA ILE E 22 22.32 34.33 -1.60
C ILE E 22 21.78 35.24 -0.50
N TRP E 23 21.94 36.53 -0.72
CA TRP E 23 21.53 37.53 0.26
C TRP E 23 20.30 38.31 -0.16
N LYS E 24 19.20 38.08 0.53
CA LYS E 24 17.95 38.78 0.22
C LYS E 24 17.86 40.06 1.03
N ILE E 25 17.97 41.19 0.35
CA ILE E 25 17.89 42.48 1.00
C ILE E 25 16.50 43.09 0.87
N SER E 26 15.74 43.04 1.96
CA SER E 26 14.38 43.58 2.05
C SER E 26 14.36 45.03 2.50
N ASP E 27 13.18 45.65 2.45
CA ASP E 27 13.02 47.04 2.88
C ASP E 27 14.03 47.85 2.10
N PHE E 28 14.26 47.44 0.86
CA PHE E 28 15.22 48.08 -0.03
C PHE E 28 15.13 49.60 -0.17
N ALA E 29 13.93 50.12 -0.37
CA ALA E 29 13.76 51.57 -0.52
C ALA E 29 14.17 52.33 0.73
N ARG E 30 13.90 51.76 1.90
CA ARG E 30 14.28 52.43 3.14
C ARG E 30 15.81 52.41 3.32
N LYS E 31 16.40 51.24 3.15
CA LYS E 31 17.84 51.12 3.33
C LYS E 31 18.57 51.98 2.32
N ARG E 32 18.00 52.08 1.13
CA ARG E 32 18.60 52.87 0.07
C ARG E 32 18.65 54.32 0.53
N GLN E 33 17.52 54.79 1.06
CA GLN E 33 17.40 56.17 1.55
C GLN E 33 18.33 56.47 2.73
N GLU E 34 18.47 55.53 3.65
CA GLU E 34 19.35 55.75 4.80
C GLU E 34 20.81 55.87 4.36
N ALA E 35 21.14 55.25 3.23
CA ALA E 35 22.50 55.32 2.71
C ALA E 35 22.69 56.69 2.10
N VAL E 36 21.73 57.07 1.26
CA VAL E 36 21.76 58.36 0.58
C VAL E 36 21.89 59.51 1.59
N ALA E 37 21.13 59.42 2.68
CA ALA E 37 21.14 60.44 3.72
C ALA E 37 22.42 60.44 4.53
N GLY E 38 23.16 59.33 4.47
CA GLY E 38 24.41 59.22 5.21
C GLY E 38 24.31 58.67 6.62
N ARG E 39 23.12 58.25 7.01
CA ARG E 39 22.91 57.68 8.34
C ARG E 39 23.39 56.24 8.42
N ILE E 40 23.16 55.47 7.34
CA ILE E 40 23.61 54.08 7.29
C ILE E 40 24.18 53.82 5.90
N PRO E 41 25.47 54.15 5.71
CA PRO E 41 26.17 53.98 4.44
C PRO E 41 26.34 52.54 3.98
N ALA E 42 26.65 51.64 4.91
CA ALA E 42 26.90 50.25 4.53
C ALA E 42 26.23 49.22 5.42
N ILE E 43 26.01 48.04 4.86
CA ILE E 43 25.37 46.94 5.58
C ILE E 43 26.15 45.63 5.40
N PHE E 44 26.32 44.86 6.48
CA PHE E 44 27.01 43.58 6.41
C PHE E 44 25.98 42.50 6.21
N SER E 45 26.35 41.43 5.52
CA SER E 45 25.43 40.32 5.31
C SER E 45 25.77 39.26 6.35
N PRO E 46 24.93 38.24 6.47
CA PRO E 46 25.19 37.16 7.43
C PRO E 46 26.45 36.41 6.93
N ALA E 47 27.02 35.56 7.76
CA ALA E 47 28.23 34.84 7.37
C ALA E 47 27.97 33.48 6.75
N PHE E 48 28.88 33.07 5.87
CA PHE E 48 28.80 31.77 5.20
C PHE E 48 30.23 31.21 5.08
N TYR E 49 30.37 29.92 4.74
CA TYR E 49 31.69 29.29 4.70
C TYR E 49 32.01 28.51 3.42
N THR E 50 33.30 28.27 3.17
CA THR E 50 33.72 27.49 1.98
C THR E 50 33.44 26.00 2.18
N SER E 51 33.57 25.54 3.42
CA SER E 51 33.28 24.15 3.75
C SER E 51 32.87 24.16 5.22
N ARG E 52 32.49 22.99 5.74
CA ARG E 52 32.04 22.91 7.14
C ARG E 52 33.02 23.54 8.11
N TYR E 53 34.32 23.34 7.89
CA TYR E 53 35.34 23.92 8.74
C TYR E 53 36.33 24.74 7.90
N GLY E 54 35.78 25.47 6.93
CA GLY E 54 36.61 26.28 6.05
C GLY E 54 36.66 27.74 6.43
N TYR E 55 36.92 28.60 5.45
CA TYR E 55 36.99 30.03 5.71
C TYR E 55 35.62 30.62 6.04
N LYS E 56 35.59 31.60 6.95
CA LYS E 56 34.36 32.28 7.31
C LYS E 56 34.41 33.61 6.54
N MET E 57 33.31 33.95 5.86
CA MET E 57 33.25 35.16 5.02
C MET E 57 31.87 35.81 5.07
N CYS E 58 31.77 37.07 4.62
CA CYS E 58 30.48 37.75 4.55
C CYS E 58 30.62 38.86 3.51
N LEU E 59 29.53 39.57 3.24
CA LEU E 59 29.58 40.65 2.26
C LEU E 59 29.21 41.99 2.89
N ARG E 60 29.63 43.08 2.27
CA ARG E 60 29.30 44.41 2.74
C ARG E 60 28.95 45.25 1.51
N ILE E 61 27.76 45.87 1.55
CA ILE E 61 27.29 46.69 0.43
C ILE E 61 26.99 48.14 0.86
N TYR E 62 27.33 49.08 -0.01
CA TYR E 62 27.06 50.50 0.24
C TYR E 62 26.00 50.85 -0.80
N LEU E 63 24.73 50.86 -0.39
CA LEU E 63 23.62 51.15 -1.31
C LEU E 63 23.71 52.47 -2.07
N ASN E 64 24.56 53.38 -1.62
CA ASN E 64 24.74 54.63 -2.34
C ASN E 64 26.22 54.89 -2.67
N GLY E 65 27.00 53.82 -2.69
CA GLY E 65 28.40 53.92 -3.07
C GLY E 65 29.49 54.16 -2.03
N ASP E 66 30.71 53.84 -2.44
CA ASP E 66 31.88 54.01 -1.61
C ASP E 66 33.01 54.39 -2.53
N GLY E 67 33.86 55.31 -2.08
CA GLY E 67 34.98 55.74 -2.91
C GLY E 67 34.57 56.16 -4.32
N THR E 68 35.29 55.64 -5.31
CA THR E 68 35.02 55.96 -6.71
C THR E 68 33.59 55.76 -7.16
N GLY E 69 32.79 55.03 -6.39
CA GLY E 69 31.41 54.81 -6.78
C GLY E 69 30.39 55.53 -5.91
N ARG E 70 30.86 56.34 -4.97
CA ARG E 70 29.98 57.08 -4.07
C ARG E 70 28.97 57.92 -4.84
N GLY E 71 27.70 57.77 -4.49
CA GLY E 71 26.65 58.54 -5.14
C GLY E 71 26.26 58.16 -6.55
N THR E 72 27.03 57.27 -7.18
CA THR E 72 26.72 56.86 -8.55
C THR E 72 26.56 55.35 -8.68
N HIS E 73 27.22 54.60 -7.79
CA HIS E 73 27.12 53.16 -7.86
C HIS E 73 26.74 52.50 -6.56
N LEU E 74 26.30 51.25 -6.72
CA LEU E 74 25.97 50.40 -5.60
C LEU E 74 27.35 49.73 -5.46
N SER E 75 27.98 49.88 -4.31
CA SER E 75 29.30 49.29 -4.12
C SER E 75 29.20 48.00 -3.31
N LEU E 76 29.76 46.92 -3.86
CA LEU E 76 29.70 45.62 -3.20
C LEU E 76 31.09 45.06 -2.88
N PHE E 77 31.30 44.68 -1.62
CA PHE E 77 32.59 44.15 -1.19
C PHE E 77 32.52 42.76 -0.52
N PHE E 78 33.63 42.04 -0.60
CA PHE E 78 33.80 40.72 0.00
C PHE E 78 34.53 40.94 1.32
N VAL E 79 34.22 40.13 2.33
CA VAL E 79 34.85 40.27 3.65
C VAL E 79 35.33 38.94 4.24
N VAL E 80 36.62 38.84 4.50
CA VAL E 80 37.16 37.64 5.11
C VAL E 80 37.02 37.85 6.62
N MET E 81 36.42 36.88 7.31
CA MET E 81 36.22 36.99 8.77
C MET E 81 37.06 35.99 9.58
N LYS E 82 37.29 36.31 10.86
CA LYS E 82 38.04 35.41 11.73
C LYS E 82 37.23 34.14 11.91
N GLY E 83 37.67 33.05 11.29
CA GLY E 83 36.96 31.80 11.40
C GLY E 83 37.51 30.97 12.56
N PRO E 84 36.70 30.05 13.10
CA PRO E 84 37.09 29.18 14.21
C PRO E 84 38.22 28.19 13.89
N ASN E 85 38.37 27.87 12.61
CA ASN E 85 39.41 26.93 12.20
C ASN E 85 40.55 27.59 11.43
N ASP E 86 40.69 28.92 11.51
CA ASP E 86 41.75 29.61 10.78
C ASP E 86 43.17 29.02 10.94
N ALA E 87 43.47 28.42 12.09
CA ALA E 87 44.80 27.85 12.31
C ALA E 87 45.12 26.68 11.37
N LEU E 88 44.07 26.05 10.85
CA LEU E 88 44.25 24.90 9.98
C LEU E 88 44.16 25.24 8.50
N LEU E 89 43.94 26.52 8.20
CA LEU E 89 43.81 26.96 6.81
C LEU E 89 45.04 27.64 6.22
N ARG E 90 45.12 27.62 4.89
CA ARG E 90 46.23 28.23 4.18
C ARG E 90 46.00 29.73 4.00
N TRP E 91 47.02 30.52 4.32
CA TRP E 91 46.90 31.95 4.15
C TRP E 91 48.07 32.46 3.32
N PRO E 92 47.87 33.57 2.59
CA PRO E 92 46.61 34.34 2.54
C PRO E 92 45.49 33.68 1.71
N PHE E 93 44.28 34.21 1.90
CA PHE E 93 43.09 33.73 1.19
C PHE E 93 43.36 33.93 -0.29
N ASN E 94 43.10 32.92 -1.12
CA ASN E 94 43.38 33.08 -2.54
C ASN E 94 42.41 32.36 -3.48
N GLN E 95 41.12 32.43 -3.17
CA GLN E 95 40.09 31.79 -4.00
C GLN E 95 39.39 32.85 -4.83
N LYS E 96 39.00 32.50 -6.04
CA LYS E 96 38.28 33.46 -6.87
C LYS E 96 36.94 33.78 -6.21
N VAL E 97 36.50 35.04 -6.34
CA VAL E 97 35.22 35.45 -5.78
C VAL E 97 34.33 36.02 -6.89
N THR E 98 33.11 35.49 -7.00
CA THR E 98 32.16 35.97 -8.02
C THR E 98 30.99 36.64 -7.28
N LEU E 99 30.63 37.85 -7.73
CA LEU E 99 29.54 38.63 -7.11
C LEU E 99 28.44 38.95 -8.12
N MET E 100 27.18 38.79 -7.70
CA MET E 100 26.05 39.01 -8.60
C MET E 100 24.82 39.73 -8.03
N LEU E 101 24.20 40.53 -8.88
CA LEU E 101 22.94 41.20 -8.57
C LEU E 101 22.00 40.47 -9.51
N LEU E 102 21.17 39.60 -8.96
CA LEU E 102 20.26 38.79 -9.76
C LEU E 102 19.06 39.52 -10.37
N ASP E 103 18.79 39.26 -11.64
CA ASP E 103 17.64 39.85 -12.32
C ASP E 103 16.44 38.96 -12.02
N GLN E 104 15.44 39.51 -11.33
CA GLN E 104 14.29 38.71 -10.98
C GLN E 104 13.42 38.24 -12.15
N ASN E 105 13.77 38.68 -13.36
CA ASN E 105 13.07 38.20 -14.57
C ASN E 105 13.95 37.18 -15.23
N ASN E 106 15.18 37.09 -14.74
CA ASN E 106 16.15 36.13 -15.24
C ASN E 106 16.51 36.37 -16.70
N ARG E 107 16.71 37.64 -17.05
CA ARG E 107 17.07 38.02 -18.42
C ARG E 107 18.52 38.51 -18.48
N GLU E 108 18.91 39.34 -17.52
CA GLU E 108 20.26 39.87 -17.48
C GLU E 108 20.73 40.12 -16.06
N HIS E 109 21.59 39.23 -15.55
CA HIS E 109 22.12 39.37 -14.21
C HIS E 109 23.36 40.26 -14.26
N VAL E 110 23.62 40.98 -13.17
CA VAL E 110 24.81 41.81 -13.10
C VAL E 110 25.82 40.91 -12.42
N ILE E 111 26.99 40.73 -13.02
CA ILE E 111 28.01 39.88 -12.44
C ILE E 111 29.43 40.39 -12.68
N ASP E 112 30.26 40.25 -11.66
CA ASP E 112 31.65 40.66 -11.74
C ASP E 112 32.42 39.65 -10.88
N ALA E 113 33.73 39.59 -11.02
CA ALA E 113 34.51 38.65 -10.25
C ALA E 113 35.97 39.07 -10.18
N PHE E 114 36.72 38.46 -9.26
CA PHE E 114 38.11 38.78 -9.08
C PHE E 114 38.94 37.72 -8.38
N ARG E 115 40.25 37.80 -8.59
CA ARG E 115 41.18 36.90 -7.94
C ARG E 115 41.74 37.79 -6.84
N PRO E 116 41.83 37.28 -5.62
CA PRO E 116 42.36 38.09 -4.52
C PRO E 116 43.73 38.73 -4.75
N ASP E 117 43.88 39.93 -4.22
CA ASP E 117 45.15 40.65 -4.27
C ASP E 117 45.86 40.13 -3.00
N VAL E 118 46.70 39.13 -3.18
CA VAL E 118 47.43 38.48 -2.09
C VAL E 118 48.36 39.36 -1.25
N THR E 119 48.61 40.58 -1.71
CA THR E 119 49.50 41.47 -0.96
C THR E 119 48.69 42.45 -0.11
N SER E 120 47.36 42.39 -0.24
CA SER E 120 46.49 43.28 0.51
C SER E 120 46.19 42.72 1.92
N SER E 121 45.91 43.61 2.87
CA SER E 121 45.61 43.18 4.23
C SER E 121 44.26 42.47 4.27
N SER E 122 43.42 42.78 3.29
CA SER E 122 42.10 42.19 3.22
C SER E 122 42.10 40.67 3.12
N PHE E 123 43.21 40.08 2.68
CA PHE E 123 43.23 38.63 2.54
C PHE E 123 44.19 37.89 3.46
N GLN E 124 44.76 38.61 4.43
CA GLN E 124 45.68 37.96 5.36
C GLN E 124 44.87 37.29 6.47
N ARG E 125 45.52 36.48 7.29
CA ARG E 125 44.79 35.79 8.37
C ARG E 125 44.24 36.87 9.31
N PRO E 126 42.93 36.83 9.58
CA PRO E 126 42.29 37.81 10.47
C PRO E 126 42.78 37.86 11.91
N VAL E 127 43.02 39.07 12.41
CA VAL E 127 43.41 39.27 13.80
C VAL E 127 42.17 39.85 14.49
N ASN E 128 41.37 40.58 13.72
CA ASN E 128 40.14 41.18 14.21
C ASN E 128 38.99 40.30 13.72
N ASP E 129 37.77 40.59 14.15
CA ASP E 129 36.64 39.80 13.73
C ASP E 129 36.46 39.86 12.20
N MET E 130 36.87 40.96 11.59
CA MET E 130 36.76 41.15 10.14
C MET E 130 37.93 41.92 9.57
N ASN E 131 38.43 41.52 8.38
CA ASN E 131 39.50 42.26 7.74
C ASN E 131 38.79 43.38 6.96
N ILE E 132 39.55 44.33 6.43
CA ILE E 132 38.98 45.40 5.64
C ILE E 132 38.37 44.77 4.38
N ALA E 133 37.14 45.16 4.05
CA ALA E 133 36.45 44.65 2.87
C ALA E 133 37.16 45.09 1.60
N SER E 134 37.06 44.26 0.57
CA SER E 134 37.70 44.52 -0.71
C SER E 134 36.78 43.94 -1.80
N GLY E 135 36.62 44.66 -2.90
CA GLY E 135 35.74 44.18 -3.94
C GLY E 135 35.53 45.10 -5.12
N CYS E 136 34.27 45.46 -5.36
CA CYS E 136 33.89 46.28 -6.51
C CYS E 136 33.18 47.61 -6.22
N PRO E 137 33.93 48.73 -6.15
CA PRO E 137 33.33 50.04 -5.88
C PRO E 137 32.29 50.46 -6.93
N LEU E 138 32.47 49.97 -8.16
CA LEU E 138 31.57 50.30 -9.26
C LEU E 138 30.80 49.06 -9.71
N PHE E 139 30.39 48.24 -8.74
CA PHE E 139 29.66 47.02 -9.04
C PHE E 139 28.47 47.24 -9.95
N CYS E 140 27.58 48.15 -9.58
CA CYS E 140 26.40 48.41 -10.37
C CYS E 140 25.94 49.87 -10.31
N PRO E 141 25.67 50.47 -11.48
CA PRO E 141 25.20 51.86 -11.60
C PRO E 141 23.80 51.99 -10.98
N VAL E 142 23.59 53.04 -10.18
CA VAL E 142 22.30 53.30 -9.50
C VAL E 142 21.14 53.45 -10.48
N SER E 143 21.40 54.03 -11.63
CA SER E 143 20.37 54.23 -12.63
C SER E 143 19.85 52.92 -13.20
N LYS E 144 20.75 51.94 -13.35
CA LYS E 144 20.36 50.64 -13.90
C LYS E 144 19.22 50.10 -13.07
N MET E 145 19.51 49.20 -12.15
CA MET E 145 18.47 48.66 -11.28
C MET E 145 17.85 49.83 -10.50
N GLU E 146 17.49 49.58 -9.23
CA GLU E 146 16.86 50.59 -8.38
C GLU E 146 15.62 51.27 -9.00
N ALA E 147 15.83 52.03 -10.08
CA ALA E 147 14.73 52.71 -10.77
C ALA E 147 13.79 51.66 -11.37
N LYS E 148 13.58 51.71 -12.68
CA LYS E 148 12.71 50.73 -13.34
C LYS E 148 13.35 49.36 -13.16
N ASN E 149 13.59 48.65 -14.27
CA ASN E 149 14.24 47.34 -14.22
C ASN E 149 13.62 46.32 -13.25
N SER E 150 14.17 45.10 -13.28
CA SER E 150 13.68 43.99 -12.45
C SER E 150 14.67 43.41 -11.43
N TYR E 151 15.60 44.23 -10.97
CA TYR E 151 16.52 43.77 -9.95
C TYR E 151 15.85 44.05 -8.60
N VAL E 152 14.88 44.96 -8.62
CA VAL E 152 14.13 45.30 -7.42
C VAL E 152 12.69 44.86 -7.62
N ARG E 153 12.23 43.94 -6.79
CA ARG E 153 10.87 43.46 -6.89
C ARG E 153 10.27 43.31 -5.50
N ASP E 154 9.03 43.77 -5.33
CA ASP E 154 8.39 43.74 -4.02
C ASP E 154 9.29 44.37 -2.96
N ASP E 155 9.98 45.44 -3.35
CA ASP E 155 10.86 46.20 -2.45
C ASP E 155 12.01 45.38 -1.85
N ALA E 156 12.57 44.48 -2.65
CA ALA E 156 13.68 43.65 -2.21
C ALA E 156 14.59 43.26 -3.38
N ILE E 157 15.87 43.01 -3.11
CA ILE E 157 16.82 42.60 -4.14
C ILE E 157 17.58 41.38 -3.67
N PHE E 158 18.16 40.63 -4.61
CA PHE E 158 18.93 39.45 -4.26
C PHE E 158 20.38 39.54 -4.73
N ILE E 159 21.31 39.41 -3.81
CA ILE E 159 22.73 39.43 -4.14
C ILE E 159 23.22 38.01 -3.95
N LYS E 160 24.04 37.54 -4.88
CA LYS E 160 24.56 36.20 -4.81
C LYS E 160 26.07 36.18 -4.93
N ALA E 161 26.72 35.39 -4.08
CA ALA E 161 28.16 35.27 -4.11
C ALA E 161 28.54 33.82 -4.30
N ILE E 162 29.65 33.59 -5.01
CA ILE E 162 30.15 32.25 -5.26
C ILE E 162 31.66 32.24 -5.08
N VAL E 163 32.12 31.57 -4.04
CA VAL E 163 33.55 31.49 -3.79
C VAL E 163 34.09 30.18 -4.37
N ASP E 164 34.95 30.29 -5.37
CA ASP E 164 35.53 29.11 -5.99
C ASP E 164 36.23 28.25 -4.94
N LEU E 165 36.05 26.94 -5.05
CA LEU E 165 36.65 26.02 -4.09
C LEU E 165 37.82 25.23 -4.64
N THR E 166 38.38 25.67 -5.75
CA THR E 166 39.53 24.98 -6.32
C THR E 166 40.72 25.03 -5.36
N GLY E 167 41.32 23.87 -5.12
CA GLY E 167 42.47 23.80 -4.24
C GLY E 167 42.03 23.48 -2.83
N LEU E 168 40.72 23.48 -2.61
CA LEU E 168 40.14 23.19 -1.31
C LEU E 168 39.58 21.77 -1.31
N ALA F 1 -4.57 -32.66 -37.35
CA ALA F 1 -3.39 -33.06 -36.50
C ALA F 1 -2.46 -31.87 -36.26
N MET F 2 -2.31 -31.02 -37.26
CA MET F 2 -1.46 -29.84 -37.13
C MET F 2 -2.37 -28.65 -36.87
N ALA F 3 -3.61 -28.76 -37.31
CA ALA F 3 -4.58 -27.69 -37.11
C ALA F 3 -5.65 -28.10 -36.11
N ASP F 4 -5.67 -29.39 -35.77
CA ASP F 4 -6.64 -29.90 -34.80
C ASP F 4 -6.06 -29.61 -33.42
N LEU F 5 -5.11 -28.68 -33.39
CA LEU F 5 -4.43 -28.25 -32.17
C LEU F 5 -4.59 -26.74 -32.10
N GLU F 6 -4.45 -26.11 -33.26
CA GLU F 6 -4.58 -24.66 -33.39
C GLU F 6 -5.98 -24.24 -32.90
N GLN F 7 -7.01 -24.88 -33.43
CA GLN F 7 -8.39 -24.57 -33.06
C GLN F 7 -8.70 -24.83 -31.58
N LYS F 8 -7.97 -25.77 -30.98
CA LYS F 8 -8.17 -26.11 -29.57
C LYS F 8 -7.60 -25.02 -28.67
N VAL F 9 -6.45 -24.47 -29.08
CA VAL F 9 -5.78 -23.40 -28.35
C VAL F 9 -6.65 -22.15 -28.48
N LEU F 10 -7.36 -22.07 -29.60
CA LEU F 10 -8.26 -20.95 -29.85
C LEU F 10 -9.47 -21.03 -28.95
N GLU F 11 -9.92 -22.25 -28.69
CA GLU F 11 -11.09 -22.41 -27.83
C GLU F 11 -10.67 -22.08 -26.40
N MET F 12 -9.54 -22.65 -25.96
CA MET F 12 -9.02 -22.41 -24.62
C MET F 12 -8.78 -20.92 -24.37
N GLU F 13 -8.22 -20.23 -25.35
CA GLU F 13 -7.94 -18.82 -25.23
C GLU F 13 -9.17 -17.91 -25.07
N ALA F 14 -10.32 -18.39 -25.52
CA ALA F 14 -11.55 -17.60 -25.46
C ALA F 14 -12.47 -17.90 -24.26
N SER F 15 -12.29 -19.08 -23.67
CA SER F 15 -13.11 -19.49 -22.54
C SER F 15 -13.01 -18.66 -21.27
N THR F 16 -14.16 -18.48 -20.60
CA THR F 16 -14.24 -17.76 -19.33
C THR F 16 -14.92 -18.75 -18.41
N TYR F 17 -14.72 -18.61 -17.11
CA TYR F 17 -15.33 -19.54 -16.16
C TYR F 17 -16.14 -18.91 -15.05
N ASP F 18 -16.82 -17.81 -15.36
CA ASP F 18 -17.64 -17.12 -14.36
C ASP F 18 -18.97 -16.62 -14.92
N GLY F 19 -19.49 -17.28 -15.95
CA GLY F 19 -20.76 -16.86 -16.51
C GLY F 19 -20.76 -15.55 -17.28
N VAL F 20 -19.62 -14.85 -17.37
CA VAL F 20 -19.56 -13.60 -18.12
C VAL F 20 -18.73 -13.80 -19.39
N PHE F 21 -19.31 -13.43 -20.54
CA PHE F 21 -18.66 -13.64 -21.83
C PHE F 21 -18.83 -12.44 -22.77
N ILE F 22 -17.74 -12.07 -23.45
CA ILE F 22 -17.78 -10.97 -24.40
C ILE F 22 -17.30 -11.55 -25.73
N TRP F 23 -18.18 -11.51 -26.71
CA TRP F 23 -17.92 -12.05 -28.03
C TRP F 23 -17.78 -10.95 -29.08
N LYS F 24 -16.55 -10.80 -29.58
CA LYS F 24 -16.24 -9.80 -30.59
C LYS F 24 -16.35 -10.44 -31.96
N ILE F 25 -17.23 -9.89 -32.78
CA ILE F 25 -17.46 -10.39 -34.12
C ILE F 25 -16.86 -9.42 -35.15
N SER F 26 -15.76 -9.83 -35.79
CA SER F 26 -15.08 -9.01 -36.79
C SER F 26 -15.59 -9.35 -38.19
N ASP F 27 -15.08 -8.66 -39.21
CA ASP F 27 -15.52 -8.96 -40.56
C ASP F 27 -17.03 -8.91 -40.58
N PHE F 28 -17.56 -8.04 -39.74
CA PHE F 28 -19.00 -7.89 -39.61
C PHE F 28 -19.72 -7.66 -40.92
N ALA F 29 -19.25 -6.71 -41.73
CA ALA F 29 -19.92 -6.42 -43.00
C ALA F 29 -20.02 -7.67 -43.88
N ARG F 30 -18.94 -8.43 -43.98
CA ARG F 30 -18.90 -9.64 -44.81
C ARG F 30 -19.83 -10.74 -44.28
N LYS F 31 -19.72 -11.02 -42.98
CA LYS F 31 -20.53 -12.04 -42.34
C LYS F 31 -22.02 -11.70 -42.40
N ARG F 32 -22.31 -10.41 -42.35
CA ARG F 32 -23.68 -9.91 -42.41
C ARG F 32 -24.23 -10.26 -43.80
N GLN F 33 -23.40 -10.01 -44.82
CA GLN F 33 -23.77 -10.27 -46.20
C GLN F 33 -23.98 -11.76 -46.44
N GLU F 34 -23.09 -12.58 -45.91
CA GLU F 34 -23.21 -14.01 -46.09
C GLU F 34 -24.52 -14.51 -45.48
N ALA F 35 -25.02 -13.78 -44.49
CA ALA F 35 -26.28 -14.14 -43.85
C ALA F 35 -27.41 -13.68 -44.76
N VAL F 36 -27.31 -12.44 -45.26
CA VAL F 36 -28.34 -11.88 -46.13
C VAL F 36 -28.51 -12.70 -47.41
N ALA F 37 -27.39 -13.14 -47.99
CA ALA F 37 -27.43 -13.93 -49.23
C ALA F 37 -27.83 -15.38 -49.01
N GLY F 38 -27.95 -15.78 -47.75
CA GLY F 38 -28.35 -17.15 -47.46
C GLY F 38 -27.25 -18.20 -47.44
N ARG F 39 -26.00 -17.79 -47.63
CA ARG F 39 -24.93 -18.77 -47.61
C ARG F 39 -24.59 -19.19 -46.17
N ILE F 40 -24.50 -18.23 -45.25
CA ILE F 40 -24.19 -18.56 -43.84
C ILE F 40 -25.14 -17.82 -42.89
N PRO F 41 -26.32 -18.40 -42.64
CA PRO F 41 -27.33 -17.78 -41.75
C PRO F 41 -26.97 -17.60 -40.26
N ALA F 42 -26.26 -18.55 -39.68
CA ALA F 42 -25.92 -18.46 -38.26
C ALA F 42 -24.44 -18.69 -37.97
N ILE F 43 -24.01 -18.23 -36.82
CA ILE F 43 -22.63 -18.36 -36.37
C ILE F 43 -22.62 -18.66 -34.88
N PHE F 44 -21.80 -19.63 -34.48
CA PHE F 44 -21.67 -20.00 -33.08
C PHE F 44 -20.49 -19.23 -32.51
N SER F 45 -20.55 -18.93 -31.21
CA SER F 45 -19.48 -18.23 -30.55
C SER F 45 -18.67 -19.28 -29.84
N PRO F 46 -17.49 -18.91 -29.32
CA PRO F 46 -16.63 -19.86 -28.59
C PRO F 46 -17.39 -20.21 -27.31
N ALA F 47 -16.93 -21.24 -26.61
CA ALA F 47 -17.59 -21.70 -25.39
C ALA F 47 -17.09 -21.06 -24.08
N PHE F 48 -18.01 -20.90 -23.11
CA PHE F 48 -17.65 -20.32 -21.82
C PHE F 48 -18.41 -21.10 -20.74
N TYR F 49 -18.00 -20.95 -19.48
CA TYR F 49 -18.63 -21.72 -18.40
C TYR F 49 -19.12 -20.96 -17.16
N THR F 50 -20.05 -21.56 -16.42
CA THR F 50 -20.56 -20.90 -15.21
C THR F 50 -19.54 -21.01 -14.08
N SER F 51 -18.66 -22.01 -14.15
CA SER F 51 -17.60 -22.24 -13.17
C SER F 51 -16.55 -23.18 -13.79
N ARG F 52 -15.41 -23.35 -13.13
CA ARG F 52 -14.35 -24.20 -13.67
C ARG F 52 -14.87 -25.56 -14.11
N TYR F 53 -15.82 -26.10 -13.34
CA TYR F 53 -16.41 -27.38 -13.70
C TYR F 53 -17.93 -27.23 -13.80
N GLY F 54 -18.37 -26.07 -14.28
CA GLY F 54 -19.80 -25.82 -14.39
C GLY F 54 -20.44 -26.25 -15.69
N TYR F 55 -21.47 -25.50 -16.10
CA TYR F 55 -22.16 -25.79 -17.35
C TYR F 55 -21.33 -25.23 -18.49
N LYS F 56 -21.40 -25.88 -19.64
CA LYS F 56 -20.69 -25.44 -20.83
C LYS F 56 -21.76 -24.82 -21.73
N MET F 57 -21.52 -23.58 -22.17
CA MET F 57 -22.50 -22.86 -22.98
C MET F 57 -21.82 -22.08 -24.11
N CYS F 58 -22.61 -21.61 -25.07
CA CYS F 58 -22.10 -20.77 -26.14
C CYS F 58 -23.27 -19.98 -26.70
N LEU F 59 -23.00 -19.11 -27.66
CA LEU F 59 -24.05 -18.30 -28.25
C LEU F 59 -24.15 -18.54 -29.75
N ARG F 60 -25.33 -18.32 -30.31
CA ARG F 60 -25.52 -18.47 -31.74
C ARG F 60 -26.30 -17.24 -32.20
N ILE F 61 -25.82 -16.62 -33.27
CA ILE F 61 -26.46 -15.42 -33.81
C ILE F 61 -26.75 -15.57 -35.31
N TYR F 62 -27.82 -14.93 -35.76
CA TYR F 62 -28.21 -14.93 -37.18
C TYR F 62 -28.14 -13.45 -37.57
N LEU F 63 -27.10 -13.08 -38.30
CA LEU F 63 -26.91 -11.68 -38.67
C LEU F 63 -28.01 -11.05 -39.51
N ASN F 64 -28.91 -11.87 -40.04
CA ASN F 64 -30.04 -11.34 -40.81
C ASN F 64 -31.36 -11.89 -40.30
N GLY F 65 -31.35 -12.31 -39.03
CA GLY F 65 -32.55 -12.81 -38.40
C GLY F 65 -32.92 -14.27 -38.56
N ASP F 66 -33.89 -14.69 -37.76
CA ASP F 66 -34.38 -16.05 -37.75
C ASP F 66 -35.84 -15.98 -37.34
N GLY F 67 -36.67 -16.85 -37.92
CA GLY F 67 -38.08 -16.87 -37.57
C GLY F 67 -38.81 -15.53 -37.66
N THR F 68 -39.49 -15.15 -36.59
CA THR F 68 -40.23 -13.90 -36.57
C THR F 68 -39.36 -12.69 -36.88
N GLY F 69 -38.04 -12.83 -36.71
CA GLY F 69 -37.12 -11.73 -36.96
C GLY F 69 -36.38 -11.82 -38.29
N ARG F 70 -36.73 -12.81 -39.10
CA ARG F 70 -36.08 -13.01 -40.39
C ARG F 70 -36.09 -11.79 -41.30
N GLY F 71 -34.90 -11.33 -41.64
CA GLY F 71 -34.73 -10.18 -42.53
C GLY F 71 -34.98 -8.80 -41.93
N THR F 72 -35.37 -8.73 -40.67
CA THR F 72 -35.64 -7.44 -40.05
C THR F 72 -34.84 -7.24 -38.76
N HIS F 73 -34.48 -8.34 -38.11
CA HIS F 73 -33.72 -8.23 -36.88
C HIS F 73 -32.51 -9.11 -36.83
N LEU F 74 -31.66 -8.78 -35.90
CA LEU F 74 -30.48 -9.58 -35.64
C LEU F 74 -31.11 -10.52 -34.60
N SER F 75 -30.89 -11.82 -34.74
CA SER F 75 -31.47 -12.79 -33.80
C SER F 75 -30.35 -13.42 -32.99
N LEU F 76 -30.43 -13.32 -31.67
CA LEU F 76 -29.39 -13.85 -30.78
C LEU F 76 -29.97 -14.91 -29.84
N PHE F 77 -29.33 -16.07 -29.80
CA PHE F 77 -29.78 -17.16 -28.95
C PHE F 77 -28.71 -17.68 -27.99
N PHE F 78 -29.17 -18.33 -26.92
CA PHE F 78 -28.31 -18.93 -25.91
C PHE F 78 -28.26 -20.43 -26.18
N VAL F 79 -27.10 -21.04 -25.99
CA VAL F 79 -26.94 -22.46 -26.24
C VAL F 79 -26.31 -23.25 -25.09
N VAL F 80 -27.00 -24.29 -24.65
CA VAL F 80 -26.46 -25.17 -23.62
C VAL F 80 -25.73 -26.28 -24.38
N MET F 81 -24.46 -26.47 -24.08
CA MET F 81 -23.67 -27.50 -24.75
C MET F 81 -23.42 -28.69 -23.83
N LYS F 82 -23.08 -29.84 -24.42
CA LYS F 82 -22.79 -31.00 -23.59
C LYS F 82 -21.48 -30.68 -22.88
N GLY F 83 -21.48 -30.81 -21.56
CA GLY F 83 -20.27 -30.51 -20.81
C GLY F 83 -19.52 -31.74 -20.34
N PRO F 84 -18.28 -31.56 -19.88
CA PRO F 84 -17.45 -32.66 -19.39
C PRO F 84 -17.86 -33.13 -18.00
N ASN F 85 -18.69 -32.33 -17.32
CA ASN F 85 -19.12 -32.64 -15.96
C ASN F 85 -20.63 -32.68 -15.74
N ASP F 86 -21.40 -32.71 -16.83
CA ASP F 86 -22.86 -32.69 -16.74
C ASP F 86 -23.53 -33.62 -15.73
N ALA F 87 -22.96 -34.81 -15.51
CA ALA F 87 -23.57 -35.73 -14.55
C ALA F 87 -23.53 -35.16 -13.13
N LEU F 88 -22.58 -34.27 -12.87
CA LEU F 88 -22.45 -33.67 -11.54
C LEU F 88 -23.29 -32.41 -11.40
N LEU F 89 -23.98 -32.03 -12.47
CA LEU F 89 -24.79 -30.81 -12.46
C LEU F 89 -26.26 -31.10 -12.35
N ARG F 90 -27.01 -30.11 -11.84
CA ARG F 90 -28.45 -30.25 -11.70
C ARG F 90 -29.13 -29.85 -13.00
N TRP F 91 -30.13 -30.63 -13.40
CA TRP F 91 -30.87 -30.35 -14.62
C TRP F 91 -32.37 -30.37 -14.33
N PRO F 92 -33.17 -29.64 -15.14
CA PRO F 92 -32.75 -28.83 -16.28
C PRO F 92 -32.04 -27.53 -15.89
N PHE F 93 -31.39 -26.91 -16.86
CA PHE F 93 -30.67 -25.65 -16.67
C PHE F 93 -31.71 -24.58 -16.29
N ASN F 94 -31.53 -23.93 -15.15
CA ASN F 94 -32.50 -22.92 -14.73
C ASN F 94 -31.87 -21.63 -14.22
N GLN F 95 -30.82 -21.20 -14.92
CA GLN F 95 -30.07 -20.00 -14.59
C GLN F 95 -30.49 -18.82 -15.47
N LYS F 96 -30.70 -17.65 -14.86
CA LYS F 96 -31.11 -16.45 -15.59
C LYS F 96 -30.03 -16.09 -16.62
N VAL F 97 -30.45 -15.68 -17.81
CA VAL F 97 -29.51 -15.30 -18.86
C VAL F 97 -29.80 -13.90 -19.35
N THR F 98 -28.75 -13.08 -19.43
CA THR F 98 -28.87 -11.72 -19.92
C THR F 98 -28.00 -11.62 -21.17
N LEU F 99 -28.54 -11.05 -22.24
CA LEU F 99 -27.83 -10.90 -23.52
C LEU F 99 -27.75 -9.43 -23.90
N MET F 100 -26.59 -9.01 -24.42
CA MET F 100 -26.37 -7.63 -24.80
C MET F 100 -25.60 -7.41 -26.11
N LEU F 101 -25.87 -6.27 -26.74
CA LEU F 101 -25.17 -5.81 -27.95
C LEU F 101 -24.63 -4.49 -27.44
N LEU F 102 -23.31 -4.42 -27.26
CA LEU F 102 -22.68 -3.24 -26.69
C LEU F 102 -22.49 -2.00 -27.55
N ASP F 103 -22.94 -0.86 -27.02
CA ASP F 103 -22.79 0.41 -27.71
C ASP F 103 -21.34 0.78 -27.46
N GLN F 104 -20.54 0.85 -28.53
CA GLN F 104 -19.14 1.18 -28.33
C GLN F 104 -18.90 2.57 -27.75
N ASN F 105 -19.92 3.41 -27.75
CA ASN F 105 -19.80 4.74 -27.15
C ASN F 105 -20.33 4.67 -25.71
N ASN F 106 -20.88 3.51 -25.35
CA ASN F 106 -21.41 3.25 -24.02
C ASN F 106 -22.58 4.14 -23.61
N ARG F 107 -23.38 4.57 -24.59
CA ARG F 107 -24.52 5.43 -24.32
C ARG F 107 -25.81 4.64 -24.10
N GLU F 108 -26.11 3.73 -25.03
CA GLU F 108 -27.30 2.92 -24.93
C GLU F 108 -27.06 1.51 -25.48
N HIS F 109 -26.91 0.54 -24.58
CA HIS F 109 -26.69 -0.83 -25.02
C HIS F 109 -28.03 -1.47 -25.35
N VAL F 110 -27.99 -2.47 -26.23
CA VAL F 110 -29.19 -3.22 -26.60
C VAL F 110 -29.19 -4.36 -25.60
N ILE F 111 -30.33 -4.64 -24.99
CA ILE F 111 -30.35 -5.70 -24.00
C ILE F 111 -31.68 -6.43 -23.82
N ASP F 112 -31.59 -7.66 -23.33
CA ASP F 112 -32.77 -8.45 -23.05
C ASP F 112 -32.27 -9.50 -22.05
N ALA F 113 -33.20 -10.11 -21.32
CA ALA F 113 -32.86 -11.13 -20.33
C ALA F 113 -34.07 -12.03 -20.16
N PHE F 114 -33.86 -13.24 -19.65
CA PHE F 114 -34.94 -14.19 -19.48
C PHE F 114 -34.55 -15.32 -18.55
N ARG F 115 -35.56 -16.02 -18.03
CA ARG F 115 -35.31 -17.18 -17.20
C ARG F 115 -35.64 -18.36 -18.11
N PRO F 116 -34.89 -19.46 -17.98
CA PRO F 116 -35.11 -20.64 -18.81
C PRO F 116 -36.50 -21.25 -18.72
N ASP F 117 -36.95 -21.80 -19.85
CA ASP F 117 -38.24 -22.49 -19.95
C ASP F 117 -37.87 -23.91 -19.57
N VAL F 118 -38.08 -24.24 -18.30
CA VAL F 118 -37.76 -25.56 -17.74
C VAL F 118 -38.29 -26.77 -18.50
N THR F 119 -39.37 -26.57 -19.27
CA THR F 119 -39.99 -27.65 -20.00
C THR F 119 -39.42 -27.84 -21.41
N SER F 120 -38.65 -26.86 -21.88
CA SER F 120 -38.09 -26.93 -23.22
C SER F 120 -36.89 -27.86 -23.35
N SER F 121 -36.74 -28.46 -24.53
CA SER F 121 -35.62 -29.37 -24.78
C SER F 121 -34.30 -28.58 -24.81
N SER F 122 -34.39 -27.26 -24.95
CA SER F 122 -33.19 -26.44 -25.00
C SER F 122 -32.42 -26.45 -23.68
N PHE F 123 -33.13 -26.66 -22.58
CA PHE F 123 -32.48 -26.67 -21.27
C PHE F 123 -32.36 -28.01 -20.58
N GLN F 124 -32.61 -29.10 -21.29
CA GLN F 124 -32.46 -30.41 -20.65
C GLN F 124 -31.01 -30.81 -20.81
N ARG F 125 -30.57 -31.83 -20.09
CA ARG F 125 -29.18 -32.28 -20.19
C ARG F 125 -28.91 -32.68 -21.62
N PRO F 126 -27.86 -32.12 -22.20
CA PRO F 126 -27.49 -32.41 -23.59
C PRO F 126 -27.22 -33.89 -23.89
N VAL F 127 -27.72 -34.33 -25.04
CA VAL F 127 -27.51 -35.69 -25.50
C VAL F 127 -26.59 -35.57 -26.70
N ASN F 128 -26.69 -34.40 -27.34
CA ASN F 128 -25.89 -34.03 -28.50
C ASN F 128 -24.83 -33.01 -28.06
N ASP F 129 -23.97 -32.61 -28.99
CA ASP F 129 -22.93 -31.65 -28.66
C ASP F 129 -23.52 -30.30 -28.27
N MET F 130 -24.71 -30.00 -28.81
CA MET F 130 -25.39 -28.75 -28.51
C MET F 130 -26.90 -28.90 -28.57
N ASN F 131 -27.61 -28.35 -27.58
CA ASN F 131 -29.07 -28.40 -27.56
C ASN F 131 -29.61 -27.39 -28.55
N ILE F 132 -30.92 -27.43 -28.80
CA ILE F 132 -31.54 -26.46 -29.70
C ILE F 132 -31.40 -25.11 -29.01
N ALA F 133 -30.91 -24.10 -29.72
CA ALA F 133 -30.74 -22.81 -29.10
C ALA F 133 -32.06 -22.09 -28.88
N SER F 134 -32.11 -21.21 -27.90
CA SER F 134 -33.31 -20.44 -27.65
C SER F 134 -32.91 -19.11 -27.06
N GLY F 135 -33.69 -18.09 -27.40
CA GLY F 135 -33.37 -16.78 -26.92
C GLY F 135 -34.26 -15.73 -27.50
N CYS F 136 -33.66 -14.80 -28.24
CA CYS F 136 -34.37 -13.66 -28.77
C CYS F 136 -34.37 -13.47 -30.29
N PRO F 137 -35.38 -14.01 -30.98
CA PRO F 137 -35.47 -13.87 -32.44
C PRO F 137 -35.59 -12.39 -32.87
N LEU F 138 -36.10 -11.56 -31.96
CA LEU F 138 -36.26 -10.12 -32.22
C LEU F 138 -35.31 -9.27 -31.37
N PHE F 139 -34.11 -9.79 -31.12
CA PHE F 139 -33.14 -9.08 -30.28
C PHE F 139 -32.83 -7.63 -30.66
N CYS F 140 -32.49 -7.39 -31.92
CA CYS F 140 -32.14 -6.04 -32.38
C CYS F 140 -32.53 -5.75 -33.83
N PRO F 141 -33.24 -4.64 -34.07
CA PRO F 141 -33.68 -4.26 -35.42
C PRO F 141 -32.45 -3.93 -36.28
N VAL F 142 -32.35 -4.55 -37.45
CA VAL F 142 -31.22 -4.32 -38.34
C VAL F 142 -30.97 -2.85 -38.63
N SER F 143 -32.06 -2.08 -38.78
CA SER F 143 -31.97 -0.64 -39.03
C SER F 143 -31.21 0.11 -37.95
N LYS F 144 -31.44 -0.24 -36.69
CA LYS F 144 -30.80 0.43 -35.56
C LYS F 144 -29.30 0.40 -35.73
N MET F 145 -28.65 -0.58 -35.11
CA MET F 145 -27.22 -0.66 -35.30
C MET F 145 -27.07 -0.99 -36.78
N GLU F 146 -25.89 -1.46 -37.18
CA GLU F 146 -25.64 -1.81 -38.58
C GLU F 146 -25.54 -0.57 -39.46
N ALA F 147 -26.65 0.14 -39.67
CA ALA F 147 -26.63 1.35 -40.51
C ALA F 147 -25.61 2.35 -39.96
N LYS F 148 -26.11 3.40 -39.32
CA LYS F 148 -25.22 4.38 -38.75
C LYS F 148 -24.96 3.83 -37.35
N ASN F 149 -25.13 4.69 -36.35
CA ASN F 149 -24.95 4.24 -34.96
C ASN F 149 -23.50 3.88 -34.57
N SER F 150 -23.30 3.56 -33.30
CA SER F 150 -21.98 3.24 -32.79
C SER F 150 -21.82 1.81 -32.27
N TYR F 151 -22.70 0.91 -32.69
CA TYR F 151 -22.58 -0.48 -32.27
C TYR F 151 -21.50 -1.16 -33.09
N VAL F 152 -21.40 -0.75 -34.35
CA VAL F 152 -20.39 -1.29 -35.25
C VAL F 152 -19.26 -0.30 -35.35
N ARG F 153 -18.05 -0.74 -35.05
CA ARG F 153 -16.88 0.13 -35.14
C ARG F 153 -15.69 -0.65 -35.71
N ASP F 154 -14.97 -0.03 -36.64
CA ASP F 154 -13.84 -0.69 -37.29
C ASP F 154 -14.34 -2.06 -37.75
N ASP F 155 -15.52 -2.06 -38.36
CA ASP F 155 -16.13 -3.26 -38.90
C ASP F 155 -16.21 -4.47 -37.92
N ALA F 156 -16.68 -4.20 -36.71
CA ALA F 156 -16.82 -5.25 -35.69
C ALA F 156 -17.82 -4.84 -34.59
N ILE F 157 -18.40 -5.83 -33.93
CA ILE F 157 -19.35 -5.57 -32.86
C ILE F 157 -19.01 -6.46 -31.65
N PHE F 158 -19.54 -6.10 -30.49
CA PHE F 158 -19.32 -6.91 -29.30
C PHE F 158 -20.65 -7.36 -28.73
N ILE F 159 -20.76 -8.66 -28.49
CA ILE F 159 -21.95 -9.25 -27.92
C ILE F 159 -21.54 -9.68 -26.52
N LYS F 160 -22.41 -9.42 -25.54
CA LYS F 160 -22.10 -9.81 -24.18
C LYS F 160 -23.20 -10.64 -23.55
N ALA F 161 -22.77 -11.65 -22.80
CA ALA F 161 -23.71 -12.53 -22.12
C ALA F 161 -23.35 -12.62 -20.65
N ILE F 162 -24.38 -12.61 -19.82
CA ILE F 162 -24.20 -12.73 -18.37
C ILE F 162 -25.16 -13.81 -17.87
N VAL F 163 -24.61 -14.89 -17.34
CA VAL F 163 -25.41 -15.97 -16.79
C VAL F 163 -25.37 -15.85 -15.26
N ASP F 164 -26.53 -15.61 -14.67
CA ASP F 164 -26.67 -15.47 -13.23
C ASP F 164 -26.23 -16.73 -12.50
N LEU F 165 -25.41 -16.57 -11.47
CA LEU F 165 -24.90 -17.74 -10.74
C LEU F 165 -25.65 -18.05 -9.44
N THR F 166 -26.82 -17.46 -9.26
CA THR F 166 -27.62 -17.72 -8.07
C THR F 166 -27.98 -19.20 -7.90
N GLY F 167 -27.48 -19.81 -6.83
CA GLY F 167 -27.71 -21.22 -6.59
C GLY F 167 -26.56 -22.11 -7.01
N LEU F 168 -25.51 -21.51 -7.55
CA LEU F 168 -24.36 -22.27 -8.01
C LEU F 168 -23.15 -21.99 -7.11
N ALA G 1 8.40 -32.66 -30.77
CA ALA G 1 7.85 -31.27 -30.96
C ALA G 1 6.39 -31.32 -31.44
N MET G 2 6.15 -32.03 -32.54
CA MET G 2 4.78 -32.14 -33.06
C MET G 2 3.82 -32.60 -31.97
N ALA G 3 4.36 -33.26 -30.93
CA ALA G 3 3.52 -33.77 -29.85
C ALA G 3 3.86 -33.21 -28.47
N ASP G 4 5.05 -32.63 -28.33
CA ASP G 4 5.45 -32.06 -27.05
C ASP G 4 4.49 -30.91 -26.77
N LEU G 5 4.20 -30.15 -27.81
CA LEU G 5 3.32 -28.99 -27.70
C LEU G 5 1.89 -29.35 -27.33
N GLU G 6 1.45 -30.54 -27.71
CA GLU G 6 0.08 -30.96 -27.37
C GLU G 6 0.12 -31.28 -25.88
N GLN G 7 1.11 -32.07 -25.49
CA GLN G 7 1.25 -32.44 -24.09
C GLN G 7 0.94 -31.23 -23.24
N LYS G 8 1.38 -30.07 -23.73
CA LYS G 8 1.18 -28.80 -23.03
C LYS G 8 -0.26 -28.30 -23.10
N VAL G 9 -0.90 -28.45 -24.26
CA VAL G 9 -2.29 -28.01 -24.42
C VAL G 9 -3.22 -28.74 -23.43
N LEU G 10 -3.01 -30.04 -23.22
CA LEU G 10 -3.87 -30.76 -22.28
C LEU G 10 -3.52 -30.33 -20.86
N GLU G 11 -2.23 -30.18 -20.61
CA GLU G 11 -1.75 -29.76 -19.30
C GLU G 11 -2.52 -28.52 -18.87
N MET G 12 -2.40 -27.46 -19.65
CA MET G 12 -3.08 -26.21 -19.33
C MET G 12 -4.59 -26.41 -19.32
N GLU G 13 -5.09 -27.17 -20.27
CA GLU G 13 -6.51 -27.45 -20.39
C GLU G 13 -7.11 -27.96 -19.08
N ALA G 14 -6.41 -28.86 -18.40
CA ALA G 14 -6.93 -29.41 -17.14
C ALA G 14 -6.57 -28.62 -15.86
N SER G 15 -5.69 -27.62 -15.98
CA SER G 15 -5.24 -26.83 -14.84
C SER G 15 -6.25 -25.88 -14.17
N THR G 16 -6.20 -25.82 -12.85
CA THR G 16 -7.07 -24.91 -12.10
C THR G 16 -6.13 -24.11 -11.21
N TYR G 17 -6.54 -22.91 -10.82
CA TYR G 17 -5.68 -22.10 -9.98
C TYR G 17 -6.32 -21.61 -8.69
N ASP G 18 -7.25 -22.39 -8.16
CA ASP G 18 -7.91 -22.04 -6.91
C ASP G 18 -7.98 -23.20 -5.93
N GLY G 19 -7.06 -24.15 -6.05
CA GLY G 19 -7.01 -25.28 -5.15
C GLY G 19 -8.09 -26.34 -5.26
N VAL G 20 -9.04 -26.18 -6.17
CA VAL G 20 -10.12 -27.15 -6.34
C VAL G 20 -9.90 -27.91 -7.65
N PHE G 21 -9.93 -29.24 -7.56
CA PHE G 21 -9.69 -30.07 -8.72
C PHE G 21 -10.66 -31.23 -8.83
N ILE G 22 -11.12 -31.50 -10.05
CA ILE G 22 -12.02 -32.63 -10.29
C ILE G 22 -11.39 -33.51 -11.35
N TRP G 23 -11.14 -34.76 -10.97
CA TRP G 23 -10.48 -35.70 -11.85
C TRP G 23 -11.41 -36.80 -12.36
N LYS G 24 -11.67 -36.77 -13.66
CA LYS G 24 -12.53 -37.77 -14.29
C LYS G 24 -11.69 -38.90 -14.86
N ILE G 25 -11.83 -40.09 -14.28
CA ILE G 25 -11.09 -41.25 -14.73
C ILE G 25 -11.96 -42.19 -15.58
N SER G 26 -11.71 -42.19 -16.89
CA SER G 26 -12.45 -43.04 -17.83
C SER G 26 -11.77 -44.39 -17.99
N ASP G 27 -12.42 -45.31 -18.70
CA ASP G 27 -11.86 -46.64 -18.89
C ASP G 27 -11.58 -47.28 -17.56
N PHE G 28 -12.45 -47.01 -16.59
CA PHE G 28 -12.30 -47.52 -15.25
C PHE G 28 -12.10 -49.03 -15.13
N ALA G 29 -12.92 -49.80 -15.85
CA ALA G 29 -12.83 -51.26 -15.79
C ALA G 29 -11.45 -51.76 -16.17
N ARG G 30 -10.93 -51.21 -17.26
CA ARG G 30 -9.62 -51.55 -17.80
C ARG G 30 -8.46 -51.09 -16.91
N LYS G 31 -8.52 -49.86 -16.42
CA LYS G 31 -7.43 -49.37 -15.57
C LYS G 31 -7.45 -50.12 -14.26
N ARG G 32 -8.65 -50.44 -13.79
CA ARG G 32 -8.83 -51.17 -12.55
C ARG G 32 -8.19 -52.56 -12.71
N GLN G 33 -8.35 -53.15 -13.89
CA GLN G 33 -7.80 -54.47 -14.16
C GLN G 33 -6.28 -54.44 -14.27
N GLU G 34 -5.76 -53.46 -15.01
CA GLU G 34 -4.31 -53.31 -15.18
C GLU G 34 -3.64 -53.20 -13.81
N ALA G 35 -4.39 -52.70 -12.83
CA ALA G 35 -3.87 -52.55 -11.48
C ALA G 35 -3.95 -53.89 -10.75
N VAL G 36 -5.11 -54.54 -10.81
CA VAL G 36 -5.29 -55.83 -10.16
C VAL G 36 -4.24 -56.83 -10.62
N ALA G 37 -3.91 -56.78 -11.91
CA ALA G 37 -2.93 -57.71 -12.48
C ALA G 37 -1.49 -57.30 -12.19
N GLY G 38 -1.32 -56.08 -11.68
CA GLY G 38 0.00 -55.60 -11.36
C GLY G 38 0.82 -55.02 -12.51
N ARG G 39 0.15 -54.66 -13.60
CA ARG G 39 0.84 -54.07 -14.74
C ARG G 39 0.96 -52.57 -14.55
N ILE G 40 -0.08 -51.96 -13.98
CA ILE G 40 -0.11 -50.51 -13.70
C ILE G 40 -0.77 -50.30 -12.33
N PRO G 41 0.02 -50.33 -11.25
CA PRO G 41 -0.44 -50.15 -9.87
C PRO G 41 -1.05 -48.79 -9.52
N ALA G 42 -0.44 -47.72 -10.02
CA ALA G 42 -0.91 -46.38 -9.71
C ALA G 42 -0.96 -45.46 -10.93
N ILE G 43 -1.75 -44.40 -10.82
CA ILE G 43 -1.90 -43.43 -11.91
C ILE G 43 -1.87 -42.01 -11.33
N PHE G 44 -1.13 -41.10 -11.97
CA PHE G 44 -1.09 -39.70 -11.53
C PHE G 44 -2.18 -38.93 -12.25
N SER G 45 -2.60 -37.81 -11.69
CA SER G 45 -3.63 -36.96 -12.29
C SER G 45 -2.93 -35.74 -12.86
N PRO G 46 -3.65 -34.92 -13.64
CA PRO G 46 -3.03 -33.72 -14.21
C PRO G 46 -2.75 -32.80 -13.02
N ALA G 47 -1.91 -31.79 -13.21
CA ALA G 47 -1.55 -30.88 -12.13
C ALA G 47 -2.50 -29.70 -11.93
N PHE G 48 -2.54 -29.18 -10.72
CA PHE G 48 -3.38 -28.02 -10.41
C PHE G 48 -2.66 -27.15 -9.37
N TYR G 49 -3.17 -25.94 -9.14
CA TYR G 49 -2.52 -25.01 -8.23
C TYR G 49 -3.42 -24.34 -7.21
N THR G 50 -2.80 -23.85 -6.12
CA THR G 50 -3.51 -23.14 -5.05
C THR G 50 -3.81 -21.72 -5.55
N SER G 51 -2.91 -21.18 -6.36
CA SER G 51 -3.11 -19.86 -6.94
C SER G 51 -2.31 -19.76 -8.21
N ARG G 52 -2.56 -18.70 -8.99
CA ARG G 52 -1.88 -18.51 -10.26
C ARG G 52 -0.38 -18.74 -10.12
N TYR G 53 0.17 -18.39 -8.96
CA TYR G 53 1.59 -18.58 -8.70
C TYR G 53 1.77 -19.27 -7.35
N GLY G 54 0.90 -20.23 -7.05
CA GLY G 54 0.98 -20.94 -5.79
C GLY G 54 1.67 -22.29 -5.89
N TYR G 55 1.31 -23.20 -4.99
CA TYR G 55 1.90 -24.54 -4.99
C TYR G 55 1.39 -25.34 -6.18
N LYS G 56 2.26 -26.22 -6.72
CA LYS G 56 1.88 -27.09 -7.83
C LYS G 56 1.61 -28.46 -7.22
N MET G 57 0.50 -29.09 -7.57
CA MET G 57 0.14 -30.37 -6.96
C MET G 57 -0.60 -31.30 -7.94
N CYS G 58 -0.67 -32.59 -7.59
CA CYS G 58 -1.44 -33.55 -8.37
C CYS G 58 -1.85 -34.69 -7.45
N LEU G 59 -2.64 -35.62 -7.96
CA LEU G 59 -3.06 -36.76 -7.16
C LEU G 59 -2.50 -38.04 -7.74
N ARG G 60 -2.48 -39.08 -6.91
CA ARG G 60 -2.03 -40.40 -7.34
C ARG G 60 -2.96 -41.42 -6.70
N ILE G 61 -3.53 -42.29 -7.52
CA ILE G 61 -4.47 -43.28 -7.03
C ILE G 61 -4.01 -44.71 -7.39
N TYR G 62 -4.29 -45.66 -6.51
CA TYR G 62 -3.98 -47.07 -6.75
C TYR G 62 -5.35 -47.75 -6.78
N LEU G 63 -5.84 -48.05 -7.97
CA LEU G 63 -7.15 -48.67 -8.13
C LEU G 63 -7.31 -50.02 -7.41
N ASN G 64 -6.19 -50.61 -6.98
CA ASN G 64 -6.29 -51.86 -6.26
C ASN G 64 -5.53 -51.85 -4.96
N GLY G 65 -5.36 -50.66 -4.39
CA GLY G 65 -4.71 -50.51 -3.10
C GLY G 65 -3.20 -50.40 -3.00
N ASP G 66 -2.76 -49.82 -1.89
CA ASP G 66 -1.34 -49.63 -1.57
C ASP G 66 -1.18 -49.81 -0.06
N GLY G 67 -0.03 -50.35 0.35
CA GLY G 67 0.22 -50.57 1.76
C GLY G 67 -0.92 -51.30 2.43
N THR G 68 -1.38 -50.75 3.55
CA THR G 68 -2.49 -51.30 4.31
C THR G 68 -3.77 -51.57 3.50
N GLY G 69 -3.93 -50.90 2.36
CA GLY G 69 -5.14 -51.10 1.56
C GLY G 69 -4.96 -51.93 0.29
N ARG G 70 -3.80 -52.56 0.13
CA ARG G 70 -3.55 -53.37 -1.06
C ARG G 70 -4.56 -54.50 -1.23
N GLY G 71 -5.12 -54.61 -2.42
CA GLY G 71 -6.07 -55.66 -2.72
C GLY G 71 -7.44 -55.57 -2.08
N THR G 72 -7.69 -54.53 -1.27
CA THR G 72 -8.99 -54.38 -0.61
C THR G 72 -9.59 -52.97 -0.78
N HIS G 73 -8.73 -51.97 -0.83
CA HIS G 73 -9.21 -50.60 -0.97
C HIS G 73 -8.65 -49.89 -2.17
N LEU G 74 -9.31 -48.81 -2.51
CA LEU G 74 -8.89 -47.90 -3.54
C LEU G 74 -8.05 -46.94 -2.68
N SER G 75 -6.76 -46.82 -2.97
CA SER G 75 -5.89 -45.94 -2.19
C SER G 75 -5.66 -44.62 -2.95
N LEU G 76 -5.92 -43.48 -2.28
CA LEU G 76 -5.78 -42.18 -2.92
C LEU G 76 -4.80 -41.28 -2.16
N PHE G 77 -3.82 -40.71 -2.88
CA PHE G 77 -2.81 -39.85 -2.26
C PHE G 77 -2.66 -38.47 -2.91
N PHE G 78 -2.15 -37.52 -2.11
CA PHE G 78 -1.91 -36.14 -2.52
C PHE G 78 -0.43 -36.05 -2.86
N VAL G 79 -0.09 -35.17 -3.82
CA VAL G 79 1.30 -35.05 -4.24
C VAL G 79 1.76 -33.60 -4.42
N VAL G 80 2.83 -33.23 -3.72
CA VAL G 80 3.38 -31.89 -3.87
C VAL G 80 4.42 -31.98 -4.98
N MET G 81 4.25 -31.16 -6.01
CA MET G 81 5.16 -31.14 -7.16
C MET G 81 6.09 -29.93 -7.15
N LYS G 82 7.24 -30.06 -7.80
CA LYS G 82 8.15 -28.93 -7.87
C LYS G 82 7.48 -27.85 -8.71
N GLY G 83 7.16 -26.73 -8.08
CA GLY G 83 6.50 -25.65 -8.80
C GLY G 83 7.46 -24.57 -9.28
N PRO G 84 7.10 -23.82 -10.32
CA PRO G 84 7.97 -22.76 -10.83
C PRO G 84 8.21 -21.60 -9.85
N ASN G 85 7.36 -21.48 -8.83
CA ASN G 85 7.50 -20.38 -7.89
C ASN G 85 7.82 -20.81 -6.47
N ASP G 86 8.25 -22.05 -6.31
CA ASP G 86 8.57 -22.60 -4.99
C ASP G 86 9.52 -21.74 -4.15
N ALA G 87 10.42 -21.02 -4.82
CA ALA G 87 11.36 -20.16 -4.10
C ALA G 87 10.65 -19.06 -3.30
N LEU G 88 9.47 -18.68 -3.74
CA LEU G 88 8.71 -17.62 -3.07
C LEU G 88 7.67 -18.12 -2.06
N LEU G 89 7.50 -19.43 -1.96
CA LEU G 89 6.49 -20.00 -1.06
C LEU G 89 6.97 -20.39 0.34
N ARG G 90 6.05 -20.74 1.21
CA ARG G 90 6.40 -21.17 2.56
C ARG G 90 6.51 -22.68 2.59
N TRP G 91 7.56 -23.19 3.23
CA TRP G 91 7.74 -24.62 3.35
C TRP G 91 8.08 -24.92 4.80
N PRO G 92 7.62 -26.08 5.31
CA PRO G 92 6.83 -27.08 4.58
C PRO G 92 5.38 -26.72 4.24
N PHE G 93 4.82 -27.47 3.28
CA PHE G 93 3.44 -27.32 2.83
C PHE G 93 2.55 -27.62 4.03
N ASN G 94 1.65 -26.71 4.38
CA ASN G 94 0.81 -26.91 5.56
C ASN G 94 -0.65 -26.53 5.36
N GLN G 95 -1.24 -26.89 4.23
CA GLN G 95 -2.64 -26.60 3.94
C GLN G 95 -3.46 -27.89 4.09
N LYS G 96 -4.67 -27.75 4.61
CA LYS G 96 -5.53 -28.92 4.79
C LYS G 96 -5.87 -29.46 3.40
N VAL G 97 -5.94 -30.78 3.28
CA VAL G 97 -6.27 -31.42 2.01
C VAL G 97 -7.51 -32.29 2.15
N THR G 98 -8.49 -32.09 1.27
CA THR G 98 -9.72 -32.89 1.29
C THR G 98 -9.82 -33.71 0.00
N LEU G 99 -10.16 -35.00 0.15
CA LEU G 99 -10.28 -35.90 -1.00
C LEU G 99 -11.65 -36.57 -1.06
N MET G 100 -12.27 -36.58 -2.23
CA MET G 100 -13.59 -37.17 -2.36
C MET G 100 -13.79 -38.07 -3.57
N LEU G 101 -14.70 -39.03 -3.41
CA LEU G 101 -15.10 -39.93 -4.49
C LEU G 101 -16.56 -39.51 -4.62
N LEU G 102 -16.88 -38.80 -5.70
CA LEU G 102 -18.22 -38.29 -5.92
C LEU G 102 -19.29 -39.31 -6.31
N ASP G 103 -20.44 -39.24 -5.65
CA ASP G 103 -21.57 -40.12 -5.95
C ASP G 103 -22.30 -39.41 -7.08
N GLN G 104 -22.39 -40.05 -8.25
CA GLN G 104 -23.05 -39.39 -9.37
C GLN G 104 -24.55 -39.16 -9.19
N ASN G 105 -25.15 -39.86 -8.24
CA ASN G 105 -26.56 -39.65 -7.93
C ASN G 105 -26.62 -38.55 -6.88
N ASN G 106 -25.46 -38.22 -6.33
CA ASN G 106 -25.33 -37.20 -5.30
C ASN G 106 -26.11 -37.57 -4.03
N ARG G 107 -25.99 -38.83 -3.63
CA ARG G 107 -26.67 -39.30 -2.43
C ARG G 107 -25.69 -39.32 -1.25
N GLU G 108 -24.61 -40.08 -1.42
CA GLU G 108 -23.57 -40.22 -0.40
C GLU G 108 -22.18 -40.19 -1.02
N HIS G 109 -21.44 -39.13 -0.73
CA HIS G 109 -20.08 -38.98 -1.25
C HIS G 109 -19.09 -39.61 -0.29
N VAL G 110 -17.99 -40.11 -0.82
CA VAL G 110 -16.93 -40.67 0.01
C VAL G 110 -15.97 -39.51 0.23
N ILE G 111 -15.67 -39.22 1.49
CA ILE G 111 -14.77 -38.12 1.78
C ILE G 111 -13.87 -38.33 3.00
N ASP G 112 -12.65 -37.80 2.91
CA ASP G 112 -11.70 -37.89 4.01
C ASP G 112 -10.86 -36.62 3.85
N ALA G 113 -10.15 -36.23 4.90
CA ALA G 113 -9.34 -35.02 4.82
C ALA G 113 -8.23 -35.10 5.84
N PHE G 114 -7.22 -34.24 5.69
CA PHE G 114 -6.13 -34.26 6.64
C PHE G 114 -5.33 -32.96 6.69
N ARG G 115 -4.59 -32.83 7.77
CA ARG G 115 -3.72 -31.69 7.97
C ARG G 115 -2.36 -32.33 7.67
N PRO G 116 -1.52 -31.68 6.86
CA PRO G 116 -0.19 -32.22 6.53
C PRO G 116 0.66 -32.56 7.74
N ASP G 117 1.51 -33.57 7.56
CA ASP G 117 2.44 -34.01 8.61
C ASP G 117 3.71 -33.23 8.24
N VAL G 118 3.88 -32.05 8.82
CA VAL G 118 5.04 -31.21 8.53
C VAL G 118 6.45 -31.78 8.75
N THR G 119 6.57 -32.95 9.36
CA THR G 119 7.91 -33.52 9.55
C THR G 119 8.20 -34.51 8.43
N SER G 120 7.16 -34.85 7.68
CA SER G 120 7.33 -35.80 6.57
C SER G 120 7.98 -35.17 5.34
N SER G 121 8.72 -36.00 4.61
CA SER G 121 9.40 -35.58 3.39
C SER G 121 8.40 -35.20 2.29
N SER G 122 7.19 -35.71 2.39
CA SER G 122 6.14 -35.43 1.41
C SER G 122 5.76 -33.95 1.34
N PHE G 123 6.07 -33.19 2.39
CA PHE G 123 5.69 -31.80 2.39
C PHE G 123 6.81 -30.78 2.44
N GLN G 124 8.03 -31.25 2.20
CA GLN G 124 9.18 -30.35 2.18
C GLN G 124 9.26 -29.77 0.78
N ARG G 125 10.06 -28.72 0.60
CA ARG G 125 10.19 -28.12 -0.72
C ARG G 125 10.76 -29.17 -1.67
N PRO G 126 10.06 -29.46 -2.76
CA PRO G 126 10.49 -30.46 -3.74
C PRO G 126 11.85 -30.22 -4.40
N VAL G 127 12.61 -31.30 -4.51
CA VAL G 127 13.92 -31.29 -5.15
C VAL G 127 13.76 -32.00 -6.50
N ASN G 128 12.85 -32.96 -6.52
CA ASN G 128 12.54 -33.73 -7.72
C ASN G 128 11.26 -33.18 -8.32
N ASP G 129 10.81 -33.78 -9.41
CA ASP G 129 9.58 -33.33 -10.06
C ASP G 129 8.39 -33.44 -9.08
N MET G 130 8.42 -34.48 -8.27
CA MET G 130 7.36 -34.73 -7.28
C MET G 130 7.95 -35.31 -6.00
N ASN G 131 7.30 -35.06 -4.87
CA ASN G 131 7.75 -35.64 -3.61
C ASN G 131 7.00 -36.97 -3.46
N ILE G 132 7.36 -37.74 -2.44
CA ILE G 132 6.66 -38.97 -2.17
C ILE G 132 5.21 -38.61 -1.86
N ALA G 133 4.26 -39.28 -2.51
CA ALA G 133 2.85 -38.97 -2.27
C ALA G 133 2.45 -39.39 -0.85
N SER G 134 1.44 -38.72 -0.30
CA SER G 134 0.97 -39.02 1.05
C SER G 134 -0.55 -38.84 1.08
N GLY G 135 -1.23 -39.67 1.86
CA GLY G 135 -2.67 -39.58 1.93
C GLY G 135 -3.48 -40.68 2.60
N CYS G 136 -4.41 -41.26 1.85
CA CYS G 136 -5.34 -42.25 2.37
C CYS G 136 -5.29 -43.66 1.78
N PRO G 137 -4.48 -44.55 2.38
CA PRO G 137 -4.36 -45.93 1.90
C PRO G 137 -5.69 -46.71 1.98
N LEU G 138 -6.56 -46.32 2.92
CA LEU G 138 -7.85 -46.98 3.07
C LEU G 138 -9.00 -46.06 2.63
N PHE G 139 -8.74 -45.23 1.63
CA PHE G 139 -9.75 -44.28 1.15
C PHE G 139 -11.13 -44.87 0.95
N CYS G 140 -11.23 -45.90 0.10
CA CYS G 140 -12.51 -46.51 -0.20
C CYS G 140 -12.43 -48.03 -0.45
N PRO G 141 -13.29 -48.80 0.24
CA PRO G 141 -13.35 -50.25 0.10
C PRO G 141 -13.76 -50.64 -1.32
N VAL G 142 -13.02 -51.56 -1.93
CA VAL G 142 -13.34 -52.00 -3.30
C VAL G 142 -14.78 -52.49 -3.39
N SER G 143 -15.25 -53.16 -2.36
CA SER G 143 -16.62 -53.67 -2.36
C SER G 143 -17.64 -52.54 -2.48
N LYS G 144 -17.48 -51.51 -1.66
CA LYS G 144 -18.41 -50.40 -1.68
C LYS G 144 -18.72 -49.97 -3.10
N MET G 145 -17.81 -49.26 -3.73
CA MET G 145 -18.07 -48.82 -5.09
C MET G 145 -17.56 -49.92 -6.00
N GLU G 146 -17.23 -49.56 -7.23
CA GLU G 146 -16.73 -50.55 -8.18
C GLU G 146 -17.74 -51.69 -8.44
N ALA G 147 -18.40 -52.16 -7.39
CA ALA G 147 -19.41 -53.22 -7.53
C ALA G 147 -20.75 -52.58 -7.85
N LYS G 148 -21.69 -52.63 -6.91
CA LYS G 148 -22.98 -52.00 -7.15
C LYS G 148 -22.70 -50.54 -6.87
N ASN G 149 -23.77 -49.74 -6.74
CA ASN G 149 -23.62 -48.33 -6.41
C ASN G 149 -23.55 -47.34 -7.58
N SER G 150 -23.39 -46.06 -7.23
CA SER G 150 -23.37 -44.98 -8.23
C SER G 150 -22.12 -44.11 -8.29
N TYR G 151 -20.98 -44.66 -7.88
CA TYR G 151 -19.72 -43.93 -7.94
C TYR G 151 -19.15 -44.14 -9.34
N VAL G 152 -19.54 -45.25 -9.96
CA VAL G 152 -19.10 -45.59 -11.31
C VAL G 152 -20.32 -45.47 -12.22
N ARG G 153 -20.20 -44.64 -13.25
CA ARG G 153 -21.30 -44.44 -14.18
C ARG G 153 -20.71 -44.39 -15.58
N ASP G 154 -21.30 -45.12 -16.51
CA ASP G 154 -20.77 -45.13 -17.86
C ASP G 154 -19.27 -45.40 -17.83
N ASP G 155 -18.89 -46.40 -17.04
CA ASP G 155 -17.51 -46.84 -16.89
C ASP G 155 -16.48 -45.73 -16.58
N ALA G 156 -16.86 -44.80 -15.71
CA ALA G 156 -15.98 -43.71 -15.29
C ALA G 156 -16.35 -43.22 -13.88
N ILE G 157 -15.39 -42.57 -13.21
CA ILE G 157 -15.62 -42.06 -11.86
C ILE G 157 -15.04 -40.63 -11.76
N PHE G 158 -15.50 -39.87 -10.77
CA PHE G 158 -14.98 -38.53 -10.57
C PHE G 158 -14.31 -38.43 -9.19
N ILE G 159 -13.06 -37.96 -9.18
CA ILE G 159 -12.34 -37.75 -7.92
C ILE G 159 -12.25 -36.23 -7.76
N LYS G 160 -12.45 -35.74 -6.54
CA LYS G 160 -12.38 -34.30 -6.28
C LYS G 160 -11.47 -34.00 -5.11
N ALA G 161 -10.61 -33.01 -5.27
CA ALA G 161 -9.68 -32.61 -4.21
C ALA G 161 -9.88 -31.14 -3.91
N ILE G 162 -9.84 -30.79 -2.63
CA ILE G 162 -9.97 -29.40 -2.22
C ILE G 162 -8.83 -29.07 -1.29
N VAL G 163 -7.96 -28.17 -1.72
CA VAL G 163 -6.83 -27.73 -0.91
C VAL G 163 -7.22 -26.40 -0.27
N ASP G 164 -7.21 -26.38 1.05
CA ASP G 164 -7.59 -25.17 1.76
C ASP G 164 -6.60 -24.04 1.51
N LEU G 165 -7.11 -22.84 1.31
CA LEU G 165 -6.25 -21.70 1.02
C LEU G 165 -6.00 -20.76 2.21
N THR G 166 -6.50 -21.13 3.38
CA THR G 166 -6.30 -20.33 4.59
C THR G 166 -4.83 -19.94 4.75
N GLY G 167 -4.57 -18.64 4.86
CA GLY G 167 -3.21 -18.16 5.01
C GLY G 167 -2.48 -17.90 3.70
N LEU G 168 -3.17 -18.12 2.59
CA LEU G 168 -2.57 -17.91 1.28
C LEU G 168 -3.24 -16.75 0.55
N ALA H 1 2.80 -22.94 -38.63
CA ALA H 1 1.96 -23.70 -37.67
C ALA H 1 2.75 -24.02 -36.41
N MET H 2 3.31 -25.24 -36.34
CA MET H 2 4.10 -25.63 -35.16
C MET H 2 5.30 -24.70 -35.02
N ALA H 3 5.04 -23.40 -35.15
CA ALA H 3 6.07 -22.38 -35.04
C ALA H 3 5.52 -21.28 -34.11
N ASP H 4 4.60 -20.48 -34.66
CA ASP H 4 3.96 -19.40 -33.93
C ASP H 4 2.89 -19.92 -32.97
N LEU H 5 2.45 -21.16 -33.14
CA LEU H 5 1.41 -21.71 -32.27
C LEU H 5 1.99 -21.86 -30.86
N GLU H 6 3.25 -22.26 -30.78
CA GLU H 6 3.91 -22.42 -29.49
C GLU H 6 3.78 -21.16 -28.64
N GLN H 7 4.49 -20.10 -29.03
CA GLN H 7 4.46 -18.84 -28.28
C GLN H 7 3.08 -18.49 -27.77
N LYS H 8 2.07 -18.69 -28.63
CA LYS H 8 0.68 -18.41 -28.27
C LYS H 8 0.32 -19.18 -27.02
N VAL H 9 0.74 -20.44 -26.95
CA VAL H 9 0.46 -21.27 -25.79
C VAL H 9 1.25 -20.80 -24.58
N LEU H 10 2.49 -20.34 -24.81
CA LEU H 10 3.35 -19.86 -23.74
C LEU H 10 2.76 -18.61 -23.10
N GLU H 11 2.30 -17.69 -23.94
CA GLU H 11 1.69 -16.47 -23.43
C GLU H 11 0.48 -16.92 -22.64
N MET H 12 -0.48 -17.56 -23.31
CA MET H 12 -1.68 -18.03 -22.66
C MET H 12 -1.30 -18.59 -21.29
N GLU H 13 -0.23 -19.36 -21.29
CA GLU H 13 0.26 -19.98 -20.07
C GLU H 13 0.78 -19.01 -19.01
N ALA H 14 1.18 -17.81 -19.42
CA ALA H 14 1.70 -16.85 -18.45
C ALA H 14 0.76 -15.70 -18.05
N SER H 15 -0.33 -15.48 -18.78
CA SER H 15 -1.18 -14.35 -18.42
C SER H 15 -2.03 -14.50 -17.16
N THR H 16 -2.36 -13.36 -16.56
CA THR H 16 -3.21 -13.30 -15.37
C THR H 16 -4.28 -12.26 -15.68
N TYR H 17 -5.38 -12.29 -14.94
CA TYR H 17 -6.47 -11.36 -15.20
C TYR H 17 -6.96 -10.57 -13.99
N ASP H 18 -6.07 -10.31 -13.05
CA ASP H 18 -6.47 -9.57 -11.85
C ASP H 18 -5.48 -8.48 -11.44
N GLY H 19 -4.70 -7.98 -12.39
CA GLY H 19 -3.77 -6.91 -12.09
C GLY H 19 -2.50 -7.32 -11.34
N VAL H 20 -2.42 -8.57 -10.92
CA VAL H 20 -1.23 -9.03 -10.22
C VAL H 20 -0.40 -9.95 -11.11
N PHE H 21 0.86 -9.61 -11.26
CA PHE H 21 1.74 -10.36 -12.13
C PHE H 21 3.10 -10.63 -11.49
N ILE H 22 3.56 -11.88 -11.61
CA ILE H 22 4.87 -12.26 -11.09
C ILE H 22 5.69 -12.78 -12.26
N TRP H 23 6.77 -12.06 -12.54
CA TRP H 23 7.68 -12.36 -13.65
C TRP H 23 8.99 -12.97 -13.16
N LYS H 24 9.19 -14.24 -13.49
CA LYS H 24 10.38 -14.95 -13.10
C LYS H 24 11.34 -14.93 -14.27
N ILE H 25 12.47 -14.28 -14.09
CA ILE H 25 13.48 -14.17 -15.13
C ILE H 25 14.56 -15.18 -14.81
N SER H 26 14.64 -16.23 -15.61
CA SER H 26 15.64 -17.27 -15.42
C SER H 26 16.83 -16.99 -16.32
N ASP H 27 17.89 -17.79 -16.20
CA ASP H 27 19.10 -17.63 -17.00
C ASP H 27 19.55 -16.18 -16.83
N PHE H 28 19.32 -15.66 -15.64
CA PHE H 28 19.62 -14.28 -15.26
C PHE H 28 21.05 -13.81 -15.61
N ALA H 29 22.06 -14.52 -15.11
CA ALA H 29 23.44 -14.14 -15.39
C ALA H 29 23.72 -13.87 -16.89
N ARG H 30 23.21 -14.72 -17.76
CA ARG H 30 23.43 -14.57 -19.20
C ARG H 30 22.68 -13.36 -19.77
N LYS H 31 21.41 -13.21 -19.39
CA LYS H 31 20.61 -12.08 -19.86
C LYS H 31 21.17 -10.76 -19.33
N ARG H 32 21.77 -10.82 -18.14
CA ARG H 32 22.34 -9.62 -17.54
C ARG H 32 23.59 -9.27 -18.35
N GLN H 33 24.40 -10.29 -18.63
CA GLN H 33 25.62 -10.08 -19.41
C GLN H 33 25.28 -9.58 -20.82
N GLU H 34 24.20 -10.10 -21.40
CA GLU H 34 23.78 -9.69 -22.73
C GLU H 34 23.41 -8.22 -22.77
N ALA H 35 22.97 -7.69 -21.63
CA ALA H 35 22.61 -6.28 -21.54
C ALA H 35 23.88 -5.46 -21.33
N VAL H 36 24.73 -5.90 -20.42
CA VAL H 36 25.98 -5.19 -20.16
C VAL H 36 26.74 -4.99 -21.47
N ALA H 37 26.81 -6.03 -22.29
CA ALA H 37 27.52 -5.96 -23.55
C ALA H 37 26.82 -5.08 -24.60
N GLY H 38 25.55 -4.78 -24.37
CA GLY H 38 24.79 -3.96 -25.32
C GLY H 38 24.11 -4.79 -26.41
N ARG H 39 24.24 -6.10 -26.31
CA ARG H 39 23.67 -7.01 -27.29
C ARG H 39 22.14 -7.05 -27.08
N ILE H 40 21.69 -7.20 -25.84
CA ILE H 40 20.25 -7.21 -25.56
C ILE H 40 19.99 -6.32 -24.34
N PRO H 41 19.85 -5.00 -24.55
CA PRO H 41 19.60 -4.00 -23.52
C PRO H 41 18.33 -4.17 -22.70
N ALA H 42 17.27 -4.65 -23.34
CA ALA H 42 16.01 -4.79 -22.63
C ALA H 42 15.20 -6.01 -23.03
N ILE H 43 14.35 -6.44 -22.10
CA ILE H 43 13.49 -7.59 -22.29
C ILE H 43 12.03 -7.25 -21.89
N PHE H 44 11.08 -7.82 -22.62
CA PHE H 44 9.65 -7.65 -22.36
C PHE H 44 9.19 -8.88 -21.59
N SER H 45 8.17 -8.71 -20.76
CA SER H 45 7.65 -9.83 -20.00
C SER H 45 6.40 -10.27 -20.75
N PRO H 46 5.77 -11.36 -20.30
CA PRO H 46 4.54 -11.82 -20.95
C PRO H 46 3.45 -10.81 -20.59
N ALA H 47 2.33 -10.84 -21.30
CA ALA H 47 1.24 -9.91 -21.04
C ALA H 47 0.27 -10.38 -19.96
N PHE H 48 -0.31 -9.43 -19.23
CA PHE H 48 -1.31 -9.75 -18.21
C PHE H 48 -2.42 -8.69 -18.29
N TYR H 49 -3.50 -8.86 -17.52
CA TYR H 49 -4.63 -7.93 -17.60
C TYR H 49 -5.23 -7.51 -16.27
N THR H 50 -6.00 -6.43 -16.29
CA THR H 50 -6.64 -5.91 -15.08
C THR H 50 -7.87 -6.76 -14.74
N SER H 51 -8.51 -7.32 -15.77
CA SER H 51 -9.68 -8.16 -15.59
C SER H 51 -9.79 -9.02 -16.83
N ARG H 52 -10.70 -9.99 -16.82
CA ARG H 52 -10.86 -10.89 -17.96
C ARG H 52 -10.95 -10.13 -19.30
N TYR H 53 -11.61 -8.99 -19.32
CA TYR H 53 -11.68 -8.20 -20.55
C TYR H 53 -11.18 -6.80 -20.25
N GLY H 54 -10.15 -6.70 -19.42
CA GLY H 54 -9.61 -5.41 -19.04
C GLY H 54 -8.49 -4.92 -19.94
N TYR H 55 -7.63 -4.06 -19.39
CA TYR H 55 -6.50 -3.52 -20.13
C TYR H 55 -5.43 -4.60 -20.24
N LYS H 56 -4.71 -4.63 -21.35
CA LYS H 56 -3.63 -5.58 -21.53
C LYS H 56 -2.34 -4.80 -21.26
N MET H 57 -1.46 -5.39 -20.46
CA MET H 57 -0.22 -4.73 -20.06
C MET H 57 0.94 -5.73 -19.98
N CYS H 58 2.17 -5.22 -19.94
CA CYS H 58 3.36 -6.05 -19.78
C CYS H 58 4.43 -5.14 -19.21
N LEU H 59 5.58 -5.71 -18.84
CA LEU H 59 6.67 -4.93 -18.27
C LEU H 59 7.90 -5.03 -19.18
N ARG H 60 8.81 -4.07 -19.04
CA ARG H 60 10.04 -4.09 -19.81
C ARG H 60 11.18 -3.69 -18.90
N ILE H 61 12.20 -4.51 -18.86
CA ILE H 61 13.33 -4.29 -17.97
C ILE H 61 14.66 -4.18 -18.71
N TYR H 62 15.51 -3.27 -18.24
CA TYR H 62 16.85 -3.10 -18.83
C TYR H 62 17.78 -3.62 -17.75
N LEU H 63 18.33 -4.81 -17.95
CA LEU H 63 19.20 -5.40 -16.94
C LEU H 63 20.45 -4.61 -16.60
N ASN H 64 20.81 -3.63 -17.43
CA ASN H 64 21.97 -2.85 -17.11
C ASN H 64 21.68 -1.35 -17.20
N GLY H 65 20.41 -1.02 -16.99
CA GLY H 65 19.98 0.38 -16.99
C GLY H 65 19.59 1.07 -18.28
N ASP H 66 18.79 2.11 -18.15
CA ASP H 66 18.32 2.92 -19.27
C ASP H 66 18.36 4.39 -18.86
N GLY H 67 18.71 5.26 -19.80
CA GLY H 67 18.78 6.68 -19.51
C GLY H 67 19.59 6.99 -18.25
N THR H 68 18.99 7.73 -17.34
CA THR H 68 19.64 8.13 -16.08
C THR H 68 20.23 6.99 -15.24
N GLY H 69 19.77 5.76 -15.46
CA GLY H 69 20.30 4.62 -14.71
C GLY H 69 21.21 3.68 -15.48
N ARG H 70 21.49 4.01 -16.73
CA ARG H 70 22.35 3.18 -17.58
C ARG H 70 23.68 2.84 -16.91
N GLY H 71 24.01 1.55 -16.87
CA GLY H 71 25.25 1.13 -16.27
C GLY H 71 25.30 1.14 -14.76
N THR H 72 24.33 1.79 -14.12
CA THR H 72 24.32 1.83 -12.65
C THR H 72 23.11 1.16 -12.01
N HIS H 73 21.97 1.22 -12.69
CA HIS H 73 20.79 0.60 -12.13
C HIS H 73 20.09 -0.38 -13.03
N LEU H 74 19.14 -1.06 -12.43
CA LEU H 74 18.32 -1.99 -13.15
C LEU H 74 17.11 -1.06 -13.38
N SER H 75 16.71 -0.89 -14.64
CA SER H 75 15.59 -0.02 -14.96
C SER H 75 14.36 -0.86 -15.31
N LEU H 76 13.23 -0.54 -14.70
CA LEU H 76 12.01 -1.30 -14.91
C LEU H 76 10.86 -0.38 -15.35
N PHE H 77 10.22 -0.73 -16.45
CA PHE H 77 9.11 0.06 -16.98
C PHE H 77 7.79 -0.73 -17.19
N PHE H 78 6.69 0.00 -17.09
CA PHE H 78 5.35 -0.53 -17.27
C PHE H 78 4.95 -0.23 -18.72
N VAL H 79 4.23 -1.15 -19.34
CA VAL H 79 3.83 -0.96 -20.74
C VAL H 79 2.34 -1.18 -20.98
N VAL H 80 1.67 -0.18 -21.52
CA VAL H 80 0.25 -0.35 -21.83
C VAL H 80 0.27 -0.90 -23.26
N MET H 81 -0.40 -2.03 -23.47
CA MET H 81 -0.44 -2.68 -24.78
C MET H 81 -1.80 -2.54 -25.47
N LYS H 82 -1.86 -2.83 -26.77
CA LYS H 82 -3.13 -2.75 -27.47
C LYS H 82 -3.97 -3.98 -27.08
N GLY H 83 -5.02 -3.75 -26.30
CA GLY H 83 -5.88 -4.85 -25.86
C GLY H 83 -6.98 -5.17 -26.87
N PRO H 84 -7.58 -6.35 -26.81
CA PRO H 84 -8.65 -6.71 -27.73
C PRO H 84 -9.97 -5.98 -27.45
N ASN H 85 -10.07 -5.36 -26.28
CA ASN H 85 -11.30 -4.65 -25.88
C ASN H 85 -11.09 -3.17 -25.65
N ASP H 86 -10.00 -2.62 -26.16
CA ASP H 86 -9.70 -1.21 -25.96
C ASP H 86 -10.87 -0.27 -26.24
N ALA H 87 -11.70 -0.63 -27.22
CA ALA H 87 -12.85 0.22 -27.55
C ALA H 87 -13.84 0.33 -26.40
N LEU H 88 -13.78 -0.62 -25.47
CA LEU H 88 -14.70 -0.63 -24.34
C LEU H 88 -14.13 -0.05 -23.07
N LEU H 89 -12.89 0.41 -23.13
CA LEU H 89 -12.23 0.95 -21.93
C LEU H 89 -12.11 2.46 -21.84
N ARG H 90 -12.00 2.96 -20.61
CA ARG H 90 -11.84 4.40 -20.38
C ARG H 90 -10.37 4.73 -20.63
N TRP H 91 -10.13 5.84 -21.32
CA TRP H 91 -8.78 6.29 -21.60
C TRP H 91 -8.68 7.76 -21.23
N PRO H 92 -7.50 8.21 -20.80
CA PRO H 92 -6.25 7.47 -20.61
C PRO H 92 -6.20 6.50 -19.41
N PHE H 93 -5.21 5.59 -19.44
CA PHE H 93 -4.99 4.61 -18.37
C PHE H 93 -4.66 5.43 -17.11
N ASN H 94 -5.36 5.19 -16.01
CA ASN H 94 -5.11 6.00 -14.80
C ASN H 94 -5.02 5.21 -13.50
N GLN H 95 -4.59 3.95 -13.58
CA GLN H 95 -4.46 3.10 -12.39
C GLN H 95 -3.08 3.18 -11.75
N LYS H 96 -3.03 3.12 -10.42
CA LYS H 96 -1.75 3.15 -9.73
C LYS H 96 -0.99 1.88 -10.13
N VAL H 97 0.34 1.96 -10.16
CA VAL H 97 1.15 0.83 -10.53
C VAL H 97 2.25 0.62 -9.51
N THR H 98 2.34 -0.57 -8.94
CA THR H 98 3.39 -0.87 -7.99
C THR H 98 4.35 -1.89 -8.61
N LEU H 99 5.66 -1.65 -8.52
CA LEU H 99 6.66 -2.55 -9.08
C LEU H 99 7.58 -3.08 -7.97
N MET H 100 7.90 -4.36 -8.04
CA MET H 100 8.73 -4.98 -7.01
C MET H 100 9.78 -5.96 -7.51
N LEU H 101 10.88 -5.99 -6.77
CA LEU H 101 11.99 -6.93 -6.99
C LEU H 101 11.94 -7.68 -5.66
N LEU H 102 11.52 -8.92 -5.70
CA LEU H 102 11.36 -9.73 -4.50
C LEU H 102 12.62 -10.36 -3.89
N ASP H 103 12.78 -10.17 -2.59
CA ASP H 103 13.91 -10.74 -1.88
C ASP H 103 13.53 -12.19 -1.58
N GLN H 104 14.30 -13.14 -2.11
CA GLN H 104 13.97 -14.54 -1.89
C GLN H 104 14.15 -15.03 -0.45
N ASN H 105 14.74 -14.19 0.39
CA ASN H 105 14.87 -14.51 1.80
C ASN H 105 13.81 -13.71 2.53
N ASN H 106 12.89 -13.15 1.76
CA ASN H 106 11.78 -12.37 2.29
C ASN H 106 12.19 -11.48 3.46
N ARG H 107 13.33 -10.79 3.33
CA ARG H 107 13.81 -9.89 4.37
C ARG H 107 13.65 -8.42 3.99
N GLU H 108 13.99 -8.07 2.76
CA GLU H 108 13.87 -6.68 2.30
C GLU H 108 13.56 -6.58 0.81
N HIS H 109 12.30 -6.37 0.49
CA HIS H 109 11.88 -6.26 -0.92
C HIS H 109 12.15 -4.87 -1.46
N VAL H 110 12.44 -4.80 -2.75
CA VAL H 110 12.66 -3.51 -3.42
C VAL H 110 11.31 -3.11 -4.00
N ILE H 111 10.78 -1.97 -3.58
CA ILE H 111 9.49 -1.52 -4.09
C ILE H 111 9.44 -0.05 -4.47
N ASP H 112 8.60 0.24 -5.45
CA ASP H 112 8.42 1.60 -5.90
C ASP H 112 7.03 1.62 -6.56
N ALA H 113 6.49 2.81 -6.77
CA ALA H 113 5.17 2.90 -7.38
C ALA H 113 4.95 4.30 -7.93
N PHE H 114 3.89 4.44 -8.72
CA PHE H 114 3.57 5.73 -9.31
C PHE H 114 2.15 5.76 -9.82
N ARG H 115 1.63 6.96 -9.95
CA ARG H 115 0.31 7.14 -10.51
C ARG H 115 0.64 7.69 -11.89
N PRO H 116 -0.02 7.16 -12.92
CA PRO H 116 0.17 7.56 -14.32
C PRO H 116 0.13 9.04 -14.64
N ASP H 117 1.05 9.44 -15.54
CA ASP H 117 1.14 10.81 -16.04
C ASP H 117 0.14 10.80 -17.19
N VAL H 118 -1.07 11.25 -16.91
CA VAL H 118 -2.17 11.26 -17.87
C VAL H 118 -1.98 12.08 -19.13
N THR H 119 -0.95 12.91 -19.18
CA THR H 119 -0.70 13.72 -20.36
C THR H 119 0.33 13.02 -21.25
N SER H 120 0.81 11.88 -20.79
CA SER H 120 1.82 11.14 -21.52
C SER H 120 1.26 10.19 -22.57
N SER H 121 1.99 10.04 -23.67
CA SER H 121 1.60 9.15 -24.77
C SER H 121 1.68 7.70 -24.30
N SER H 122 2.33 7.47 -23.17
CA SER H 122 2.48 6.13 -22.63
C SER H 122 1.16 5.58 -22.10
N PHE H 123 0.24 6.47 -21.71
CA PHE H 123 -1.03 6.01 -21.17
C PHE H 123 -2.25 6.27 -22.03
N GLN H 124 -2.05 6.80 -23.23
CA GLN H 124 -3.17 7.06 -24.14
C GLN H 124 -3.60 5.72 -24.77
N ARG H 125 -4.75 5.67 -25.44
CA ARG H 125 -5.18 4.41 -26.05
C ARG H 125 -4.17 4.00 -27.11
N PRO H 126 -3.63 2.77 -27.01
CA PRO H 126 -2.64 2.28 -27.97
C PRO H 126 -3.07 2.33 -29.43
N VAL H 127 -2.11 2.65 -30.29
CA VAL H 127 -2.32 2.70 -31.74
C VAL H 127 -1.44 1.57 -32.33
N ASN H 128 -0.30 1.38 -31.68
CA ASN H 128 0.64 0.33 -32.06
C ASN H 128 0.44 -0.81 -31.08
N ASP H 129 1.19 -1.91 -31.21
CA ASP H 129 1.02 -3.04 -30.30
C ASP H 129 1.34 -2.63 -28.85
N MET H 130 2.29 -1.71 -28.68
CA MET H 130 2.65 -1.23 -27.35
C MET H 130 2.90 0.26 -27.38
N ASN H 131 2.65 0.94 -26.26
CA ASN H 131 2.94 2.36 -26.17
C ASN H 131 4.39 2.43 -25.69
N ILE H 132 4.93 3.64 -25.57
CA ILE H 132 6.28 3.81 -25.08
C ILE H 132 6.26 3.44 -23.59
N ALA H 133 7.18 2.57 -23.18
CA ALA H 133 7.23 2.15 -21.78
C ALA H 133 7.51 3.32 -20.84
N SER H 134 6.89 3.30 -19.67
CA SER H 134 7.11 4.37 -18.70
C SER H 134 7.27 3.78 -17.32
N GLY H 135 8.21 4.31 -16.54
CA GLY H 135 8.41 3.75 -15.23
C GLY H 135 9.52 4.31 -14.37
N CYS H 136 10.39 3.40 -13.93
CA CYS H 136 11.48 3.71 -13.01
C CYS H 136 12.89 3.43 -13.51
N PRO H 137 13.56 4.44 -14.07
CA PRO H 137 14.93 4.34 -14.60
C PRO H 137 15.94 3.96 -13.51
N LEU H 138 15.67 4.41 -12.29
CA LEU H 138 16.53 4.14 -11.14
C LEU H 138 15.83 3.21 -10.16
N PHE H 139 15.21 2.16 -10.68
CA PHE H 139 14.48 1.21 -9.85
C PHE H 139 15.31 0.48 -8.79
N CYS H 140 16.50 0.01 -9.16
CA CYS H 140 17.35 -0.74 -8.22
C CYS H 140 18.83 -0.64 -8.61
N PRO H 141 19.71 -0.25 -7.66
CA PRO H 141 21.14 -0.13 -7.91
C PRO H 141 21.76 -1.51 -8.19
N VAL H 142 22.52 -1.59 -9.27
CA VAL H 142 23.15 -2.84 -9.66
C VAL H 142 24.00 -3.47 -8.56
N SER H 143 24.66 -2.64 -7.77
CA SER H 143 25.50 -3.13 -6.70
C SER H 143 24.67 -3.85 -5.64
N LYS H 144 23.49 -3.31 -5.35
CA LYS H 144 22.61 -3.90 -4.34
C LYS H 144 22.41 -5.37 -4.63
N MET H 145 21.44 -5.68 -5.48
CA MET H 145 21.21 -7.08 -5.82
C MET H 145 22.42 -7.46 -6.68
N GLU H 146 22.22 -8.42 -7.58
CA GLU H 146 23.27 -8.87 -8.48
C GLU H 146 24.51 -9.40 -7.75
N ALA H 147 25.22 -8.53 -7.04
CA ALA H 147 26.41 -8.98 -6.30
C ALA H 147 25.93 -9.91 -5.21
N LYS H 148 26.44 -9.74 -4.00
CA LYS H 148 26.01 -10.58 -2.90
C LYS H 148 24.52 -10.29 -2.81
N ASN H 149 23.84 -10.90 -1.82
CA ASN H 149 22.40 -10.70 -1.60
C ASN H 149 21.51 -11.89 -1.99
N SER H 150 20.22 -11.76 -1.67
CA SER H 150 19.27 -12.82 -1.93
C SER H 150 18.19 -12.53 -2.96
N TYR H 151 18.42 -11.54 -3.82
CA TYR H 151 17.43 -11.23 -4.84
C TYR H 151 17.65 -12.21 -5.99
N VAL H 152 18.88 -12.64 -6.16
CA VAL H 152 19.24 -13.59 -7.21
C VAL H 152 19.53 -14.95 -6.58
N ARG H 153 18.69 -15.94 -6.84
CA ARG H 153 18.88 -17.27 -6.29
C ARG H 153 18.72 -18.32 -7.37
N ASP H 154 19.66 -19.26 -7.40
CA ASP H 154 19.66 -20.31 -8.40
C ASP H 154 19.51 -19.68 -9.77
N ASP H 155 20.28 -18.62 -9.99
CA ASP H 155 20.34 -17.89 -11.25
C ASP H 155 19.01 -17.36 -11.80
N ALA H 156 18.14 -16.89 -10.91
CA ALA H 156 16.85 -16.31 -11.30
C ALA H 156 16.38 -15.26 -10.30
N ILE H 157 15.59 -14.30 -10.79
CA ILE H 157 15.03 -13.26 -9.94
C ILE H 157 13.53 -13.22 -10.21
N PHE H 158 12.78 -12.57 -9.32
CA PHE H 158 11.35 -12.45 -9.47
C PHE H 158 10.91 -10.99 -9.41
N ILE H 159 10.25 -10.54 -10.48
CA ILE H 159 9.73 -9.17 -10.55
C ILE H 159 8.23 -9.29 -10.31
N LYS H 160 7.68 -8.38 -9.53
CA LYS H 160 6.25 -8.42 -9.27
C LYS H 160 5.61 -7.07 -9.56
N ALA H 161 4.41 -7.10 -10.13
CA ALA H 161 3.69 -5.89 -10.46
C ALA H 161 2.26 -5.94 -9.96
N ILE H 162 1.81 -4.84 -9.39
CA ILE H 162 0.46 -4.75 -8.87
C ILE H 162 -0.20 -3.50 -9.41
N VAL H 163 -1.25 -3.68 -10.20
CA VAL H 163 -1.99 -2.56 -10.76
C VAL H 163 -3.28 -2.42 -9.95
N ASP H 164 -3.38 -1.31 -9.24
CA ASP H 164 -4.56 -1.04 -8.42
C ASP H 164 -5.82 -1.03 -9.29
N LEU H 165 -6.86 -1.74 -8.85
CA LEU H 165 -8.08 -1.79 -9.64
C LEU H 165 -9.15 -0.81 -9.18
N THR H 166 -8.79 0.14 -8.32
CA THR H 166 -9.78 1.11 -7.84
C THR H 166 -10.51 1.80 -8.99
N GLY H 167 -11.83 1.88 -8.87
CA GLY H 167 -12.63 2.49 -9.92
C GLY H 167 -12.96 1.57 -11.09
N LEU H 168 -12.40 0.36 -11.09
CA LEU H 168 -12.61 -0.61 -12.18
C LEU H 168 -13.62 -1.73 -11.84
C ACE I 1 -18.76 -11.19 43.27
O ACE I 1 -19.02 -10.43 42.33
CH3 ACE I 1 -19.50 -11.07 44.58
N PRO I 2 -17.84 -12.16 43.16
CA PRO I 2 -17.04 -12.41 41.95
C PRO I 2 -17.86 -13.16 40.91
N VAL I 3 -17.43 -13.04 39.66
CA VAL I 3 -18.06 -13.72 38.53
C VAL I 3 -16.96 -14.56 37.86
N GLN I 4 -17.22 -15.85 37.68
CA GLN I 4 -16.23 -16.72 37.05
C GLN I 4 -15.94 -16.30 35.63
N GLU I 5 -14.75 -16.64 35.16
CA GLU I 5 -14.36 -16.29 33.80
C GLU I 5 -15.10 -17.25 32.88
N THR I 6 -15.18 -16.86 31.62
CA THR I 6 -15.84 -17.61 30.56
C THR I 6 -14.83 -18.45 29.76
N NH2 I 7 -13.77 -17.93 29.35
C ACE J 1 -35.99 -11.93 -15.05
O ACE J 1 -34.90 -11.56 -14.58
CH3 ACE J 1 -36.04 -12.92 -16.20
N PRO J 2 -37.15 -11.49 -14.56
CA PRO J 2 -37.32 -10.54 -13.45
C PRO J 2 -37.21 -11.21 -12.10
N VAL J 3 -36.91 -10.41 -11.08
CA VAL J 3 -36.81 -10.88 -9.69
C VAL J 3 -37.88 -10.14 -8.89
N GLN J 4 -38.63 -10.84 -8.05
CA GLN J 4 -39.68 -10.18 -7.25
C GLN J 4 -39.11 -9.29 -6.16
N GLU J 5 -39.83 -8.22 -5.86
CA GLU J 5 -39.42 -7.31 -4.80
C GLU J 5 -39.56 -8.06 -3.49
N THR J 6 -38.78 -7.63 -2.50
CA THR J 6 -38.79 -8.21 -1.17
C THR J 6 -39.70 -7.37 -0.26
N NH2 J 7 -40.87 -7.15 -0.62
C ACE K 1 40.62 -2.09 18.82
O ACE K 1 41.65 -1.74 19.40
CH3 ACE K 1 40.68 -3.14 17.72
N PRO K 2 39.42 -1.59 19.14
CA PRO K 2 39.19 -0.58 20.18
C PRO K 2 39.24 -1.18 21.57
N VAL K 3 39.42 -0.33 22.57
CA VAL K 3 39.46 -0.73 23.98
C VAL K 3 38.48 0.20 24.70
N GLN K 4 37.56 -0.37 25.47
CA GLN K 4 36.56 0.44 26.16
C GLN K 4 37.14 1.40 27.20
N GLU K 5 36.44 2.51 27.40
CA GLU K 5 36.87 3.51 28.37
C GLU K 5 36.65 2.88 29.74
N THR K 6 37.34 3.43 30.73
CA THR K 6 37.23 2.97 32.09
C THR K 6 36.16 3.82 32.78
N NH2 K 7 34.98 3.48 32.62
C ACE L 1 -2.07 12.69 -9.10
O ACE L 1 -2.70 11.81 -8.48
CH3 ACE L 1 -1.67 12.49 -10.55
N PRO L 2 -1.73 13.86 -8.52
CA PRO L 2 -2.07 14.16 -7.14
C PRO L 2 -3.55 14.51 -7.03
N VAL L 3 -4.05 14.50 -5.80
CA VAL L 3 -5.44 14.84 -5.50
C VAL L 3 -5.39 15.82 -4.33
N GLN L 4 -6.04 16.98 -4.49
CA GLN L 4 -6.05 17.98 -3.44
C GLN L 4 -6.67 17.51 -2.15
N GLU L 5 -6.17 18.06 -1.05
CA GLU L 5 -6.70 17.71 0.26
C GLU L 5 -8.08 18.37 0.28
N THR L 6 -8.92 17.89 1.18
CA THR L 6 -10.29 18.37 1.35
C THR L 6 -10.36 19.43 2.44
N NH2 L 7 -11.27 20.28 2.36
C ACE M 1 40.67 43.40 -7.91
O ACE M 1 39.98 44.26 -8.46
CH3 ACE M 1 41.69 42.62 -8.73
N PRO M 2 40.57 43.12 -6.61
CA PRO M 2 39.59 43.83 -5.78
C PRO M 2 40.17 45.15 -5.29
N VAL M 3 39.29 46.06 -4.88
CA VAL M 3 39.67 47.36 -4.36
C VAL M 3 39.14 47.40 -2.93
N GLN M 4 39.94 47.88 -1.98
CA GLN M 4 39.45 47.92 -0.61
C GLN M 4 38.38 48.98 -0.43
N GLU M 5 37.53 48.76 0.56
CA GLU M 5 36.48 49.69 0.88
C GLU M 5 37.14 50.90 1.54
N THR M 6 36.55 52.06 1.32
CA THR M 6 37.01 53.33 1.89
C THR M 6 36.57 53.40 3.36
N NH2 M 7 35.51 52.85 3.68
C ACE N 1 -38.42 -16.59 -22.90
O ACE N 1 -38.71 -15.74 -23.75
CH3 ACE N 1 -39.08 -16.59 -21.53
N PRO N 2 -37.56 -17.58 -23.16
CA PRO N 2 -36.85 -17.68 -24.43
C PRO N 2 -37.72 -18.34 -25.50
N VAL N 3 -37.32 -18.14 -26.75
CA VAL N 3 -38.00 -18.70 -27.93
C VAL N 3 -36.94 -19.53 -28.66
N GLN N 4 -37.24 -20.79 -28.96
CA GLN N 4 -36.27 -21.63 -29.65
C GLN N 4 -35.97 -21.11 -31.05
N GLU N 5 -34.74 -21.35 -31.50
CA GLU N 5 -34.32 -20.94 -32.83
C GLU N 5 -35.14 -21.78 -33.82
N THR N 6 -35.27 -21.26 -35.04
CA THR N 6 -36.01 -21.93 -36.10
C THR N 6 -35.03 -22.81 -36.90
N NH2 N 7 -35.48 -23.72 -37.63
C ACE O 1 -2.45 -38.25 8.31
O ACE O 1 -3.11 -39.30 8.30
CH3 ACE O 1 -2.41 -37.37 9.55
N PRO O 2 -1.74 -37.85 7.25
CA PRO O 2 -1.69 -38.62 6.00
C PRO O 2 -0.68 -39.75 6.14
N VAL O 3 -0.81 -40.78 5.32
CA VAL O 3 0.12 -41.90 5.31
C VAL O 3 0.83 -41.84 3.97
N GLN O 4 2.16 -42.01 3.96
CA GLN O 4 2.90 -41.99 2.71
C GLN O 4 2.60 -43.19 1.85
N GLU O 5 2.69 -43.01 0.53
CA GLU O 5 2.46 -44.12 -0.40
C GLU O 5 3.66 -45.04 -0.25
N THR O 6 3.46 -46.31 -0.55
CA THR O 6 4.49 -47.33 -0.47
C THR O 6 5.32 -47.41 -1.77
N NH2 O 7 6.49 -47.83 -1.73
C ACE P 1 6.18 9.24 -12.39
O ACE P 1 7.35 9.22 -11.99
CH3 ACE P 1 5.15 10.11 -11.70
N PRO P 2 5.79 8.51 -13.44
CA PRO P 2 6.65 7.62 -14.22
C PRO P 2 7.49 8.43 -15.19
N VAL P 3 8.61 7.85 -15.61
CA VAL P 3 9.48 8.50 -16.58
C VAL P 3 9.50 7.56 -17.78
N GLN P 4 9.41 8.10 -18.99
CA GLN P 4 9.43 7.28 -20.19
C GLN P 4 10.81 6.69 -20.42
N GLU P 5 10.83 5.51 -21.02
CA GLU P 5 12.07 4.82 -21.33
C GLU P 5 12.75 5.60 -22.44
N THR P 6 14.07 5.48 -22.49
CA THR P 6 14.85 6.15 -23.50
C THR P 6 14.88 5.27 -24.78
N NH2 P 7 15.13 5.81 -25.87
#